data_6H02
#
_entry.id   6H02
#
_cell.length_a   75.650
_cell.length_b   137.180
_cell.length_c   90.110
_cell.angle_alpha   90.000
_cell.angle_beta   110.980
_cell.angle_gamma   90.000
#
_symmetry.space_group_name_H-M   'P 1 21 1'
#
loop_
_entity.id
_entity.type
_entity.pdbx_description
1 polymer 'Mediator of RNA polymerase II transcription subunit 23'
2 polymer 'LAMA nanobody NB106'
#
loop_
_entity_poly.entity_id
_entity_poly.type
_entity_poly.pdbx_seq_one_letter_code
_entity_poly.pdbx_strand_id
1 'polypeptide(L)'
;METQLQSIFEEVVKTEVIEEAFPGMFMDTPEDEKTKLISCLGAFRQFWGGLSQESHEQCIQWIVKFIHGQHSPKRISFLY
DCLAMAVETGLLPPRLVCESLINSDTLEWERTQLWALTFKLVRKIIGGVDYKGVRDLLKVILEKILTIPNTVSSAVVQQL
LAAREVIAYILERNACLLPAYFAVTEIRKLYPEGKLPHWLLGNLVSDFVDTFRPTARINSICGRCSLLPVVNNSGAICNS
WKLDPATLRFPLKGLLPYDKDLFEPQTALLRYVLEQPYSRDMVCNMLGLNKQHKQRCPVLEDQLVDLVVYAMERSETEEK
FDDGGTSQLLWQHLSSQLIFFVLFQFASFPHMVLSLHQKLAGRGLIKGRDHLMWVLLQFISGSIQKNALADFLPVMKLFD
LLYPEKEYIPVPDINKPQSTHAFAMTCIWIHLNRKAQNDNSKLQIPIPHSLRLHHEFLQQSLRNKSLQMNDYKIALLCNA
YSTNSECFTLPMGALVETIYGNGIMRIPLPGTNCMASGSITPLPMNLLDSLTVHAKMSLIHSIATRVIKLAHAKSSVALA
PALVETYSRLLVYMEIESLGIKGFISQLLPTVFKSHAWGILHTLLEMFSYRMHHIQPHYRVQLLSHLHTLAAVAQTNQNQ
LHLCVESTALRLITALGSSEVQPQFTRFLSDPKTVLSAESEELNRALILTLARATHVTDFFTGSDSIQGTWCKDILQTIM
SFTPHNWASHTLSCFPGPLQAFFKQNNVPQESRFNLKKNVEEEYRKWKSMSNENDIITHFSMQGSPPLFLCLLWKMLLET
DHINQIGYRVLERIGARALVAHVRTFADFLVYEFSTSAGGQQLNKCIEILNDMVWKYNIVTLDRLILCLAMRSHEGNEAQ
VCYFIIQLLLLKPNDFRNRVSDFVKENSPEHWLQNDWHTKHMNYHKKYPEKLYFEGLAEQVDPPVQIQSPYLPIYFGNVC
LRFLPVFDIVIHRFLELLPVSKSLETLLDHLGGLYKFHDRPVTYLYNTLHYYEMHLRDRAFLKRKLVHAIIGSLKDNRPQ
GWCLSDTYLKCAMNAREENPWVPDDTYYCRLIGRLVDTMAGKSPGPFPNCDWRFNEFPNPAAHALHVTCVELMALAVSGK
EVGNALLNVVLKSQPLVPRENITAWMNAIGLIITALPEPYWIVLHDRIVSVISSPSLTSETEWVGYPFRLFDFTACHQSY
SEMSCSYTLALAHAVWHHSSIGQLSLIPKFLTEVLLPIVKTEFQLLYVYHLVGPFLQRFQQERTRCMIEIGVAFYDMLLN
VDQCSTHLNYMDPICDFLYHMKYMFTGDSVKEQVEKIICNLKPALKLRLRFITHISKMEPAAVPPQAMNSGSPAPQSNQV
PVSLPVTQDVLFQGPGHHHHHH
;
A
2 'polypeptide(L)'
;QVQLVESGGGLVQAGASLRLSCAVSGRTGSIYTMGWFRQAPGKEREVVARTTWTPGSTKYADSVKGRVAISRDIAKNTLY
LQMNNLKPEDTAVYYCAACAYGTCYYGDRAYEYWGQGTQVTVSSHHHHHHEPEA
;
B
#
# COMPACT_ATOMS: atom_id res chain seq x y z
N MET A 1 66.39 4.86 -17.29
CA MET A 1 66.11 3.54 -16.73
C MET A 1 65.99 2.49 -17.83
N GLU A 2 65.20 2.82 -18.85
CA GLU A 2 64.95 1.87 -19.94
C GLU A 2 66.22 1.56 -20.73
N THR A 3 67.15 2.51 -20.80
CA THR A 3 68.44 2.21 -21.43
C THR A 3 69.29 1.33 -20.53
N GLN A 4 69.22 1.53 -19.22
CA GLN A 4 69.89 0.63 -18.29
C GLN A 4 69.29 -0.77 -18.36
N LEU A 5 67.96 -0.86 -18.42
CA LEU A 5 67.32 -2.16 -18.55
C LEU A 5 67.71 -2.85 -19.85
N GLN A 6 67.91 -2.07 -20.91
CA GLN A 6 68.33 -2.64 -22.18
C GLN A 6 69.69 -3.31 -22.07
N SER A 7 70.65 -2.63 -21.41
CA SER A 7 71.98 -3.20 -21.24
C SER A 7 71.96 -4.41 -20.32
N ILE A 8 71.11 -4.36 -19.28
CA ILE A 8 71.06 -5.45 -18.31
C ILE A 8 70.56 -6.73 -18.97
N PHE A 9 69.40 -6.65 -19.60
CA PHE A 9 68.76 -7.85 -20.16
C PHE A 9 69.36 -8.27 -21.49
N GLU A 10 70.23 -7.46 -22.09
CA GLU A 10 71.03 -7.96 -23.20
C GLU A 10 72.15 -8.87 -22.71
N GLU A 11 72.71 -8.56 -21.54
CA GLU A 11 73.69 -9.46 -20.92
C GLU A 11 73.04 -10.78 -20.51
N VAL A 12 71.79 -10.72 -20.03
CA VAL A 12 71.09 -11.94 -19.66
C VAL A 12 70.91 -12.85 -20.87
N VAL A 13 70.55 -12.28 -22.02
CA VAL A 13 70.42 -13.06 -23.24
C VAL A 13 71.79 -13.49 -23.74
N LYS A 14 72.76 -12.57 -23.74
CA LYS A 14 74.09 -12.88 -24.25
C LYS A 14 74.80 -13.92 -23.39
N THR A 15 74.58 -13.90 -22.08
CA THR A 15 75.19 -14.90 -21.21
C THR A 15 74.57 -16.28 -21.43
N GLU A 16 73.28 -16.34 -21.74
CA GLU A 16 72.63 -17.63 -21.97
C GLU A 16 72.96 -18.20 -23.34
N VAL A 17 73.24 -17.35 -24.32
CA VAL A 17 73.58 -17.83 -25.65
C VAL A 17 74.90 -18.60 -25.62
N ILE A 18 75.88 -18.09 -24.88
CA ILE A 18 77.15 -18.80 -24.76
C ILE A 18 77.04 -19.99 -23.82
N GLU A 19 76.08 -19.99 -22.88
CA GLU A 19 75.85 -21.16 -22.06
C GLU A 19 75.13 -22.26 -22.84
N GLU A 20 74.25 -21.87 -23.77
CA GLU A 20 73.59 -22.86 -24.62
C GLU A 20 74.57 -23.47 -25.61
N ALA A 21 75.56 -22.70 -26.07
CA ALA A 21 76.51 -23.18 -27.06
C ALA A 21 77.66 -23.97 -26.46
N PHE A 22 77.99 -23.75 -25.19
CA PHE A 22 79.09 -24.45 -24.52
C PHE A 22 78.61 -24.91 -23.15
N PRO A 23 77.89 -26.03 -23.09
CA PRO A 23 77.44 -26.57 -21.81
C PRO A 23 78.44 -27.59 -21.26
N GLY A 24 78.19 -28.00 -20.02
CA GLY A 24 79.05 -28.96 -19.36
C GLY A 24 80.43 -28.44 -19.02
N MET A 25 80.60 -27.12 -18.96
CA MET A 25 81.90 -26.51 -18.66
C MET A 25 82.00 -26.08 -17.21
N PHE A 26 81.09 -25.22 -16.76
CA PHE A 26 81.08 -24.77 -15.37
C PHE A 26 79.76 -25.15 -14.71
N MET A 27 79.43 -26.44 -14.73
CA MET A 27 78.20 -26.97 -14.15
C MET A 27 78.49 -28.22 -13.35
N ASP A 28 79.57 -28.20 -12.56
CA ASP A 28 80.02 -29.42 -11.89
C ASP A 28 78.97 -29.95 -10.92
N THR A 29 78.45 -29.07 -10.06
CA THR A 29 77.33 -29.39 -9.18
C THR A 29 76.47 -28.15 -9.02
N PRO A 30 75.73 -27.78 -10.05
CA PRO A 30 74.84 -26.62 -9.95
C PRO A 30 73.55 -27.00 -9.22
N GLU A 31 72.81 -25.97 -8.81
CA GLU A 31 71.55 -26.22 -8.13
C GLU A 31 70.48 -26.62 -9.13
N ASP A 32 69.50 -27.39 -8.65
CA ASP A 32 68.45 -27.95 -9.50
C ASP A 32 67.56 -26.83 -10.01
N GLU A 33 68.06 -26.13 -11.04
CA GLU A 33 67.31 -25.08 -11.74
C GLU A 33 66.84 -23.99 -10.78
N LYS A 34 67.78 -23.47 -9.99
CA LYS A 34 67.44 -22.42 -9.03
C LYS A 34 68.54 -21.37 -8.94
N THR A 35 69.75 -21.78 -8.57
CA THR A 35 70.85 -20.82 -8.47
C THR A 35 71.23 -20.28 -9.85
N LYS A 36 71.14 -21.13 -10.89
CA LYS A 36 71.38 -20.66 -12.25
C LYS A 36 70.47 -19.50 -12.59
N LEU A 37 69.16 -19.68 -12.41
CA LEU A 37 68.20 -18.62 -12.74
C LEU A 37 68.38 -17.40 -11.85
N ILE A 38 68.70 -17.62 -10.57
CA ILE A 38 68.92 -16.50 -9.66
C ILE A 38 70.15 -15.71 -10.07
N SER A 39 71.24 -16.41 -10.39
CA SER A 39 72.47 -15.74 -10.79
C SER A 39 72.31 -15.01 -12.12
N CYS A 40 71.41 -15.49 -12.98
CA CYS A 40 71.17 -14.81 -14.25
C CYS A 40 70.64 -13.40 -14.04
N LEU A 41 69.74 -13.22 -13.08
CA LEU A 41 69.16 -11.93 -12.76
C LEU A 41 69.88 -11.24 -11.61
N GLY A 42 71.15 -11.57 -11.39
CA GLY A 42 71.90 -10.92 -10.33
C GLY A 42 72.12 -9.44 -10.60
N ALA A 43 72.47 -9.10 -11.84
CA ALA A 43 72.62 -7.69 -12.20
C ALA A 43 71.28 -6.95 -12.12
N PHE A 44 70.19 -7.63 -12.45
CA PHE A 44 68.88 -6.99 -12.35
C PHE A 44 68.44 -6.83 -10.91
N ARG A 45 68.89 -7.71 -10.01
CA ARG A 45 68.51 -7.60 -8.61
C ARG A 45 69.09 -6.35 -7.97
N GLN A 46 70.36 -6.04 -8.27
CA GLN A 46 70.95 -4.81 -7.75
C GLN A 46 70.32 -3.58 -8.39
N PHE A 47 69.99 -3.67 -9.68
CA PHE A 47 69.31 -2.55 -10.34
C PHE A 47 67.92 -2.33 -9.75
N TRP A 48 67.20 -3.42 -9.44
CA TRP A 48 65.87 -3.31 -8.85
C TRP A 48 65.91 -2.76 -7.43
N GLY A 49 67.02 -2.92 -6.72
CA GLY A 49 67.10 -2.38 -5.37
C GLY A 49 67.16 -0.87 -5.33
N GLY A 50 67.82 -0.27 -6.32
CA GLY A 50 67.97 1.17 -6.36
C GLY A 50 66.84 1.88 -7.10
N LEU A 51 65.65 1.31 -7.04
CA LEU A 51 64.47 1.88 -7.68
C LEU A 51 63.39 2.13 -6.64
N SER A 52 62.71 3.27 -6.75
CA SER A 52 61.57 3.52 -5.90
C SER A 52 60.38 2.68 -6.36
N GLN A 53 59.37 2.58 -5.48
CA GLN A 53 58.17 1.83 -5.81
C GLN A 53 57.38 2.49 -6.94
N GLU A 54 57.65 3.77 -7.24
CA GLU A 54 56.98 4.43 -8.35
C GLU A 54 57.44 3.88 -9.69
N SER A 55 58.69 3.42 -9.78
CA SER A 55 59.25 2.93 -11.02
C SER A 55 59.03 1.44 -11.25
N HIS A 56 58.47 0.73 -10.28
CA HIS A 56 58.36 -0.72 -10.38
C HIS A 56 57.49 -1.14 -11.57
N GLU A 57 56.31 -0.53 -11.70
CA GLU A 57 55.41 -0.93 -12.79
C GLU A 57 55.99 -0.57 -14.15
N GLN A 58 56.75 0.52 -14.25
CA GLN A 58 57.40 0.86 -15.51
C GLN A 58 58.53 -0.12 -15.84
N CYS A 59 59.22 -0.63 -14.83
CA CYS A 59 60.31 -1.57 -15.08
C CYS A 59 59.78 -2.93 -15.51
N ILE A 60 58.67 -3.38 -14.92
CA ILE A 60 58.12 -4.69 -15.26
C ILE A 60 57.46 -4.65 -16.63
N GLN A 61 56.77 -3.55 -16.95
CA GLN A 61 56.18 -3.41 -18.28
C GLN A 61 57.25 -3.46 -19.36
N TRP A 62 58.41 -2.87 -19.10
CA TRP A 62 59.49 -2.93 -20.09
C TRP A 62 60.02 -4.34 -20.24
N ILE A 63 60.19 -5.06 -19.13
CA ILE A 63 60.71 -6.43 -19.19
C ILE A 63 59.77 -7.32 -19.99
N VAL A 64 58.46 -7.20 -19.75
CA VAL A 64 57.48 -7.99 -20.49
C VAL A 64 57.54 -7.63 -21.97
N LYS A 65 57.68 -6.35 -22.29
CA LYS A 65 57.79 -5.93 -23.68
C LYS A 65 59.07 -6.47 -24.33
N PHE A 66 60.15 -6.61 -23.56
CA PHE A 66 61.38 -7.15 -24.11
C PHE A 66 61.32 -8.66 -24.28
N ILE A 67 60.60 -9.36 -23.39
CA ILE A 67 60.44 -10.80 -23.55
C ILE A 67 59.51 -11.12 -24.71
N HIS A 68 58.39 -10.38 -24.81
CA HIS A 68 57.46 -10.59 -25.90
C HIS A 68 57.99 -10.13 -27.26
N GLY A 69 59.11 -9.40 -27.27
CA GLY A 69 59.73 -9.00 -28.51
C GLY A 69 60.71 -9.99 -29.08
N GLN A 70 61.00 -11.06 -28.34
CA GLN A 70 61.92 -12.09 -28.82
C GLN A 70 61.22 -12.99 -29.84
N HIS A 71 62.02 -13.59 -30.71
CA HIS A 71 61.50 -14.50 -31.72
C HIS A 71 61.65 -15.97 -31.36
N SER A 72 62.66 -16.31 -30.56
CA SER A 72 62.91 -17.70 -30.20
C SER A 72 62.03 -18.12 -29.03
N PRO A 73 61.18 -19.13 -29.18
CA PRO A 73 60.43 -19.64 -28.01
C PRO A 73 61.35 -20.23 -26.95
N LYS A 74 62.49 -20.78 -27.36
CA LYS A 74 63.46 -21.30 -26.39
C LYS A 74 64.03 -20.18 -25.53
N ARG A 75 64.19 -18.98 -26.10
CA ARG A 75 64.69 -17.84 -25.34
C ARG A 75 63.59 -17.17 -24.53
N ILE A 76 62.37 -17.16 -25.04
CA ILE A 76 61.25 -16.63 -24.27
C ILE A 76 61.01 -17.47 -23.02
N SER A 77 61.10 -18.79 -23.16
CA SER A 77 60.92 -19.67 -22.02
C SER A 77 62.01 -19.46 -20.97
N PHE A 78 63.25 -19.24 -21.42
CA PHE A 78 64.34 -18.99 -20.48
C PHE A 78 64.10 -17.69 -19.72
N LEU A 79 63.72 -16.63 -20.43
CA LEU A 79 63.45 -15.35 -19.77
C LEU A 79 62.26 -15.46 -18.83
N TYR A 80 61.24 -16.23 -19.21
CA TYR A 80 60.12 -16.47 -18.31
C TYR A 80 60.56 -17.26 -17.08
N ASP A 81 61.46 -18.22 -17.26
CA ASP A 81 61.97 -18.98 -16.13
C ASP A 81 62.74 -18.08 -15.17
N CYS A 82 63.60 -17.21 -15.70
CA CYS A 82 64.25 -16.22 -14.86
C CYS A 82 63.24 -15.34 -14.16
N LEU A 83 62.17 -14.96 -14.87
CA LEU A 83 61.12 -14.14 -14.27
C LEU A 83 60.37 -14.90 -13.18
N ALA A 84 60.07 -16.18 -13.42
CA ALA A 84 59.35 -16.97 -12.44
C ALA A 84 60.15 -17.10 -11.14
N MET A 85 61.46 -17.30 -11.24
CA MET A 85 62.29 -17.38 -10.05
C MET A 85 62.36 -16.04 -9.33
N ALA A 86 62.28 -14.93 -10.06
CA ALA A 86 62.29 -13.62 -9.43
C ALA A 86 61.02 -13.38 -8.61
N VAL A 87 59.90 -13.98 -9.02
CA VAL A 87 58.68 -13.87 -8.23
C VAL A 87 58.72 -14.83 -7.04
N GLU A 88 59.20 -16.06 -7.26
CA GLU A 88 59.29 -17.03 -6.18
C GLU A 88 60.21 -16.53 -5.06
N THR A 89 61.34 -15.93 -5.42
CA THR A 89 62.29 -15.44 -4.44
C THR A 89 61.87 -14.12 -3.80
N GLY A 90 60.70 -13.59 -4.15
CA GLY A 90 60.21 -12.37 -3.57
C GLY A 90 60.77 -11.10 -4.16
N LEU A 91 61.53 -11.19 -5.25
CA LEU A 91 62.12 -9.99 -5.85
C LEU A 91 61.09 -9.18 -6.62
N LEU A 92 60.19 -9.85 -7.34
CA LEU A 92 59.19 -9.18 -8.15
C LEU A 92 57.79 -9.48 -7.63
N PRO A 93 56.93 -8.49 -7.48
CA PRO A 93 55.55 -8.74 -7.04
C PRO A 93 54.79 -9.56 -8.08
N PRO A 94 54.06 -10.58 -7.65
CA PRO A 94 53.36 -11.42 -8.64
C PRO A 94 52.24 -10.71 -9.37
N ARG A 95 51.54 -9.77 -8.73
CA ARG A 95 50.41 -9.12 -9.38
C ARG A 95 50.86 -8.24 -10.55
N LEU A 96 51.89 -7.41 -10.33
CA LEU A 96 52.39 -6.56 -11.40
C LEU A 96 52.88 -7.38 -12.58
N VAL A 97 53.56 -8.49 -12.31
CA VAL A 97 54.04 -9.35 -13.39
C VAL A 97 52.88 -9.95 -14.15
N CYS A 98 51.89 -10.49 -13.43
CA CYS A 98 50.72 -11.06 -14.09
C CYS A 98 49.93 -10.01 -14.85
N GLU A 99 49.80 -8.81 -14.28
CA GLU A 99 49.09 -7.74 -14.96
C GLU A 99 49.80 -7.33 -16.24
N SER A 100 51.12 -7.23 -16.20
CA SER A 100 51.87 -6.80 -17.38
C SER A 100 51.92 -7.89 -18.45
N LEU A 101 51.93 -9.16 -18.03
CA LEU A 101 51.99 -10.25 -19.01
C LEU A 101 50.67 -10.37 -19.76
N ILE A 102 49.55 -10.12 -19.08
CA ILE A 102 48.24 -10.30 -19.71
C ILE A 102 47.79 -9.04 -20.45
N ASN A 103 48.15 -7.86 -19.96
CA ASN A 103 47.79 -6.61 -20.64
C ASN A 103 48.67 -6.32 -21.85
N SER A 104 49.71 -7.11 -22.10
CA SER A 104 50.62 -6.84 -23.20
C SER A 104 49.91 -6.93 -24.53
N ASP A 105 50.10 -5.91 -25.36
CA ASP A 105 49.50 -5.89 -26.70
C ASP A 105 50.25 -6.78 -27.68
N THR A 106 51.41 -7.31 -27.30
CA THR A 106 52.08 -8.31 -28.11
C THR A 106 51.50 -9.70 -27.89
N LEU A 107 50.87 -9.93 -26.75
CA LEU A 107 50.26 -11.22 -26.43
C LEU A 107 48.99 -11.39 -27.25
N GLU A 108 49.07 -12.22 -28.29
CA GLU A 108 47.92 -12.53 -29.14
C GLU A 108 47.76 -14.05 -29.21
N TRP A 109 46.52 -14.49 -29.42
CA TRP A 109 46.26 -15.91 -29.55
C TRP A 109 46.91 -16.50 -30.80
N GLU A 110 47.19 -15.66 -31.81
CA GLU A 110 47.89 -16.14 -32.99
C GLU A 110 49.35 -16.43 -32.71
N ARG A 111 49.94 -15.73 -31.74
CA ARG A 111 51.26 -16.09 -31.20
C ARG A 111 51.08 -17.34 -30.35
N THR A 112 51.01 -18.49 -31.03
CA THR A 112 50.53 -19.71 -30.38
C THR A 112 51.48 -20.21 -29.30
N GLN A 113 52.77 -19.97 -29.43
CA GLN A 113 53.71 -20.44 -28.42
C GLN A 113 53.90 -19.44 -27.29
N LEU A 114 53.92 -18.14 -27.62
CA LEU A 114 53.97 -17.12 -26.57
C LEU A 114 52.72 -17.18 -25.70
N TRP A 115 51.58 -17.53 -26.30
CA TRP A 115 50.34 -17.68 -25.53
C TRP A 115 50.48 -18.75 -24.46
N ALA A 116 50.93 -19.94 -24.85
CA ALA A 116 51.07 -21.03 -23.90
C ALA A 116 52.12 -20.72 -22.83
N LEU A 117 53.28 -20.21 -23.26
CA LEU A 117 54.33 -19.90 -22.30
C LEU A 117 53.93 -18.81 -21.32
N THR A 118 53.11 -17.85 -21.77
CA THR A 118 52.69 -16.77 -20.89
C THR A 118 51.74 -17.28 -19.80
N PHE A 119 50.72 -18.05 -20.20
CA PHE A 119 49.74 -18.53 -19.23
C PHE A 119 50.27 -19.68 -18.39
N LYS A 120 51.28 -20.41 -18.87
CA LYS A 120 51.97 -21.34 -17.99
C LYS A 120 52.74 -20.61 -16.91
N LEU A 121 53.25 -19.41 -17.23
CA LEU A 121 53.92 -18.60 -16.21
C LEU A 121 52.91 -17.99 -15.24
N VAL A 122 51.77 -17.53 -15.76
CA VAL A 122 50.72 -17.01 -14.89
C VAL A 122 50.25 -18.08 -13.92
N ARG A 123 50.14 -19.33 -14.38
CA ARG A 123 49.68 -20.42 -13.54
C ARG A 123 50.62 -20.65 -12.36
N LYS A 124 51.90 -20.37 -12.52
CA LYS A 124 52.85 -20.63 -11.44
C LYS A 124 52.78 -19.57 -10.34
N ILE A 125 52.65 -18.29 -10.71
CA ILE A 125 52.84 -17.19 -9.76
C ILE A 125 51.54 -16.53 -9.34
N ILE A 126 50.42 -16.78 -10.02
CA ILE A 126 49.18 -16.07 -9.71
C ILE A 126 48.65 -16.43 -8.33
N GLY A 127 49.10 -17.56 -7.77
CA GLY A 127 48.67 -17.96 -6.44
C GLY A 127 49.06 -16.97 -5.35
N GLY A 128 50.13 -16.21 -5.55
CA GLY A 128 50.56 -15.24 -4.57
C GLY A 128 49.92 -13.88 -4.67
N VAL A 129 48.94 -13.70 -5.54
CA VAL A 129 48.24 -12.44 -5.70
C VAL A 129 47.07 -12.40 -4.73
N ASP A 130 46.81 -11.22 -4.17
CA ASP A 130 45.67 -11.06 -3.26
C ASP A 130 44.36 -11.27 -4.01
N TYR A 131 43.30 -11.55 -3.23
CA TYR A 131 42.04 -11.97 -3.82
C TYR A 131 41.43 -10.91 -4.71
N LYS A 132 41.65 -9.63 -4.40
CA LYS A 132 41.14 -8.57 -5.27
C LYS A 132 41.91 -8.53 -6.58
N GLY A 133 43.23 -8.70 -6.53
CA GLY A 133 44.01 -8.76 -7.75
C GLY A 133 43.71 -9.99 -8.58
N VAL A 134 43.40 -11.11 -7.93
CA VAL A 134 43.02 -12.32 -8.66
C VAL A 134 41.70 -12.11 -9.38
N ARG A 135 40.78 -11.35 -8.78
CA ARG A 135 39.53 -11.01 -9.47
C ARG A 135 39.80 -10.11 -10.66
N ASP A 136 40.73 -9.16 -10.51
CA ASP A 136 41.09 -8.29 -11.63
C ASP A 136 41.66 -9.11 -12.79
N LEU A 137 42.61 -10.01 -12.48
CA LEU A 137 43.19 -10.84 -13.52
C LEU A 137 42.18 -11.82 -14.09
N LEU A 138 41.18 -12.23 -13.31
CA LEU A 138 40.15 -13.11 -13.83
C LEU A 138 39.35 -12.44 -14.94
N LYS A 139 39.13 -11.13 -14.84
CA LYS A 139 38.36 -10.44 -15.86
C LYS A 139 39.12 -10.34 -17.16
N VAL A 140 40.39 -9.93 -17.10
CA VAL A 140 41.16 -9.70 -18.33
C VAL A 140 41.51 -11.03 -19.01
N ILE A 141 41.77 -12.08 -18.23
CA ILE A 141 42.07 -13.38 -18.82
C ILE A 141 40.85 -13.90 -19.58
N LEU A 142 39.66 -13.74 -19.00
CA LEU A 142 38.45 -14.13 -19.71
C LEU A 142 38.20 -13.25 -20.92
N GLU A 143 38.69 -12.00 -20.89
CA GLU A 143 38.55 -11.14 -22.05
C GLU A 143 39.50 -11.55 -23.17
N LYS A 144 40.71 -11.97 -22.81
CA LYS A 144 41.65 -12.44 -23.83
C LYS A 144 41.21 -13.77 -24.42
N ILE A 145 40.61 -14.64 -23.61
CA ILE A 145 40.07 -15.89 -24.14
C ILE A 145 38.91 -15.62 -25.09
N LEU A 146 38.18 -14.53 -24.88
CA LEU A 146 37.06 -14.18 -25.75
C LEU A 146 37.52 -13.74 -27.14
N THR A 147 38.79 -13.35 -27.29
CA THR A 147 39.30 -12.90 -28.58
C THR A 147 39.61 -14.04 -29.53
N ILE A 148 39.52 -15.29 -29.08
CA ILE A 148 39.81 -16.45 -29.91
C ILE A 148 38.55 -16.84 -30.68
N PRO A 149 38.62 -17.01 -32.00
CA PRO A 149 37.42 -17.37 -32.77
C PRO A 149 36.95 -18.77 -32.43
N ASN A 150 35.71 -19.07 -32.87
CA ASN A 150 35.10 -20.35 -32.57
C ASN A 150 35.71 -21.49 -33.38
N THR A 151 36.41 -21.20 -34.46
CA THR A 151 37.06 -22.21 -35.28
C THR A 151 38.55 -21.88 -35.37
N VAL A 152 39.40 -22.83 -34.98
CA VAL A 152 40.85 -22.67 -34.99
C VAL A 152 41.48 -23.95 -35.53
N SER A 153 42.81 -23.95 -35.57
CA SER A 153 43.56 -25.13 -35.99
C SER A 153 43.58 -26.16 -34.86
N SER A 154 43.66 -27.44 -35.25
CA SER A 154 43.62 -28.50 -34.26
C SER A 154 44.92 -28.60 -33.48
N ALA A 155 46.03 -28.17 -34.05
CA ALA A 155 47.33 -28.33 -33.41
C ALA A 155 47.60 -27.29 -32.33
N VAL A 156 46.92 -26.13 -32.38
CA VAL A 156 47.18 -25.06 -31.43
C VAL A 156 46.28 -25.12 -30.21
N VAL A 157 45.36 -26.07 -30.15
CA VAL A 157 44.40 -26.11 -29.04
C VAL A 157 45.10 -26.40 -27.73
N GLN A 158 46.01 -27.39 -27.72
CA GLN A 158 46.71 -27.73 -26.48
C GLN A 158 47.53 -26.56 -25.96
N GLN A 159 48.05 -25.72 -26.84
CA GLN A 159 48.77 -24.53 -26.40
C GLN A 159 47.82 -23.42 -25.98
N LEU A 160 46.65 -23.32 -26.63
CA LEU A 160 45.66 -22.34 -26.21
C LEU A 160 45.03 -22.71 -24.87
N LEU A 161 44.98 -24.01 -24.55
CA LEU A 161 44.37 -24.46 -23.31
C LEU A 161 45.17 -24.08 -22.07
N ALA A 162 46.39 -23.56 -22.23
CA ALA A 162 47.16 -23.14 -21.07
C ALA A 162 46.49 -21.99 -20.33
N ALA A 163 45.67 -21.20 -21.02
CA ALA A 163 44.89 -20.17 -20.35
C ALA A 163 43.69 -20.76 -19.61
N ARG A 164 43.17 -21.89 -20.09
CA ARG A 164 42.06 -22.55 -19.40
C ARG A 164 42.50 -23.08 -18.04
N GLU A 165 43.76 -23.51 -17.91
CA GLU A 165 44.24 -24.02 -16.64
C GLU A 165 44.34 -22.91 -15.59
N VAL A 166 44.63 -21.67 -16.02
CA VAL A 166 44.62 -20.55 -15.09
C VAL A 166 43.20 -20.27 -14.63
N ILE A 167 42.23 -20.35 -15.55
CA ILE A 167 40.82 -20.21 -15.16
C ILE A 167 40.42 -21.35 -14.23
N ALA A 168 40.87 -22.58 -14.54
CA ALA A 168 40.58 -23.72 -13.68
C ALA A 168 41.23 -23.56 -12.31
N TYR A 169 42.39 -22.89 -12.25
CA TYR A 169 43.05 -22.67 -10.97
C TYR A 169 42.36 -21.57 -10.16
N ILE A 170 41.94 -20.50 -10.82
CA ILE A 170 41.24 -19.42 -10.13
C ILE A 170 39.89 -19.90 -9.61
N LEU A 171 39.15 -20.65 -10.43
CA LEU A 171 37.85 -21.16 -10.04
C LEU A 171 37.92 -22.34 -9.08
N GLU A 172 39.13 -22.80 -8.73
CA GLU A 172 39.28 -23.92 -7.82
C GLU A 172 38.91 -23.48 -6.40
N ARG A 173 37.84 -24.06 -5.87
CA ARG A 173 37.39 -23.68 -4.53
C ARG A 173 38.39 -24.11 -3.46
N ASN A 174 38.96 -25.31 -3.60
CA ASN A 174 39.95 -25.78 -2.63
C ASN A 174 41.20 -24.92 -2.62
N ALA A 175 41.49 -24.23 -3.73
CA ALA A 175 42.64 -23.32 -3.76
C ALA A 175 42.37 -22.06 -2.96
N CYS A 176 41.13 -21.57 -3.00
CA CYS A 176 40.68 -20.46 -2.16
C CYS A 176 41.53 -19.20 -2.38
N LEU A 177 41.79 -18.90 -3.65
CA LEU A 177 42.49 -17.67 -4.01
C LEU A 177 41.62 -16.43 -3.87
N LEU A 178 40.30 -16.59 -3.94
CA LEU A 178 39.37 -15.49 -3.87
C LEU A 178 38.00 -16.05 -3.51
N PRO A 179 37.10 -15.22 -2.99
CA PRO A 179 35.73 -15.70 -2.77
C PRO A 179 35.12 -16.17 -4.07
N ALA A 180 34.53 -17.36 -4.03
CA ALA A 180 33.90 -17.90 -5.23
C ALA A 180 32.83 -16.95 -5.78
N TYR A 181 32.24 -16.13 -4.91
CA TYR A 181 31.25 -15.15 -5.34
C TYR A 181 31.88 -14.12 -6.28
N PHE A 182 33.11 -13.70 -5.99
CA PHE A 182 33.82 -12.81 -6.90
C PHE A 182 33.97 -13.42 -8.28
N ALA A 183 34.29 -14.72 -8.33
CA ALA A 183 34.56 -15.38 -9.61
C ALA A 183 33.29 -15.49 -10.45
N VAL A 184 32.17 -15.89 -9.85
CA VAL A 184 30.93 -16.00 -10.60
C VAL A 184 30.40 -14.63 -11.00
N THR A 185 30.77 -13.57 -10.26
CA THR A 185 30.34 -12.23 -10.65
C THR A 185 31.02 -11.80 -11.94
N GLU A 186 32.34 -12.01 -12.04
CA GLU A 186 33.06 -11.62 -13.26
C GLU A 186 32.69 -12.51 -14.44
N ILE A 187 32.36 -13.78 -14.19
CA ILE A 187 31.95 -14.66 -15.28
C ILE A 187 30.62 -14.22 -15.86
N ARG A 188 29.67 -13.83 -15.00
CA ARG A 188 28.35 -13.45 -15.48
C ARG A 188 28.37 -12.06 -16.13
N LYS A 189 29.33 -11.21 -15.76
CA LYS A 189 29.44 -9.90 -16.40
C LYS A 189 29.81 -10.05 -17.88
N LEU A 190 30.68 -11.01 -18.19
CA LEU A 190 31.07 -11.26 -19.57
C LEU A 190 30.19 -12.29 -20.26
N TYR A 191 29.61 -13.22 -19.50
CA TYR A 191 28.70 -14.24 -20.03
C TYR A 191 27.35 -14.12 -19.32
N PRO A 192 26.56 -13.08 -19.66
CA PRO A 192 25.27 -12.90 -18.99
C PRO A 192 24.25 -13.96 -19.38
N GLU A 193 23.04 -13.84 -18.87
CA GLU A 193 21.98 -14.81 -19.16
C GLU A 193 21.65 -14.81 -20.66
N GLY A 194 22.04 -15.87 -21.36
CA GLY A 194 21.77 -15.98 -22.77
C GLY A 194 22.99 -16.28 -23.61
N LYS A 195 24.17 -15.98 -23.09
CA LYS A 195 25.42 -16.19 -23.82
C LYS A 195 26.00 -17.56 -23.50
N LEU A 196 26.60 -18.19 -24.51
CA LEU A 196 27.22 -19.49 -24.36
C LEU A 196 28.71 -19.34 -24.07
N PRO A 197 29.24 -20.11 -23.11
CA PRO A 197 30.66 -20.00 -22.78
C PRO A 197 31.55 -20.31 -23.98
N HIS A 198 32.74 -19.71 -23.97
CA HIS A 198 33.70 -19.93 -25.05
C HIS A 198 34.11 -21.40 -25.11
N TRP A 199 34.45 -21.86 -26.31
CA TRP A 199 34.77 -23.26 -26.50
C TRP A 199 36.03 -23.65 -25.73
N LEU A 200 36.95 -22.72 -25.52
CA LEU A 200 38.16 -23.02 -24.77
C LEU A 200 37.86 -23.38 -23.32
N LEU A 201 36.82 -22.76 -22.75
CA LEU A 201 36.42 -23.05 -21.36
C LEU A 201 35.37 -24.15 -21.34
N GLY A 202 34.15 -23.83 -21.78
CA GLY A 202 33.10 -24.81 -21.89
C GLY A 202 32.54 -25.30 -20.57
N ASN A 203 32.69 -26.59 -20.29
CA ASN A 203 32.14 -27.18 -19.07
C ASN A 203 32.76 -26.59 -17.81
N LEU A 204 33.93 -25.97 -17.91
CA LEU A 204 34.60 -25.46 -16.72
C LEU A 204 33.79 -24.34 -16.07
N VAL A 205 33.43 -23.32 -16.84
CA VAL A 205 32.70 -22.19 -16.26
C VAL A 205 31.21 -22.48 -16.16
N SER A 206 30.68 -23.37 -17.00
CA SER A 206 29.26 -23.71 -16.92
C SER A 206 28.94 -24.43 -15.62
N ASP A 207 29.80 -25.36 -15.20
CA ASP A 207 29.58 -26.07 -13.95
C ASP A 207 29.83 -25.18 -12.74
N PHE A 208 30.73 -24.21 -12.87
CA PHE A 208 31.01 -23.30 -11.75
C PHE A 208 29.82 -22.38 -11.49
N VAL A 209 29.13 -21.95 -12.55
CA VAL A 209 27.95 -21.12 -12.37
C VAL A 209 26.84 -21.92 -11.67
N ASP A 210 26.72 -23.20 -11.99
CA ASP A 210 25.68 -24.03 -11.39
C ASP A 210 25.88 -24.26 -9.90
N THR A 211 27.09 -24.01 -9.38
CA THR A 211 27.31 -24.10 -7.94
C THR A 211 26.66 -22.94 -7.19
N PHE A 212 26.35 -21.85 -7.89
CA PHE A 212 25.60 -20.74 -7.33
C PHE A 212 24.11 -20.81 -7.64
N ARG A 213 23.68 -21.85 -8.36
CA ARG A 213 22.25 -22.09 -8.53
C ARG A 213 21.52 -22.24 -7.20
N PRO A 214 22.07 -22.88 -6.17
CA PRO A 214 21.36 -22.86 -4.87
C PRO A 214 21.28 -21.48 -4.25
N THR A 215 22.35 -20.68 -4.34
CA THR A 215 22.33 -19.35 -3.73
C THR A 215 21.29 -18.45 -4.38
N ALA A 216 21.11 -18.57 -5.70
CA ALA A 216 20.08 -17.80 -6.38
C ALA A 216 18.69 -18.18 -5.90
N ARG A 217 18.47 -19.47 -5.63
CA ARG A 217 17.19 -19.91 -5.07
C ARG A 217 16.96 -19.33 -3.68
N ILE A 218 18.01 -19.30 -2.86
CA ILE A 218 17.90 -18.76 -1.51
C ILE A 218 17.53 -17.29 -1.53
N ASN A 219 17.87 -16.58 -2.61
CA ASN A 219 17.59 -15.16 -2.73
C ASN A 219 16.39 -14.85 -3.62
N SER A 220 15.60 -15.85 -3.97
CA SER A 220 14.47 -15.67 -4.88
C SER A 220 13.16 -15.99 -4.17
N ILE A 221 12.13 -15.20 -4.45
CA ILE A 221 10.80 -15.45 -3.92
C ILE A 221 10.13 -16.54 -4.75
N CYS A 222 9.67 -17.60 -4.09
CA CYS A 222 9.05 -18.71 -4.79
C CYS A 222 7.76 -18.26 -5.48
N GLY A 223 7.67 -18.50 -6.77
CA GLY A 223 6.48 -18.15 -7.53
C GLY A 223 6.24 -16.67 -7.68
N ARG A 224 7.30 -15.86 -7.71
CA ARG A 224 7.14 -14.41 -7.71
C ARG A 224 6.44 -13.91 -8.97
N CYS A 225 6.71 -14.54 -10.11
CA CYS A 225 6.16 -14.06 -11.38
C CYS A 225 4.65 -14.20 -11.45
N SER A 226 4.07 -15.11 -10.67
CA SER A 226 2.62 -15.27 -10.63
C SER A 226 1.97 -14.55 -9.45
N LEU A 227 2.76 -13.98 -8.55
CA LEU A 227 2.21 -13.14 -7.49
C LEU A 227 1.71 -11.83 -8.08
N LEU A 228 0.44 -11.52 -7.84
CA LEU A 228 -0.17 -10.31 -8.39
C LEU A 228 -0.71 -9.43 -7.28
N PRO A 229 -0.59 -8.11 -7.41
CA PRO A 229 -1.09 -7.20 -6.38
C PRO A 229 -2.54 -6.80 -6.61
N VAL A 230 -3.12 -6.17 -5.60
CA VAL A 230 -4.42 -5.56 -5.69
C VAL A 230 -4.21 -4.05 -5.84
N VAL A 231 -4.74 -3.48 -6.92
CA VAL A 231 -4.41 -2.11 -7.29
C VAL A 231 -5.06 -1.14 -6.32
N ASN A 232 -4.24 -0.54 -5.45
CA ASN A 232 -4.65 0.58 -4.60
C ASN A 232 -3.74 1.75 -4.93
N ASN A 233 -4.33 2.81 -5.49
CA ASN A 233 -3.59 4.02 -5.85
C ASN A 233 -3.39 4.96 -4.67
N SER A 234 -3.06 4.41 -3.49
CA SER A 234 -3.15 5.16 -2.25
C SER A 234 -1.74 5.47 -1.75
N GLY A 235 -1.22 4.74 -0.77
CA GLY A 235 0.01 5.12 -0.11
C GLY A 235 1.28 4.56 -0.71
N ALA A 236 2.02 5.41 -1.41
CA ALA A 236 3.33 5.07 -1.99
C ALA A 236 3.15 3.86 -2.92
N ILE A 237 4.17 3.01 -2.99
CA ILE A 237 4.12 1.81 -3.81
C ILE A 237 5.18 0.85 -3.29
N CYS A 238 4.88 -0.44 -3.35
CA CYS A 238 5.81 -1.47 -2.89
C CYS A 238 6.87 -1.72 -3.96
N ASN A 239 8.14 -1.73 -3.54
CA ASN A 239 9.24 -1.95 -4.47
C ASN A 239 9.21 -3.34 -5.11
N SER A 240 8.40 -4.26 -4.59
CA SER A 240 8.33 -5.60 -5.16
C SER A 240 7.75 -5.61 -6.57
N TRP A 241 6.97 -4.59 -6.93
CA TRP A 241 6.28 -4.56 -8.22
C TRP A 241 6.97 -3.64 -9.24
N LYS A 242 8.08 -3.00 -8.87
CA LYS A 242 8.77 -2.11 -9.79
C LYS A 242 9.47 -2.91 -10.87
N LEU A 243 9.48 -2.36 -12.08
CA LEU A 243 10.05 -3.02 -13.25
C LEU A 243 11.01 -2.07 -13.96
N ASP A 244 11.93 -2.65 -14.72
CA ASP A 244 12.84 -1.87 -15.55
C ASP A 244 12.06 -1.27 -16.71
N PRO A 245 12.03 0.06 -16.86
CA PRO A 245 11.24 0.67 -17.94
C PRO A 245 11.74 0.34 -19.34
N ALA A 246 12.96 -0.19 -19.48
CA ALA A 246 13.50 -0.54 -20.78
C ALA A 246 13.34 -2.02 -21.11
N THR A 247 13.17 -2.89 -20.11
CA THR A 247 13.11 -4.32 -20.33
C THR A 247 11.94 -5.02 -19.65
N LEU A 248 11.21 -4.35 -18.76
CA LEU A 248 10.11 -4.93 -17.99
C LEU A 248 10.57 -6.08 -17.10
N ARG A 249 11.85 -6.11 -16.75
CA ARG A 249 12.41 -7.17 -15.92
C ARG A 249 12.63 -6.67 -14.49
N PHE A 250 12.57 -7.58 -13.54
CA PHE A 250 12.80 -7.22 -12.15
C PHE A 250 14.25 -6.81 -11.95
N PRO A 251 14.49 -5.73 -11.18
CA PRO A 251 15.88 -5.42 -10.79
C PRO A 251 16.42 -6.44 -9.80
N LEU A 252 17.35 -7.26 -10.25
CA LEU A 252 17.89 -8.34 -9.43
C LEU A 252 19.21 -7.93 -8.80
N LYS A 253 19.46 -8.39 -7.59
CA LYS A 253 20.68 -8.08 -6.86
C LYS A 253 21.75 -9.11 -7.21
N GLY A 254 22.90 -8.62 -7.69
CA GLY A 254 24.01 -9.48 -8.02
C GLY A 254 23.86 -10.17 -9.37
N LEU A 255 24.97 -10.71 -9.85
CA LEU A 255 25.00 -11.46 -11.11
C LEU A 255 25.03 -12.95 -10.80
N LEU A 256 23.88 -13.45 -10.38
CA LEU A 256 23.68 -14.85 -10.02
C LEU A 256 22.83 -15.57 -11.07
N PRO A 257 22.97 -16.90 -11.17
CA PRO A 257 22.12 -17.65 -12.13
C PRO A 257 20.69 -17.84 -11.62
N TYR A 258 19.94 -16.75 -11.62
CA TYR A 258 18.54 -16.81 -11.23
C TYR A 258 17.74 -17.59 -12.27
N ASP A 259 16.55 -18.03 -11.88
CA ASP A 259 15.70 -18.81 -12.76
C ASP A 259 15.37 -18.01 -14.02
N LYS A 260 15.07 -18.75 -15.10
CA LYS A 260 14.89 -18.13 -16.41
C LYS A 260 13.72 -17.15 -16.42
N ASP A 261 12.65 -17.43 -15.67
CA ASP A 261 11.51 -16.54 -15.68
C ASP A 261 11.80 -15.19 -15.05
N LEU A 262 12.81 -15.11 -14.18
CA LEU A 262 13.18 -13.85 -13.57
C LEU A 262 13.96 -12.94 -14.50
N PHE A 263 14.47 -13.47 -15.61
CA PHE A 263 15.14 -12.66 -16.63
C PHE A 263 14.20 -12.24 -17.75
N GLU A 264 12.95 -12.70 -17.74
CA GLU A 264 12.01 -12.40 -18.80
C GLU A 264 11.19 -11.17 -18.47
N PRO A 265 10.70 -10.46 -19.48
CA PRO A 265 9.83 -9.31 -19.22
C PRO A 265 8.53 -9.74 -18.56
N GLN A 266 8.09 -8.96 -17.58
CA GLN A 266 6.89 -9.28 -16.81
C GLN A 266 5.65 -8.68 -17.50
N THR A 267 5.37 -9.22 -18.68
CA THR A 267 4.22 -8.75 -19.45
C THR A 267 2.91 -9.08 -18.75
N ALA A 268 2.78 -10.30 -18.23
CA ALA A 268 1.55 -10.70 -17.55
C ALA A 268 1.29 -9.82 -16.33
N LEU A 269 2.35 -9.41 -15.63
CA LEU A 269 2.18 -8.53 -14.48
C LEU A 269 1.69 -7.14 -14.91
N LEU A 270 2.36 -6.56 -15.91
CA LEU A 270 1.96 -5.23 -16.38
C LEU A 270 0.60 -5.28 -17.07
N ARG A 271 0.31 -6.35 -17.81
CA ARG A 271 -0.98 -6.48 -18.47
C ARG A 271 -2.12 -6.50 -17.45
N TYR A 272 -1.96 -7.28 -16.39
CA TYR A 272 -3.01 -7.39 -15.38
C TYR A 272 -3.31 -6.04 -14.75
N VAL A 273 -2.29 -5.22 -14.55
CA VAL A 273 -2.48 -3.93 -13.89
C VAL A 273 -3.17 -2.95 -14.83
N LEU A 274 -2.68 -2.85 -16.07
CA LEU A 274 -3.28 -1.95 -17.04
C LEU A 274 -4.76 -2.24 -17.25
N GLU A 275 -5.17 -3.50 -17.08
CA GLU A 275 -6.57 -3.86 -17.23
C GLU A 275 -7.44 -3.31 -16.11
N GLN A 276 -6.85 -2.96 -14.96
CA GLN A 276 -7.63 -2.55 -13.81
C GLN A 276 -7.91 -1.05 -13.86
N PRO A 277 -9.13 -0.65 -13.49
CA PRO A 277 -9.44 0.79 -13.41
C PRO A 277 -8.60 1.47 -12.34
N TYR A 278 -8.23 2.72 -12.62
CA TYR A 278 -7.46 3.57 -11.71
C TYR A 278 -6.05 3.05 -11.46
N SER A 279 -5.53 2.24 -12.37
CA SER A 279 -4.15 1.78 -12.30
C SER A 279 -3.16 2.80 -12.86
N ARG A 280 -3.62 3.99 -13.21
CA ARG A 280 -2.78 4.98 -13.87
C ARG A 280 -1.57 5.32 -13.01
N ASP A 281 -1.77 5.57 -11.72
CA ASP A 281 -0.67 5.97 -10.85
C ASP A 281 0.28 4.81 -10.59
N MET A 282 -0.25 3.60 -10.45
CA MET A 282 0.60 2.45 -10.15
C MET A 282 1.44 2.04 -11.35
N VAL A 283 0.92 2.21 -12.57
CA VAL A 283 1.70 1.88 -13.76
C VAL A 283 2.88 2.83 -13.91
N CYS A 284 2.70 4.10 -13.52
CA CYS A 284 3.80 5.05 -13.59
C CYS A 284 4.87 4.74 -12.54
N ASN A 285 4.46 4.38 -11.32
CA ASN A 285 5.43 4.13 -10.26
C ASN A 285 6.27 2.89 -10.55
N MET A 286 5.68 1.87 -11.17
CA MET A 286 6.45 0.68 -11.54
C MET A 286 7.58 1.03 -12.49
N LEU A 287 7.25 1.74 -13.57
CA LEU A 287 8.21 2.05 -14.62
C LEU A 287 8.94 3.37 -14.39
N GLY A 288 8.77 3.98 -13.21
CA GLY A 288 9.43 5.23 -12.92
C GLY A 288 9.03 6.37 -13.85
N LEU A 289 7.79 6.37 -14.31
CA LEU A 289 7.31 7.41 -15.23
C LEU A 289 6.79 8.61 -14.43
N ASN A 290 7.72 9.24 -13.70
CA ASN A 290 7.41 10.42 -12.91
C ASN A 290 7.49 11.70 -13.71
N LYS A 291 7.27 11.62 -15.03
CA LYS A 291 7.10 12.81 -15.86
C LYS A 291 8.38 13.66 -15.91
N GLN A 292 9.39 13.17 -16.63
CA GLN A 292 10.67 13.84 -16.75
C GLN A 292 10.94 14.37 -18.15
N HIS A 293 10.55 13.63 -19.18
CA HIS A 293 10.79 14.00 -20.56
C HIS A 293 9.78 13.24 -21.42
N LYS A 294 9.79 13.49 -22.72
CA LYS A 294 9.01 12.67 -23.63
C LYS A 294 9.51 11.23 -23.54
N GLN A 295 8.88 10.44 -22.67
CA GLN A 295 9.39 9.11 -22.38
C GLN A 295 9.39 8.23 -23.62
N ARG A 296 8.24 8.15 -24.31
CA ARG A 296 8.06 7.24 -25.43
C ARG A 296 8.43 5.81 -25.02
N CYS A 297 7.91 5.38 -23.88
CA CYS A 297 8.22 4.06 -23.33
C CYS A 297 7.66 2.98 -24.25
N PRO A 298 8.52 2.34 -25.06
CA PRO A 298 7.97 1.42 -26.08
C PRO A 298 7.43 0.14 -25.50
N VAL A 299 8.00 -0.35 -24.39
CA VAL A 299 7.51 -1.58 -23.79
C VAL A 299 6.13 -1.36 -23.19
N LEU A 300 5.88 -0.17 -22.65
CA LEU A 300 4.52 0.19 -22.27
C LEU A 300 3.68 0.48 -23.51
N GLU A 301 4.26 1.19 -24.47
CA GLU A 301 3.55 1.50 -25.72
C GLU A 301 3.14 0.22 -26.45
N ASP A 302 4.02 -0.78 -26.48
CA ASP A 302 3.69 -2.04 -27.14
C ASP A 302 2.70 -2.85 -26.32
N GLN A 303 2.71 -2.70 -24.99
CA GLN A 303 1.78 -3.44 -24.16
C GLN A 303 0.37 -2.86 -24.26
N LEU A 304 0.25 -1.54 -24.42
CA LEU A 304 -1.05 -0.95 -24.69
C LEU A 304 -1.61 -1.44 -26.03
N VAL A 305 -0.73 -1.62 -27.01
CA VAL A 305 -1.15 -2.13 -28.31
C VAL A 305 -1.63 -3.58 -28.18
N ASP A 306 -0.90 -4.39 -27.40
CA ASP A 306 -1.34 -5.76 -27.17
C ASP A 306 -2.67 -5.80 -26.43
N LEU A 307 -2.92 -4.83 -25.55
CA LEU A 307 -4.20 -4.77 -24.85
C LEU A 307 -5.33 -4.37 -25.78
N VAL A 308 -5.01 -3.61 -26.84
CA VAL A 308 -6.02 -3.27 -27.84
C VAL A 308 -6.34 -4.48 -28.71
N VAL A 309 -5.30 -5.22 -29.11
CA VAL A 309 -5.52 -6.45 -29.89
C VAL A 309 -6.36 -7.43 -29.09
N TYR A 310 -6.11 -7.53 -27.78
CA TYR A 310 -6.89 -8.44 -26.95
C TYR A 310 -8.35 -8.02 -26.89
N ALA A 311 -8.62 -6.71 -26.88
CA ALA A 311 -9.99 -6.25 -26.94
C ALA A 311 -10.63 -6.55 -28.29
N MET A 312 -9.83 -6.56 -29.37
CA MET A 312 -10.34 -6.96 -30.67
C MET A 312 -10.64 -8.45 -30.74
N GLU A 313 -9.87 -9.26 -30.02
CA GLU A 313 -10.11 -10.70 -30.01
C GLU A 313 -11.40 -11.03 -29.26
N ARG A 314 -11.60 -10.43 -28.09
CA ARG A 314 -12.84 -10.64 -27.35
C ARG A 314 -14.04 -9.98 -28.01
N SER A 315 -13.82 -9.05 -28.95
CA SER A 315 -14.93 -8.47 -29.69
C SER A 315 -15.63 -9.53 -30.53
N GLU A 316 -14.89 -10.49 -31.06
CA GLU A 316 -15.47 -11.64 -31.75
C GLU A 316 -15.96 -12.63 -30.68
N THR A 317 -16.36 -13.82 -31.12
CA THR A 317 -16.88 -14.86 -30.24
C THR A 317 -18.10 -14.38 -29.47
N GLU A 318 -19.26 -14.35 -30.14
CA GLU A 318 -20.57 -14.11 -29.51
C GLU A 318 -20.60 -12.68 -28.96
N GLU A 319 -21.04 -12.48 -27.71
CA GLU A 319 -21.35 -11.20 -27.05
C GLU A 319 -22.77 -10.75 -27.39
N LYS A 320 -23.35 -11.35 -28.43
CA LYS A 320 -24.78 -11.24 -28.73
C LYS A 320 -25.24 -9.82 -29.05
N PHE A 321 -26.56 -9.65 -29.15
CA PHE A 321 -27.12 -8.38 -29.62
C PHE A 321 -27.03 -7.29 -28.57
N ASP A 322 -27.15 -7.64 -27.29
CA ASP A 322 -27.24 -6.67 -26.21
C ASP A 322 -25.94 -6.64 -25.42
N ASP A 323 -25.41 -5.43 -25.21
CA ASP A 323 -24.24 -5.20 -24.36
C ASP A 323 -23.02 -5.99 -24.82
N GLY A 324 -22.03 -6.11 -23.95
CA GLY A 324 -20.81 -6.81 -24.28
C GLY A 324 -20.45 -7.93 -23.32
N GLY A 325 -20.61 -7.68 -22.01
CA GLY A 325 -20.12 -8.60 -21.01
C GLY A 325 -18.63 -8.79 -21.18
N THR A 326 -17.85 -7.93 -20.51
CA THR A 326 -16.47 -7.64 -20.89
C THR A 326 -16.49 -7.03 -22.29
N SER A 327 -15.37 -7.11 -23.02
CA SER A 327 -15.27 -6.51 -24.35
C SER A 327 -15.63 -5.03 -24.32
N GLN A 328 -16.93 -4.72 -24.37
CA GLN A 328 -17.37 -3.33 -24.25
C GLN A 328 -16.94 -2.74 -22.91
N LEU A 329 -16.77 -3.57 -21.89
CA LEU A 329 -16.23 -3.11 -20.62
C LEU A 329 -14.75 -2.80 -20.74
N LEU A 330 -14.02 -3.61 -21.52
CA LEU A 330 -12.60 -3.37 -21.73
C LEU A 330 -12.36 -2.20 -22.68
N TRP A 331 -13.17 -2.08 -23.73
CA TRP A 331 -13.09 -0.91 -24.60
C TRP A 331 -13.37 0.37 -23.82
N GLN A 332 -14.36 0.33 -22.94
CA GLN A 332 -14.63 1.47 -22.06
C GLN A 332 -13.41 1.82 -21.22
N HIS A 333 -12.73 0.80 -20.69
CA HIS A 333 -11.52 1.04 -19.93
C HIS A 333 -10.39 1.53 -20.82
N LEU A 334 -10.24 0.93 -22.01
CA LEU A 334 -9.19 1.36 -22.93
C LEU A 334 -9.39 2.82 -23.33
N SER A 335 -10.63 3.26 -23.44
CA SER A 335 -10.92 4.64 -23.83
C SER A 335 -10.24 5.62 -22.89
N SER A 336 -10.49 5.50 -21.58
CA SER A 336 -9.95 6.43 -20.60
C SER A 336 -8.50 6.10 -20.21
N GLN A 337 -8.07 4.84 -20.36
CA GLN A 337 -6.74 4.46 -19.91
C GLN A 337 -5.65 5.00 -20.85
N LEU A 338 -5.77 4.70 -22.14
CA LEU A 338 -4.72 5.04 -23.10
C LEU A 338 -4.58 6.54 -23.30
N ILE A 339 -5.59 7.33 -22.93
CA ILE A 339 -5.53 8.78 -23.15
C ILE A 339 -4.42 9.40 -22.32
N PHE A 340 -4.28 8.98 -21.06
CA PHE A 340 -3.29 9.59 -20.18
C PHE A 340 -1.87 9.37 -20.71
N PHE A 341 -1.56 8.14 -21.11
CA PHE A 341 -0.18 7.81 -21.49
C PHE A 341 0.23 8.53 -22.77
N VAL A 342 -0.73 8.84 -23.65
CA VAL A 342 -0.38 9.59 -24.85
C VAL A 342 -0.42 11.09 -24.60
N LEU A 343 -1.26 11.54 -23.67
CA LEU A 343 -1.36 12.98 -23.39
C LEU A 343 -0.10 13.48 -22.70
N PHE A 344 0.40 12.75 -21.71
CA PHE A 344 1.61 13.11 -20.99
C PHE A 344 2.86 12.59 -21.68
N GLN A 345 2.72 12.08 -22.90
CA GLN A 345 3.85 11.70 -23.76
C GLN A 345 4.62 10.51 -23.19
N PHE A 346 3.90 9.41 -22.99
CA PHE A 346 4.49 8.10 -22.69
C PHE A 346 4.27 7.11 -23.81
N ALA A 347 3.11 7.13 -24.45
CA ALA A 347 2.85 6.36 -25.65
C ALA A 347 2.67 7.31 -26.84
N SER A 348 3.20 6.91 -27.99
CA SER A 348 3.11 7.74 -29.20
C SER A 348 1.94 7.24 -30.04
N PHE A 349 1.01 8.14 -30.36
CA PHE A 349 -0.15 7.75 -31.15
C PHE A 349 0.21 7.28 -32.55
N PRO A 350 1.05 7.99 -33.33
CA PRO A 350 1.39 7.45 -34.66
C PRO A 350 2.09 6.11 -34.61
N HIS A 351 3.03 5.93 -33.68
CA HIS A 351 3.72 4.65 -33.57
C HIS A 351 2.77 3.55 -33.11
N MET A 352 1.86 3.86 -32.19
CA MET A 352 0.89 2.87 -31.73
C MET A 352 -0.02 2.43 -32.87
N VAL A 353 -0.41 3.37 -33.73
CA VAL A 353 -1.37 3.06 -34.80
C VAL A 353 -0.72 2.14 -35.83
N LEU A 354 0.47 2.50 -36.32
CA LEU A 354 1.12 1.65 -37.31
C LEU A 354 1.58 0.32 -36.70
N SER A 355 1.96 0.33 -35.41
CA SER A 355 2.22 -0.93 -34.74
C SER A 355 0.95 -1.73 -34.54
N LEU A 356 -0.19 -1.03 -34.40
CA LEU A 356 -1.47 -1.72 -34.34
C LEU A 356 -1.86 -2.28 -35.71
N HIS A 357 -1.44 -1.61 -36.78
CA HIS A 357 -1.75 -2.11 -38.12
C HIS A 357 -1.04 -3.42 -38.40
N GLN A 358 0.24 -3.51 -38.04
CA GLN A 358 0.98 -4.75 -38.24
C GLN A 358 0.38 -5.89 -37.43
N LYS A 359 -0.03 -5.62 -36.18
CA LYS A 359 -0.62 -6.66 -35.36
C LYS A 359 -1.99 -7.10 -35.88
N LEU A 360 -2.75 -6.17 -36.46
CA LEU A 360 -4.08 -6.47 -36.97
C LEU A 360 -4.11 -6.86 -38.44
N ALA A 361 -2.99 -6.71 -39.15
CA ALA A 361 -2.94 -7.07 -40.56
C ALA A 361 -2.97 -8.58 -40.71
N GLY A 362 -4.04 -9.10 -41.33
CA GLY A 362 -4.16 -10.52 -41.55
C GLY A 362 -4.34 -11.34 -40.28
N ARG A 363 -5.09 -10.82 -39.32
CA ARG A 363 -5.33 -11.57 -38.08
C ARG A 363 -6.83 -11.80 -37.90
N GLY A 364 -7.45 -12.47 -38.85
CA GLY A 364 -8.84 -12.87 -38.71
C GLY A 364 -9.82 -11.73 -38.89
N LEU A 365 -11.02 -11.94 -38.35
CA LEU A 365 -12.12 -11.00 -38.54
C LEU A 365 -11.93 -9.76 -37.65
N ILE A 366 -12.77 -8.77 -37.91
CA ILE A 366 -12.70 -7.47 -37.23
C ILE A 366 -14.11 -7.02 -36.88
N LYS A 367 -14.58 -7.37 -35.68
CA LYS A 367 -15.90 -7.00 -35.22
C LYS A 367 -15.89 -5.78 -34.30
N GLY A 368 -14.79 -5.52 -33.60
CA GLY A 368 -14.72 -4.37 -32.72
C GLY A 368 -14.00 -3.18 -33.34
N ARG A 369 -14.28 -2.93 -34.62
CA ARG A 369 -13.60 -1.84 -35.32
C ARG A 369 -14.14 -0.48 -34.87
N ASP A 370 -15.46 -0.38 -34.65
CA ASP A 370 -16.04 0.87 -34.21
C ASP A 370 -15.54 1.26 -32.83
N HIS A 371 -15.43 0.28 -31.93
CA HIS A 371 -14.90 0.56 -30.60
C HIS A 371 -13.43 0.95 -30.66
N LEU A 372 -12.68 0.34 -31.58
CA LEU A 372 -11.28 0.73 -31.76
C LEU A 372 -11.17 2.16 -32.25
N MET A 373 -12.00 2.55 -33.22
CA MET A 373 -11.97 3.93 -33.70
C MET A 373 -12.51 4.90 -32.65
N TRP A 374 -13.46 4.45 -31.82
CA TRP A 374 -13.91 5.28 -30.71
C TRP A 374 -12.77 5.57 -29.74
N VAL A 375 -11.97 4.54 -29.43
CA VAL A 375 -10.79 4.75 -28.61
C VAL A 375 -9.83 5.72 -29.29
N LEU A 376 -9.62 5.53 -30.59
CA LEU A 376 -8.70 6.38 -31.33
C LEU A 376 -9.24 7.79 -31.51
N LEU A 377 -10.57 7.93 -31.63
CA LEU A 377 -11.17 9.25 -31.75
C LEU A 377 -10.88 10.10 -30.51
N GLN A 378 -10.76 9.47 -29.34
CA GLN A 378 -10.47 10.22 -28.12
C GLN A 378 -9.11 10.90 -28.20
N PHE A 379 -8.12 10.23 -28.80
CA PHE A 379 -6.81 10.85 -28.99
C PHE A 379 -6.89 12.00 -29.98
N ILE A 380 -7.54 11.76 -31.12
CA ILE A 380 -7.51 12.72 -32.22
C ILE A 380 -8.31 13.97 -31.87
N SER A 381 -9.59 13.78 -31.52
CA SER A 381 -10.46 14.92 -31.27
C SER A 381 -9.95 15.80 -30.14
N GLY A 382 -9.20 15.23 -29.20
CA GLY A 382 -8.74 15.98 -28.05
C GLY A 382 -7.36 16.61 -28.19
N SER A 383 -6.52 16.06 -29.08
CA SER A 383 -5.15 16.51 -29.18
C SER A 383 -4.75 17.04 -30.55
N ILE A 384 -5.58 16.86 -31.58
CA ILE A 384 -5.25 17.39 -32.90
C ILE A 384 -5.29 18.91 -32.95
N GLN A 385 -5.73 19.56 -31.87
CA GLN A 385 -5.78 21.01 -31.82
C GLN A 385 -4.42 21.63 -32.11
N LYS A 386 -3.35 21.05 -31.55
CA LYS A 386 -2.02 21.62 -31.68
C LYS A 386 -0.95 20.63 -32.10
N ASN A 387 -1.17 19.33 -31.97
CA ASN A 387 -0.21 18.36 -32.47
C ASN A 387 -0.14 18.43 -33.99
N ALA A 388 1.03 18.08 -34.53
CA ALA A 388 1.22 18.10 -35.97
C ALA A 388 0.28 17.12 -36.66
N LEU A 389 -0.08 17.45 -37.91
CA LEU A 389 -1.04 16.62 -38.63
C LEU A 389 -0.46 15.26 -39.01
N ALA A 390 0.86 15.19 -39.25
CA ALA A 390 1.48 13.95 -39.68
C ALA A 390 1.45 12.87 -38.61
N ASP A 391 1.05 13.18 -37.38
CA ASP A 391 0.99 12.20 -36.31
C ASP A 391 -0.33 11.42 -36.28
N PHE A 392 -1.35 11.88 -37.01
CA PHE A 392 -2.64 11.21 -37.05
C PHE A 392 -2.95 10.59 -38.40
N LEU A 393 -2.10 10.80 -39.40
CA LEU A 393 -2.32 10.20 -40.71
C LEU A 393 -2.28 8.67 -40.72
N PRO A 394 -1.45 7.97 -39.89
CA PRO A 394 -1.47 6.50 -39.90
C PRO A 394 -2.85 5.88 -39.65
N VAL A 395 -3.79 6.67 -39.13
CA VAL A 395 -5.16 6.18 -38.95
C VAL A 395 -5.78 5.82 -40.29
N MET A 396 -5.36 6.49 -41.37
CA MET A 396 -5.91 6.20 -42.68
C MET A 396 -5.61 4.76 -43.10
N LYS A 397 -4.42 4.26 -42.77
CA LYS A 397 -4.10 2.87 -43.07
C LYS A 397 -4.96 1.91 -42.25
N LEU A 398 -5.31 2.28 -41.02
CA LEU A 398 -6.19 1.44 -40.22
C LEU A 398 -7.60 1.42 -40.80
N PHE A 399 -8.11 2.56 -41.26
CA PHE A 399 -9.45 2.61 -41.83
C PHE A 399 -9.55 1.73 -43.07
N ASP A 400 -8.57 1.83 -43.97
CA ASP A 400 -8.56 0.99 -45.16
C ASP A 400 -8.47 -0.49 -44.83
N LEU A 401 -7.98 -0.83 -43.65
CA LEU A 401 -7.81 -2.22 -43.25
C LEU A 401 -9.07 -2.83 -42.64
N LEU A 402 -9.87 -2.03 -41.93
CA LEU A 402 -10.95 -2.57 -41.10
C LEU A 402 -12.34 -2.42 -41.70
N TYR A 403 -12.50 -1.63 -42.76
CA TYR A 403 -13.86 -1.32 -43.19
C TYR A 403 -14.09 -1.73 -44.64
N PRO A 404 -15.34 -2.05 -45.01
CA PRO A 404 -15.66 -2.35 -46.41
C PRO A 404 -15.76 -1.06 -47.22
N GLU A 405 -15.01 -1.00 -48.31
CA GLU A 405 -14.86 0.23 -49.08
C GLU A 405 -15.96 0.44 -50.11
N LYS A 406 -16.51 -0.63 -50.67
CA LYS A 406 -17.40 -0.52 -51.82
C LYS A 406 -18.70 0.20 -51.50
N GLU A 407 -19.57 -0.42 -50.72
CA GLU A 407 -20.92 0.10 -50.52
C GLU A 407 -20.97 1.06 -49.34
N TYR A 408 -22.01 1.90 -49.34
CA TYR A 408 -22.22 2.85 -48.26
C TYR A 408 -22.47 2.12 -46.94
N ILE A 409 -21.90 2.65 -45.87
CA ILE A 409 -22.20 2.19 -44.51
C ILE A 409 -23.44 2.94 -44.03
N PRO A 410 -24.54 2.25 -43.73
CA PRO A 410 -25.76 2.95 -43.34
C PRO A 410 -25.60 3.71 -42.03
N VAL A 411 -26.53 4.62 -41.80
CA VAL A 411 -26.56 5.38 -40.55
C VAL A 411 -27.18 4.51 -39.47
N PRO A 412 -26.56 4.40 -38.30
CA PRO A 412 -27.08 3.54 -37.24
C PRO A 412 -28.27 4.19 -36.54
N ASP A 413 -28.80 3.48 -35.56
CA ASP A 413 -29.94 3.94 -34.78
C ASP A 413 -29.43 4.92 -33.74
N ILE A 414 -29.70 6.21 -33.95
CA ILE A 414 -29.10 7.27 -33.14
C ILE A 414 -29.79 7.35 -31.79
N ASN A 415 -30.75 6.45 -31.56
CA ASN A 415 -31.40 6.35 -30.25
C ASN A 415 -30.56 5.56 -29.25
N LYS A 416 -29.62 4.75 -29.72
CA LYS A 416 -28.73 3.93 -28.92
C LYS A 416 -27.39 4.63 -28.73
N PRO A 417 -26.77 4.49 -27.55
CA PRO A 417 -25.46 5.14 -27.33
C PRO A 417 -24.35 4.60 -28.21
N GLN A 418 -24.54 3.41 -28.81
CA GLN A 418 -23.52 2.85 -29.68
C GLN A 418 -23.39 3.59 -31.01
N SER A 419 -24.26 4.58 -31.27
CA SER A 419 -24.14 5.36 -32.49
C SER A 419 -22.89 6.23 -32.49
N THR A 420 -22.48 6.71 -31.31
CA THR A 420 -21.25 7.49 -31.22
C THR A 420 -20.02 6.66 -31.53
N HIS A 421 -20.11 5.34 -31.37
CA HIS A 421 -19.00 4.47 -31.76
C HIS A 421 -19.06 4.12 -33.25
N ALA A 422 -20.27 4.05 -33.82
CA ALA A 422 -20.38 3.82 -35.26
C ALA A 422 -19.95 5.05 -36.05
N PHE A 423 -20.40 6.23 -35.62
CA PHE A 423 -19.97 7.49 -36.24
C PHE A 423 -18.54 7.86 -35.90
N ALA A 424 -17.85 7.07 -35.08
CA ALA A 424 -16.52 7.44 -34.63
C ALA A 424 -15.54 7.54 -35.79
N MET A 425 -15.70 6.70 -36.81
CA MET A 425 -14.81 6.76 -37.96
C MET A 425 -15.03 8.05 -38.74
N THR A 426 -16.29 8.39 -39.03
CA THR A 426 -16.58 9.64 -39.73
C THR A 426 -16.13 10.85 -38.92
N CYS A 427 -16.31 10.79 -37.60
CA CYS A 427 -15.84 11.87 -36.73
C CYS A 427 -14.33 12.05 -36.85
N ILE A 428 -13.60 10.94 -36.87
CA ILE A 428 -12.14 11.01 -37.03
C ILE A 428 -11.78 11.71 -38.33
N TRP A 429 -12.51 11.42 -39.41
CA TRP A 429 -12.20 12.03 -40.69
C TRP A 429 -12.58 13.50 -40.73
N ILE A 430 -13.64 13.89 -40.01
CA ILE A 430 -14.01 15.30 -39.96
C ILE A 430 -12.95 16.10 -39.22
N HIS A 431 -12.30 15.50 -38.22
CA HIS A 431 -11.21 16.19 -37.53
C HIS A 431 -9.97 16.26 -38.42
N LEU A 432 -9.71 15.21 -39.20
CA LEU A 432 -8.60 15.23 -40.14
C LEU A 432 -8.87 16.21 -41.28
N ASN A 433 -10.13 16.32 -41.71
CA ASN A 433 -10.47 17.21 -42.81
C ASN A 433 -10.36 18.67 -42.38
N ARG A 434 -10.80 19.00 -41.17
CA ARG A 434 -10.73 20.37 -40.71
C ARG A 434 -9.30 20.78 -40.38
N LYS A 435 -8.48 19.85 -39.92
CA LYS A 435 -7.05 20.13 -39.77
C LYS A 435 -6.37 20.33 -41.12
N ALA A 436 -6.94 19.77 -42.19
CA ALA A 436 -6.43 19.98 -43.53
C ALA A 436 -6.96 21.26 -44.18
N GLN A 437 -8.14 21.75 -43.75
CA GLN A 437 -8.63 23.03 -44.25
C GLN A 437 -7.97 24.19 -43.52
N ASN A 438 -7.91 24.11 -42.19
CA ASN A 438 -7.11 25.06 -41.43
C ASN A 438 -5.64 24.90 -41.82
N ASP A 439 -5.03 25.99 -42.28
CA ASP A 439 -3.73 25.94 -42.93
C ASP A 439 -3.80 24.99 -44.12
N ASN A 440 -4.23 25.50 -45.26
CA ASN A 440 -4.60 24.68 -46.41
C ASN A 440 -3.34 24.15 -47.12
N SER A 441 -3.54 23.63 -48.33
CA SER A 441 -2.48 23.22 -49.25
C SER A 441 -1.71 22.00 -48.76
N LYS A 442 -0.69 21.60 -49.53
CA LYS A 442 0.13 20.42 -49.30
C LYS A 442 -0.67 19.13 -49.45
N LEU A 443 -1.48 18.79 -48.45
CA LEU A 443 -2.20 17.52 -48.44
C LEU A 443 -3.63 17.76 -47.96
N GLN A 444 -4.57 17.80 -48.90
CA GLN A 444 -5.99 17.83 -48.56
C GLN A 444 -6.49 16.41 -48.34
N ILE A 445 -7.46 16.28 -47.44
CA ILE A 445 -7.98 14.98 -47.02
C ILE A 445 -9.42 14.85 -47.51
N PRO A 446 -9.73 13.93 -48.42
CA PRO A 446 -11.13 13.70 -48.79
C PRO A 446 -11.78 12.61 -47.95
N ILE A 447 -13.08 12.79 -47.74
CA ILE A 447 -13.89 11.82 -47.02
C ILE A 447 -14.07 10.58 -47.89
N PRO A 448 -14.10 9.39 -47.31
CA PRO A 448 -14.30 8.17 -48.11
C PRO A 448 -15.73 8.08 -48.62
N HIS A 449 -15.92 7.20 -49.60
CA HIS A 449 -17.24 6.97 -50.19
C HIS A 449 -18.15 6.19 -49.26
N SER A 450 -17.59 5.28 -48.45
CA SER A 450 -18.41 4.50 -47.54
C SER A 450 -18.89 5.31 -46.34
N LEU A 451 -18.23 6.44 -46.05
CA LEU A 451 -18.63 7.31 -44.96
C LEU A 451 -19.40 8.53 -45.45
N ARG A 452 -19.98 8.46 -46.65
CA ARG A 452 -20.71 9.60 -47.20
C ARG A 452 -22.08 9.76 -46.56
N LEU A 453 -22.73 8.66 -46.18
CA LEU A 453 -24.03 8.76 -45.52
C LEU A 453 -23.90 9.31 -44.10
N HIS A 454 -22.87 8.87 -43.38
CA HIS A 454 -22.65 9.37 -42.03
C HIS A 454 -22.31 10.86 -42.04
N HIS A 455 -21.60 11.32 -43.07
CA HIS A 455 -21.23 12.73 -43.14
C HIS A 455 -22.42 13.61 -43.54
N GLU A 456 -23.22 13.14 -44.50
CA GLU A 456 -24.41 13.89 -44.88
C GLU A 456 -25.41 14.00 -43.74
N PHE A 457 -25.47 12.96 -42.88
CA PHE A 457 -26.35 13.02 -41.72
C PHE A 457 -25.86 14.04 -40.71
N LEU A 458 -24.53 14.22 -40.59
CA LEU A 458 -23.98 15.16 -39.63
C LEU A 458 -24.10 16.60 -40.10
N GLN A 459 -23.98 16.85 -41.40
CA GLN A 459 -24.11 18.20 -41.92
C GLN A 459 -25.57 18.64 -42.01
N GLN A 460 -26.46 17.72 -42.39
CA GLN A 460 -27.88 18.05 -42.45
C GLN A 460 -28.45 18.31 -41.07
N SER A 461 -27.88 17.69 -40.03
CA SER A 461 -28.32 17.94 -38.67
C SER A 461 -27.67 19.18 -38.06
N LEU A 462 -26.53 19.62 -38.60
CA LEU A 462 -25.85 20.79 -38.06
C LEU A 462 -26.56 22.09 -38.42
N ARG A 463 -27.34 22.11 -39.49
CA ARG A 463 -28.10 23.29 -39.89
C ARG A 463 -29.55 23.24 -39.39
N ASN A 464 -29.82 22.45 -38.36
CA ASN A 464 -31.13 22.42 -37.72
C ASN A 464 -31.15 23.44 -36.59
N LYS A 465 -32.11 24.36 -36.64
CA LYS A 465 -32.07 25.52 -35.75
C LYS A 465 -32.42 25.18 -34.31
N SER A 466 -32.98 24.00 -34.04
CA SER A 466 -33.35 23.64 -32.67
C SER A 466 -33.25 22.12 -32.54
N LEU A 467 -32.28 21.67 -31.76
CA LEU A 467 -32.03 20.25 -31.54
C LEU A 467 -32.41 19.87 -30.11
N GLN A 468 -32.94 18.66 -29.96
CA GLN A 468 -33.47 18.19 -28.68
C GLN A 468 -32.53 17.17 -28.05
N MET A 469 -32.87 16.77 -26.84
CA MET A 469 -32.15 15.75 -26.10
C MET A 469 -32.81 14.38 -26.20
N ASN A 470 -33.80 14.22 -27.09
CA ASN A 470 -34.54 12.97 -27.19
C ASN A 470 -33.74 11.85 -27.84
N ASP A 471 -32.58 12.16 -28.42
CA ASP A 471 -31.73 11.14 -29.02
C ASP A 471 -30.28 11.58 -28.85
N TYR A 472 -29.38 10.89 -29.55
CA TYR A 472 -27.95 11.21 -29.49
C TYR A 472 -27.50 12.02 -30.71
N LYS A 473 -28.45 12.60 -31.45
CA LYS A 473 -28.10 13.52 -32.53
C LYS A 473 -27.23 14.66 -32.02
N ILE A 474 -27.47 15.10 -30.78
CA ILE A 474 -26.68 16.18 -30.20
C ILE A 474 -25.26 15.72 -29.88
N ALA A 475 -25.12 14.52 -29.31
CA ALA A 475 -23.80 14.02 -28.95
C ALA A 475 -22.96 13.75 -30.19
N LEU A 476 -23.59 13.27 -31.27
CA LEU A 476 -22.86 13.02 -32.50
C LEU A 476 -22.27 14.30 -33.07
N LEU A 477 -22.98 15.42 -32.93
CA LEU A 477 -22.46 16.69 -33.42
C LEU A 477 -21.35 17.22 -32.52
N CYS A 478 -21.49 17.03 -31.20
CA CYS A 478 -20.42 17.44 -30.29
C CYS A 478 -19.15 16.62 -30.51
N ASN A 479 -19.30 15.34 -30.85
CA ASN A 479 -18.13 14.50 -31.10
C ASN A 479 -17.48 14.85 -32.43
N ALA A 480 -18.28 15.16 -33.45
CA ALA A 480 -17.74 15.35 -34.79
C ALA A 480 -17.16 16.74 -34.99
N TYR A 481 -17.85 17.78 -34.51
CA TYR A 481 -17.49 19.16 -34.77
C TYR A 481 -16.95 19.86 -33.53
N SER A 482 -16.15 19.16 -32.72
CA SER A 482 -15.61 19.76 -31.51
C SER A 482 -14.43 20.68 -31.80
N THR A 483 -13.67 20.39 -32.86
CA THR A 483 -12.49 21.18 -33.21
C THR A 483 -12.79 22.23 -34.29
N ASN A 484 -14.03 22.70 -34.35
CA ASN A 484 -14.44 23.71 -35.31
C ASN A 484 -14.87 24.97 -34.57
N SER A 485 -14.38 26.12 -35.05
CA SER A 485 -14.62 27.41 -34.40
C SER A 485 -16.11 27.68 -34.20
N GLU A 486 -16.83 27.91 -35.30
CA GLU A 486 -18.24 28.28 -35.21
C GLU A 486 -19.18 27.08 -35.35
N CYS A 487 -18.68 25.93 -35.80
CA CYS A 487 -19.53 24.74 -35.93
C CYS A 487 -19.69 24.00 -34.61
N PHE A 488 -19.05 24.45 -33.54
CA PHE A 488 -19.21 23.82 -32.23
C PHE A 488 -20.13 24.59 -31.31
N THR A 489 -20.32 25.89 -31.53
CA THR A 489 -21.28 26.63 -30.72
C THR A 489 -22.71 26.16 -30.97
N LEU A 490 -22.96 25.58 -32.16
CA LEU A 490 -24.30 25.06 -32.44
C LEU A 490 -24.65 23.86 -31.57
N PRO A 491 -23.82 22.79 -31.48
CA PRO A 491 -24.18 21.68 -30.60
C PRO A 491 -23.84 21.93 -29.13
N MET A 492 -22.65 22.47 -28.86
CA MET A 492 -22.20 22.64 -27.47
C MET A 492 -23.17 23.51 -26.69
N GLY A 493 -23.56 24.65 -27.26
CA GLY A 493 -24.53 25.51 -26.60
C GLY A 493 -25.91 24.89 -26.47
N ALA A 494 -26.20 23.84 -27.24
CA ALA A 494 -27.53 23.24 -27.19
C ALA A 494 -27.71 22.39 -25.93
N LEU A 495 -26.63 21.83 -25.39
CA LEU A 495 -26.71 21.04 -24.16
C LEU A 495 -26.12 21.76 -22.96
N VAL A 496 -25.65 22.99 -23.10
CA VAL A 496 -25.27 23.80 -21.95
C VAL A 496 -26.46 24.58 -21.42
N GLU A 497 -27.31 25.09 -22.33
CA GLU A 497 -28.51 25.80 -21.91
C GLU A 497 -29.57 24.88 -21.31
N THR A 498 -29.56 23.60 -21.65
CA THR A 498 -30.52 22.66 -21.10
C THR A 498 -30.28 22.37 -19.62
N ILE A 499 -29.12 22.74 -19.09
CA ILE A 499 -28.85 22.59 -17.67
C ILE A 499 -28.68 23.93 -16.96
N TYR A 500 -28.43 25.01 -17.70
CA TYR A 500 -28.31 26.32 -17.07
C TYR A 500 -29.67 26.86 -16.64
N GLY A 501 -30.68 26.70 -17.48
CA GLY A 501 -32.01 27.20 -17.16
C GLY A 501 -32.13 28.71 -17.23
N ASN A 502 -31.56 29.33 -18.28
CA ASN A 502 -31.59 30.78 -18.44
C ASN A 502 -32.99 31.18 -18.88
N GLY A 503 -33.88 31.38 -17.91
CA GLY A 503 -35.24 31.79 -18.18
C GLY A 503 -36.27 30.82 -17.67
N ILE A 504 -37.46 30.85 -18.28
CA ILE A 504 -38.61 30.01 -17.97
C ILE A 504 -38.79 29.78 -16.47
N MET A 505 -38.76 30.89 -15.71
CA MET A 505 -39.05 30.93 -14.28
C MET A 505 -38.03 30.13 -13.45
N ARG A 506 -38.06 30.32 -12.13
CA ARG A 506 -37.08 29.76 -11.22
C ARG A 506 -37.73 28.71 -10.30
N ILE A 507 -36.97 28.25 -9.31
CA ILE A 507 -37.41 27.18 -8.43
C ILE A 507 -36.85 27.45 -7.03
N PRO A 508 -37.59 27.13 -5.97
CA PRO A 508 -37.08 27.37 -4.62
C PRO A 508 -36.16 26.26 -4.12
N LEU A 509 -35.37 26.61 -3.11
CA LEU A 509 -34.45 25.71 -2.43
C LEU A 509 -34.81 25.68 -0.94
N PRO A 510 -34.29 24.73 -0.15
CA PRO A 510 -34.73 24.63 1.24
C PRO A 510 -34.45 25.90 2.02
N GLY A 511 -35.29 26.14 3.04
CA GLY A 511 -35.17 27.33 3.85
C GLY A 511 -36.03 28.47 3.34
N THR A 512 -35.59 29.70 3.58
CA THR A 512 -36.32 30.89 3.18
C THR A 512 -35.43 31.77 2.30
N ASN A 513 -36.03 32.33 1.24
CA ASN A 513 -35.39 33.31 0.37
C ASN A 513 -34.13 32.74 -0.28
N CYS A 514 -34.29 31.63 -0.97
CA CYS A 514 -33.22 31.03 -1.76
C CYS A 514 -33.81 30.43 -3.01
N MET A 515 -33.44 30.99 -4.17
CA MET A 515 -34.01 30.60 -5.45
C MET A 515 -32.90 30.15 -6.39
N ALA A 516 -33.17 29.09 -7.17
CA ALA A 516 -32.26 28.55 -8.15
C ALA A 516 -32.94 28.56 -9.52
N SER A 517 -32.19 28.15 -10.54
CA SER A 517 -32.73 28.15 -11.89
C SER A 517 -33.64 26.93 -12.09
N GLY A 518 -34.44 26.99 -13.15
CA GLY A 518 -35.48 26.00 -13.42
C GLY A 518 -35.11 24.56 -13.70
N SER A 519 -34.06 24.32 -14.46
CA SER A 519 -33.72 22.97 -14.90
C SER A 519 -33.30 22.09 -13.73
N ILE A 520 -33.83 20.87 -13.68
CA ILE A 520 -33.54 19.94 -12.59
C ILE A 520 -33.11 18.58 -13.13
N THR A 521 -33.25 18.38 -14.44
CA THR A 521 -32.88 17.11 -15.07
C THR A 521 -31.44 17.18 -15.55
N PRO A 522 -30.50 16.46 -14.93
CA PRO A 522 -29.11 16.51 -15.38
C PRO A 522 -28.87 15.60 -16.57
N LEU A 523 -27.74 15.81 -17.22
CA LEU A 523 -27.36 15.00 -18.37
C LEU A 523 -27.04 13.58 -17.92
N PRO A 524 -27.71 12.56 -18.47
CA PRO A 524 -27.48 11.19 -18.00
C PRO A 524 -26.05 10.73 -18.27
N MET A 525 -25.68 9.65 -17.58
CA MET A 525 -24.31 9.13 -17.70
C MET A 525 -24.09 8.47 -19.07
N ASN A 526 -25.08 7.75 -19.58
CA ASN A 526 -24.94 7.14 -20.90
C ASN A 526 -24.84 8.17 -22.01
N LEU A 527 -25.27 9.41 -21.74
CA LEU A 527 -25.03 10.50 -22.68
C LEU A 527 -23.63 11.06 -22.52
N LEU A 528 -23.20 11.30 -21.28
CA LEU A 528 -21.85 11.79 -21.05
C LEU A 528 -20.80 10.78 -21.47
N ASP A 529 -21.07 9.49 -21.26
CA ASP A 529 -20.17 8.45 -21.76
C ASP A 529 -20.14 8.39 -23.28
N SER A 530 -21.19 8.88 -23.94
CA SER A 530 -21.23 8.92 -25.40
C SER A 530 -20.49 10.12 -25.97
N LEU A 531 -20.07 11.07 -25.14
CA LEU A 531 -19.30 12.23 -25.60
C LEU A 531 -17.81 11.91 -25.59
N THR A 532 -17.09 12.55 -26.50
CA THR A 532 -15.64 12.43 -26.50
C THR A 532 -15.05 13.21 -25.33
N VAL A 533 -13.75 13.00 -25.10
CA VAL A 533 -13.07 13.73 -24.05
C VAL A 533 -12.97 15.21 -24.40
N HIS A 534 -12.76 15.52 -25.68
CA HIS A 534 -12.70 16.92 -26.09
C HIS A 534 -14.06 17.59 -25.94
N ALA A 535 -15.14 16.89 -26.31
CA ALA A 535 -16.47 17.46 -26.17
C ALA A 535 -16.83 17.67 -24.70
N LYS A 536 -16.41 16.75 -23.83
CA LYS A 536 -16.62 16.93 -22.40
C LYS A 536 -15.74 18.04 -21.84
N MET A 537 -14.56 18.25 -22.43
CA MET A 537 -13.66 19.31 -21.96
C MET A 537 -14.32 20.67 -22.12
N SER A 538 -14.95 20.92 -23.26
CA SER A 538 -15.62 22.20 -23.47
C SER A 538 -16.84 22.33 -22.55
N LEU A 539 -17.54 21.22 -22.32
CA LEU A 539 -18.66 21.24 -21.39
C LEU A 539 -18.20 21.59 -19.98
N ILE A 540 -17.08 21.01 -19.54
CA ILE A 540 -16.50 21.36 -18.25
C ILE A 540 -16.09 22.83 -18.25
N HIS A 541 -15.48 23.30 -19.33
CA HIS A 541 -15.02 24.69 -19.39
C HIS A 541 -16.18 25.66 -19.43
N SER A 542 -17.26 25.31 -20.13
CA SER A 542 -18.40 26.21 -20.21
C SER A 542 -19.18 26.27 -18.90
N ILE A 543 -19.20 25.16 -18.14
CA ILE A 543 -19.89 25.18 -16.86
C ILE A 543 -19.09 25.98 -15.84
N ALA A 544 -17.78 25.80 -15.81
CA ALA A 544 -16.94 26.54 -14.86
C ALA A 544 -16.91 28.03 -15.19
N THR A 545 -17.02 28.38 -16.47
CA THR A 545 -17.04 29.79 -16.84
C THR A 545 -18.33 30.47 -16.37
N ARG A 546 -19.46 29.78 -16.51
CA ARG A 546 -20.73 30.37 -16.08
C ARG A 546 -20.82 30.48 -14.57
N VAL A 547 -20.20 29.54 -13.84
CA VAL A 547 -20.17 29.64 -12.38
C VAL A 547 -19.35 30.85 -11.96
N ILE A 548 -18.18 31.01 -12.57
CA ILE A 548 -17.35 32.19 -12.31
C ILE A 548 -18.09 33.46 -12.74
N LYS A 549 -18.83 33.38 -13.85
CA LYS A 549 -19.62 34.52 -14.30
C LYS A 549 -20.71 34.85 -13.27
N LEU A 550 -21.40 33.82 -12.76
CA LEU A 550 -22.42 34.05 -11.75
C LEU A 550 -21.81 34.48 -10.42
N ALA A 551 -20.54 34.11 -10.18
CA ALA A 551 -19.89 34.49 -8.92
C ALA A 551 -19.44 35.94 -8.93
N HIS A 552 -19.06 36.48 -10.09
CA HIS A 552 -18.65 37.88 -10.18
C HIS A 552 -19.84 38.81 -10.34
N ALA A 553 -20.99 38.30 -10.78
CA ALA A 553 -22.18 39.11 -10.96
C ALA A 553 -22.89 39.44 -9.65
N LYS A 554 -22.27 39.13 -8.51
CA LYS A 554 -22.84 39.24 -7.16
C LYS A 554 -24.34 38.97 -7.17
N SER A 555 -24.73 37.81 -7.71
CA SER A 555 -26.13 37.43 -7.86
C SER A 555 -26.55 36.55 -6.70
N SER A 556 -27.79 36.74 -6.24
CA SER A 556 -28.35 35.92 -5.17
C SER A 556 -29.07 34.69 -5.67
N VAL A 557 -29.23 34.55 -6.99
CA VAL A 557 -29.87 33.38 -7.56
C VAL A 557 -28.87 32.22 -7.60
N ALA A 558 -29.32 31.04 -7.19
CA ALA A 558 -28.47 29.86 -7.12
C ALA A 558 -28.36 29.18 -8.48
N LEU A 559 -27.28 28.42 -8.64
CA LEU A 559 -27.09 27.61 -9.84
C LEU A 559 -28.21 26.59 -9.95
N ALA A 560 -28.54 26.23 -11.20
CA ALA A 560 -29.59 25.25 -11.43
C ALA A 560 -29.18 23.91 -10.83
N PRO A 561 -30.12 23.16 -10.25
CA PRO A 561 -29.77 21.85 -9.68
C PRO A 561 -29.16 20.90 -10.70
N ALA A 562 -29.62 20.96 -11.95
CA ALA A 562 -29.06 20.09 -12.99
C ALA A 562 -27.62 20.48 -13.34
N LEU A 563 -27.23 21.73 -13.10
CA LEU A 563 -25.86 22.14 -13.41
C LEU A 563 -24.86 21.54 -12.43
N VAL A 564 -25.11 21.70 -11.14
CA VAL A 564 -24.19 21.17 -10.14
C VAL A 564 -24.19 19.64 -10.16
N GLU A 565 -25.34 19.03 -10.49
CA GLU A 565 -25.38 17.57 -10.60
C GLU A 565 -24.60 17.09 -11.80
N THR A 566 -24.73 17.78 -12.95
CA THR A 566 -23.97 17.41 -14.13
C THR A 566 -22.48 17.68 -13.94
N TYR A 567 -22.14 18.81 -13.33
CA TYR A 567 -20.73 19.15 -13.12
C TYR A 567 -20.06 18.11 -12.23
N SER A 568 -20.79 17.58 -11.24
CA SER A 568 -20.23 16.54 -10.40
C SER A 568 -20.02 15.24 -11.18
N ARG A 569 -20.88 14.96 -12.16
CA ARG A 569 -20.71 13.76 -12.97
C ARG A 569 -19.53 13.89 -13.92
N LEU A 570 -19.29 15.10 -14.45
CA LEU A 570 -18.13 15.31 -15.31
C LEU A 570 -16.83 15.23 -14.51
N LEU A 571 -16.87 15.54 -13.22
CA LEU A 571 -15.71 15.42 -12.35
C LEU A 571 -15.31 13.96 -12.11
N VAL A 572 -16.07 13.01 -12.64
CA VAL A 572 -15.73 11.59 -12.48
C VAL A 572 -14.60 11.19 -13.42
N TYR A 573 -14.62 11.68 -14.65
CA TYR A 573 -13.65 11.28 -15.67
C TYR A 573 -12.26 11.78 -15.29
N MET A 574 -11.37 10.86 -14.95
CA MET A 574 -10.00 11.22 -14.56
C MET A 574 -9.12 11.53 -15.76
N GLU A 575 -9.56 11.25 -16.98
CA GLU A 575 -8.84 11.69 -18.16
C GLU A 575 -9.06 13.18 -18.44
N ILE A 576 -9.96 13.83 -17.70
CA ILE A 576 -10.16 15.27 -17.78
C ILE A 576 -9.74 15.86 -16.44
N GLU A 577 -8.73 15.25 -15.81
CA GLU A 577 -8.31 15.67 -14.48
C GLU A 577 -7.71 17.07 -14.47
N SER A 578 -7.15 17.51 -15.60
CA SER A 578 -6.51 18.82 -15.67
C SER A 578 -7.53 19.94 -15.47
N LEU A 579 -8.57 19.97 -16.30
CA LEU A 579 -9.58 21.02 -16.22
C LEU A 579 -10.66 20.72 -15.18
N GLY A 580 -10.85 19.46 -14.83
CA GLY A 580 -11.93 19.10 -13.93
C GLY A 580 -11.57 19.14 -12.46
N ILE A 581 -10.81 18.13 -12.00
CA ILE A 581 -10.58 17.97 -10.57
C ILE A 581 -9.50 18.92 -10.08
N LYS A 582 -8.40 19.04 -10.83
CA LYS A 582 -7.33 19.94 -10.42
C LYS A 582 -7.77 21.39 -10.46
N GLY A 583 -8.60 21.75 -11.45
CA GLY A 583 -9.08 23.12 -11.54
C GLY A 583 -10.18 23.45 -10.54
N PHE A 584 -10.94 22.44 -10.11
CA PHE A 584 -12.01 22.68 -9.15
C PHE A 584 -11.47 23.11 -7.79
N ILE A 585 -10.29 22.62 -7.42
CA ILE A 585 -9.73 22.86 -6.09
C ILE A 585 -8.72 23.99 -6.14
N SER A 586 -8.03 24.13 -7.27
CA SER A 586 -6.97 25.14 -7.40
C SER A 586 -7.43 26.42 -8.10
N GLN A 587 -8.47 26.36 -8.92
CA GLN A 587 -8.91 27.53 -9.67
C GLN A 587 -10.33 27.96 -9.29
N LEU A 588 -11.32 27.08 -9.46
CA LEU A 588 -12.70 27.47 -9.20
C LEU A 588 -12.94 27.76 -7.73
N LEU A 589 -12.41 26.92 -6.84
CA LEU A 589 -12.60 27.13 -5.41
C LEU A 589 -11.98 28.44 -4.92
N PRO A 590 -10.72 28.78 -5.25
CA PRO A 590 -10.21 30.09 -4.82
C PRO A 590 -10.89 31.26 -5.49
N THR A 591 -11.27 31.13 -6.76
CA THR A 591 -11.95 32.22 -7.45
C THR A 591 -13.29 32.53 -6.81
N VAL A 592 -14.08 31.50 -6.52
CA VAL A 592 -15.35 31.70 -5.83
C VAL A 592 -15.12 32.28 -4.44
N PHE A 593 -14.08 31.80 -3.75
CA PHE A 593 -13.80 32.29 -2.41
C PHE A 593 -13.32 33.74 -2.43
N LYS A 594 -12.55 34.12 -3.45
CA LYS A 594 -12.06 35.49 -3.54
C LYS A 594 -13.15 36.47 -3.94
N SER A 595 -14.26 36.00 -4.49
CA SER A 595 -15.36 36.86 -4.90
C SER A 595 -16.43 37.02 -3.83
N HIS A 596 -16.28 36.35 -2.68
CA HIS A 596 -17.24 36.43 -1.58
C HIS A 596 -18.63 35.97 -2.02
N ALA A 597 -18.68 34.87 -2.78
CA ALA A 597 -19.96 34.39 -3.28
C ALA A 597 -20.77 33.72 -2.17
N TRP A 598 -20.12 32.94 -1.31
CA TRP A 598 -20.74 32.24 -0.20
C TRP A 598 -21.83 31.27 -0.66
N GLY A 599 -22.85 31.79 -1.35
CA GLY A 599 -23.88 30.92 -1.88
C GLY A 599 -23.31 29.87 -2.82
N ILE A 600 -22.55 30.31 -3.83
CA ILE A 600 -21.94 29.38 -4.78
C ILE A 600 -20.91 28.51 -4.08
N LEU A 601 -20.13 29.08 -3.16
CA LEU A 601 -19.16 28.29 -2.40
C LEU A 601 -19.86 27.20 -1.60
N HIS A 602 -21.06 27.49 -1.08
CA HIS A 602 -21.82 26.49 -0.35
C HIS A 602 -22.25 25.35 -1.27
N THR A 603 -22.48 25.64 -2.56
CA THR A 603 -22.85 24.60 -3.50
C THR A 603 -21.65 23.70 -3.82
N LEU A 604 -20.47 24.29 -3.95
CA LEU A 604 -19.29 23.51 -4.33
C LEU A 604 -18.86 22.57 -3.21
N LEU A 605 -18.95 23.01 -1.96
CA LEU A 605 -18.59 22.15 -0.84
C LEU A 605 -19.65 21.08 -0.62
N GLU A 606 -20.92 21.43 -0.79
CA GLU A 606 -21.97 20.43 -0.68
C GLU A 606 -21.88 19.41 -1.81
N MET A 607 -21.57 19.87 -3.02
CA MET A 607 -21.34 18.94 -4.13
C MET A 607 -20.20 18.00 -3.82
N PHE A 608 -19.13 18.51 -3.19
CA PHE A 608 -18.00 17.66 -2.85
C PHE A 608 -18.41 16.59 -1.83
N SER A 609 -19.18 16.98 -0.82
CA SER A 609 -19.48 16.05 0.27
C SER A 609 -20.40 14.92 -0.19
N TYR A 610 -21.34 15.21 -1.08
CA TYR A 610 -22.40 14.28 -1.41
C TYR A 610 -22.33 13.74 -2.84
N ARG A 611 -21.38 14.18 -3.65
CA ARG A 611 -21.36 13.77 -5.05
C ARG A 611 -19.98 13.37 -5.57
N MET A 612 -18.94 13.36 -4.75
CA MET A 612 -17.62 12.92 -5.18
C MET A 612 -17.39 11.47 -4.78
N HIS A 613 -16.35 10.87 -5.37
CA HIS A 613 -16.01 9.48 -5.08
C HIS A 613 -14.51 9.27 -5.08
N HIS A 614 -13.93 8.92 -6.23
CA HIS A 614 -12.51 8.60 -6.31
C HIS A 614 -11.71 9.88 -6.52
N ILE A 615 -11.48 10.59 -5.43
CA ILE A 615 -10.61 11.76 -5.42
C ILE A 615 -9.27 11.36 -4.84
N GLN A 616 -8.19 11.78 -5.47
CA GLN A 616 -6.86 11.41 -5.02
C GLN A 616 -6.57 12.02 -3.65
N PRO A 617 -5.73 11.36 -2.85
CA PRO A 617 -5.51 11.84 -1.47
C PRO A 617 -4.96 13.26 -1.39
N HIS A 618 -4.02 13.61 -2.26
CA HIS A 618 -3.45 14.95 -2.21
C HIS A 618 -4.48 16.02 -2.55
N TYR A 619 -5.47 15.69 -3.38
CA TYR A 619 -6.54 16.63 -3.68
C TYR A 619 -7.43 16.85 -2.47
N ARG A 620 -7.74 15.79 -1.73
CA ARG A 620 -8.54 15.93 -0.51
C ARG A 620 -7.80 16.77 0.53
N VAL A 621 -6.49 16.57 0.65
CA VAL A 621 -5.70 17.36 1.60
C VAL A 621 -5.67 18.82 1.17
N GLN A 622 -5.63 19.08 -0.13
CA GLN A 622 -5.72 20.46 -0.62
C GLN A 622 -7.03 21.11 -0.19
N LEU A 623 -8.15 20.43 -0.44
CA LEU A 623 -9.44 20.98 -0.02
C LEU A 623 -9.52 21.11 1.49
N LEU A 624 -8.92 20.16 2.22
CA LEU A 624 -8.95 20.21 3.68
C LEU A 624 -8.25 21.47 4.19
N SER A 625 -7.05 21.76 3.63
CA SER A 625 -6.33 22.97 4.03
C SER A 625 -7.12 24.22 3.67
N HIS A 626 -7.81 24.20 2.52
CA HIS A 626 -8.64 25.33 2.15
C HIS A 626 -9.81 25.48 3.11
N LEU A 627 -10.37 24.37 3.58
CA LEU A 627 -11.48 24.43 4.52
C LEU A 627 -11.04 25.03 5.85
N HIS A 628 -9.84 24.68 6.32
CA HIS A 628 -9.35 25.23 7.58
C HIS A 628 -9.11 26.73 7.48
N THR A 629 -8.43 27.16 6.41
CA THR A 629 -8.23 28.59 6.21
C THR A 629 -9.54 29.32 5.95
N LEU A 630 -10.53 28.60 5.38
CA LEU A 630 -11.83 29.22 5.14
C LEU A 630 -12.59 29.44 6.44
N ALA A 631 -12.48 28.50 7.39
CA ALA A 631 -13.23 28.60 8.63
C ALA A 631 -12.60 29.60 9.60
N ALA A 632 -11.26 29.70 9.62
CA ALA A 632 -10.58 30.53 10.60
C ALA A 632 -10.86 32.01 10.36
N VAL A 633 -10.59 32.49 9.15
CA VAL A 633 -10.76 33.90 8.81
C VAL A 633 -11.89 34.07 7.81
N ALA A 634 -11.77 35.08 6.94
CA ALA A 634 -12.76 35.44 5.92
C ALA A 634 -14.09 35.85 6.51
N GLN A 635 -14.21 35.81 7.84
CA GLN A 635 -15.45 36.19 8.54
C GLN A 635 -16.65 35.41 8.02
N THR A 636 -16.45 34.11 7.82
CA THR A 636 -17.55 33.22 7.43
C THR A 636 -18.37 32.87 8.66
N ASN A 637 -18.78 33.88 9.43
CA ASN A 637 -19.52 33.69 10.67
C ASN A 637 -21.01 33.48 10.45
N GLN A 638 -21.37 32.67 9.45
CA GLN A 638 -22.75 32.38 9.13
C GLN A 638 -23.08 30.96 9.57
N ASN A 639 -24.27 30.78 10.15
CA ASN A 639 -24.66 29.47 10.67
C ASN A 639 -24.60 28.39 9.61
N GLN A 640 -25.12 28.69 8.41
CA GLN A 640 -25.19 27.69 7.36
C GLN A 640 -23.86 27.44 6.68
N LEU A 641 -22.95 28.41 6.70
CA LEU A 641 -21.64 28.24 6.09
C LEU A 641 -20.65 27.56 7.04
N HIS A 642 -20.69 27.91 8.32
CA HIS A 642 -19.84 27.24 9.30
C HIS A 642 -20.19 25.77 9.41
N LEU A 643 -21.48 25.45 9.37
CA LEU A 643 -21.91 24.06 9.43
C LEU A 643 -21.41 23.29 8.20
N CYS A 644 -21.47 23.93 7.03
CA CYS A 644 -21.05 23.26 5.80
C CYS A 644 -19.55 23.01 5.79
N VAL A 645 -18.76 24.02 6.18
CA VAL A 645 -17.31 23.87 6.18
C VAL A 645 -16.88 22.80 7.17
N GLU A 646 -17.47 22.81 8.37
CA GLU A 646 -17.10 21.84 9.39
C GLU A 646 -17.60 20.44 9.04
N SER A 647 -18.76 20.34 8.40
CA SER A 647 -19.27 19.03 8.01
C SER A 647 -18.46 18.44 6.85
N THR A 648 -18.07 19.28 5.89
CA THR A 648 -17.30 18.80 4.75
C THR A 648 -15.91 18.34 5.19
N ALA A 649 -15.31 19.03 6.15
CA ALA A 649 -13.99 18.63 6.64
C ALA A 649 -14.05 17.32 7.40
N LEU A 650 -15.14 17.09 8.15
CA LEU A 650 -15.29 15.84 8.88
C LEU A 650 -15.36 14.64 7.93
N ARG A 651 -15.97 14.82 6.76
CA ARG A 651 -16.02 13.73 5.79
C ARG A 651 -14.65 13.46 5.18
N LEU A 652 -13.90 14.51 4.85
CA LEU A 652 -12.56 14.32 4.30
C LEU A 652 -11.65 13.62 5.29
N ILE A 653 -11.71 14.02 6.57
CA ILE A 653 -10.82 13.46 7.57
C ILE A 653 -11.18 12.01 7.86
N THR A 654 -12.48 11.72 8.03
CA THR A 654 -12.91 10.38 8.39
C THR A 654 -12.70 9.39 7.24
N ALA A 655 -12.75 9.86 6.00
CA ALA A 655 -12.68 8.97 4.85
C ALA A 655 -11.26 8.76 4.33
N LEU A 656 -10.26 9.38 4.95
CA LEU A 656 -8.88 9.18 4.52
C LEU A 656 -8.50 7.72 4.67
N GLY A 657 -7.95 7.14 3.61
CA GLY A 657 -7.54 5.75 3.67
C GLY A 657 -6.43 5.52 4.66
N SER A 658 -6.37 4.30 5.20
CA SER A 658 -5.37 3.97 6.20
C SER A 658 -3.95 4.17 5.66
N SER A 659 -3.72 3.75 4.42
CA SER A 659 -2.40 3.88 3.80
C SER A 659 -2.15 5.28 3.27
N GLU A 660 -3.19 6.10 3.10
CA GLU A 660 -3.03 7.43 2.54
C GLU A 660 -2.57 8.45 3.56
N VAL A 661 -2.77 8.19 4.85
CA VAL A 661 -2.60 9.22 5.86
C VAL A 661 -1.15 9.67 5.96
N GLN A 662 -0.22 8.71 6.09
CA GLN A 662 1.18 9.06 6.25
C GLN A 662 1.75 9.81 5.06
N PRO A 663 1.66 9.33 3.81
CA PRO A 663 2.35 10.02 2.72
C PRO A 663 1.82 11.42 2.44
N GLN A 664 0.56 11.71 2.77
CA GLN A 664 0.00 13.02 2.51
C GLN A 664 0.24 14.00 3.66
N PHE A 665 0.33 13.51 4.89
CA PHE A 665 0.58 14.36 6.04
C PHE A 665 2.06 14.47 6.39
N THR A 666 2.90 13.58 5.88
CA THR A 666 4.34 13.72 6.09
C THR A 666 4.92 14.86 5.28
N ARG A 667 4.17 15.37 4.30
CA ARG A 667 4.63 16.50 3.50
C ARG A 667 4.46 17.83 4.22
N PHE A 668 3.66 17.89 5.28
CA PHE A 668 3.36 19.12 5.99
C PHE A 668 4.02 19.19 7.36
N LEU A 669 5.10 18.44 7.57
CA LEU A 669 5.81 18.54 8.84
C LEU A 669 6.54 19.88 8.97
N SER A 670 6.90 20.51 7.85
CA SER A 670 7.57 21.80 7.91
C SER A 670 6.67 22.87 8.52
N ASP A 671 5.37 22.81 8.22
CA ASP A 671 4.39 23.74 8.78
C ASP A 671 3.04 23.05 8.85
N PRO A 672 2.80 22.27 9.91
CA PRO A 672 1.53 21.53 9.99
C PRO A 672 0.31 22.41 10.23
N LYS A 673 0.48 23.71 10.45
CA LYS A 673 -0.66 24.59 10.68
C LYS A 673 -1.62 24.61 9.51
N THR A 674 -1.15 24.30 8.29
CA THR A 674 -1.99 24.40 7.10
C THR A 674 -3.02 23.29 7.01
N VAL A 675 -2.70 22.11 7.52
CA VAL A 675 -3.59 20.95 7.40
C VAL A 675 -4.27 20.62 8.73
N LEU A 676 -4.28 21.58 9.66
CA LEU A 676 -4.94 21.42 10.95
C LEU A 676 -5.97 22.53 11.15
N SER A 677 -6.75 22.38 12.21
CA SER A 677 -7.72 23.38 12.61
C SER A 677 -7.18 24.21 13.77
N ALA A 678 -7.65 25.45 13.87
CA ALA A 678 -7.20 26.36 14.91
C ALA A 678 -8.16 26.47 16.08
N GLU A 679 -9.43 26.11 15.90
CA GLU A 679 -10.41 26.17 16.98
C GLU A 679 -11.36 24.99 17.05
N SER A 680 -11.55 24.22 15.98
CA SER A 680 -12.47 23.09 15.99
C SER A 680 -11.78 21.90 16.67
N GLU A 681 -12.07 21.72 17.96
CA GLU A 681 -11.50 20.60 18.69
C GLU A 681 -11.97 19.27 18.11
N GLU A 682 -13.22 19.22 17.65
CA GLU A 682 -13.78 17.96 17.14
C GLU A 682 -13.04 17.49 15.89
N LEU A 683 -12.78 18.40 14.95
CA LEU A 683 -12.06 18.02 13.74
C LEU A 683 -10.65 17.55 14.06
N ASN A 684 -9.97 18.25 14.97
CA ASN A 684 -8.63 17.81 15.37
C ASN A 684 -8.69 16.47 16.10
N ARG A 685 -9.72 16.26 16.92
CA ARG A 685 -9.92 14.94 17.52
C ARG A 685 -10.24 13.90 16.47
N ALA A 686 -11.09 14.25 15.49
CA ALA A 686 -11.38 13.33 14.41
C ALA A 686 -10.13 12.98 13.61
N LEU A 687 -9.20 13.94 13.47
CA LEU A 687 -7.96 13.65 12.77
C LEU A 687 -7.06 12.75 13.60
N ILE A 688 -7.06 12.93 14.93
CA ILE A 688 -6.29 12.05 15.81
C ILE A 688 -6.82 10.63 15.73
N LEU A 689 -8.15 10.47 15.77
CA LEU A 689 -8.75 9.15 15.64
C LEU A 689 -8.41 8.51 14.30
N THR A 690 -8.34 9.32 13.24
CA THR A 690 -7.99 8.79 11.92
C THR A 690 -6.52 8.41 11.86
N LEU A 691 -5.65 9.15 12.54
CA LEU A 691 -4.26 8.70 12.69
C LEU A 691 -4.21 7.37 13.44
N ALA A 692 -5.11 7.19 14.42
CA ALA A 692 -5.07 6.01 15.27
C ALA A 692 -5.29 4.73 14.48
N ARG A 693 -6.33 4.70 13.65
CA ARG A 693 -6.60 3.49 12.87
C ARG A 693 -5.65 3.35 11.68
N ALA A 694 -5.21 4.47 11.10
CA ALA A 694 -4.31 4.38 9.95
C ALA A 694 -2.96 3.79 10.34
N THR A 695 -2.39 4.26 11.46
CA THR A 695 -1.18 3.65 11.99
C THR A 695 -1.43 2.24 12.49
N HIS A 696 -2.67 1.91 12.87
CA HIS A 696 -3.01 0.57 13.32
C HIS A 696 -3.12 -0.40 12.15
N VAL A 697 -3.92 -0.04 11.14
CA VAL A 697 -4.18 -0.95 10.02
C VAL A 697 -2.91 -1.19 9.21
N THR A 698 -2.06 -0.17 9.08
CA THR A 698 -0.81 -0.31 8.34
C THR A 698 0.34 -0.85 9.19
N ASP A 699 0.09 -1.12 10.48
CA ASP A 699 1.12 -1.64 11.38
C ASP A 699 2.33 -0.71 11.42
N PHE A 700 2.08 0.60 11.43
CA PHE A 700 3.16 1.57 11.30
C PHE A 700 4.09 1.54 12.50
N PHE A 701 3.54 1.44 13.70
CA PHE A 701 4.34 1.51 14.92
C PHE A 701 4.90 0.17 15.37
N THR A 702 4.52 -0.93 14.73
CA THR A 702 5.01 -2.25 15.11
C THR A 702 6.53 -2.29 15.03
N GLY A 703 7.20 -2.19 16.18
CA GLY A 703 8.64 -2.15 16.23
C GLY A 703 9.15 -0.93 16.97
N SER A 704 8.51 0.20 16.75
CA SER A 704 8.85 1.45 17.42
C SER A 704 7.92 1.66 18.60
N ASP A 705 8.50 1.99 19.77
CA ASP A 705 7.72 2.23 20.97
C ASP A 705 7.62 3.71 21.31
N SER A 706 8.12 4.60 20.44
CA SER A 706 8.10 6.02 20.70
C SER A 706 7.61 6.75 19.45
N ILE A 707 6.67 7.68 19.64
CA ILE A 707 6.19 8.50 18.53
C ILE A 707 7.25 9.51 18.09
N GLN A 708 8.20 9.83 18.97
CA GLN A 708 9.25 10.79 18.63
C GLN A 708 10.06 10.31 17.44
N GLY A 709 10.43 11.26 16.57
CA GLY A 709 11.11 10.98 15.34
C GLY A 709 10.20 10.74 14.16
N THR A 710 9.01 10.18 14.40
CA THR A 710 8.06 9.91 13.32
C THR A 710 7.36 11.21 12.90
N TRP A 711 6.53 11.09 11.86
CA TRP A 711 5.79 12.25 11.36
C TRP A 711 4.64 12.64 12.27
N CYS A 712 4.21 11.75 13.17
CA CYS A 712 3.03 12.01 13.98
C CYS A 712 3.31 12.97 15.12
N LYS A 713 4.56 13.08 15.58
CA LYS A 713 4.85 13.92 16.74
C LYS A 713 4.59 15.39 16.44
N ASP A 714 4.97 15.85 15.25
CA ASP A 714 4.78 17.26 14.92
C ASP A 714 3.32 17.57 14.58
N ILE A 715 2.58 16.58 14.08
CA ILE A 715 1.15 16.79 13.82
C ILE A 715 0.39 16.85 15.13
N LEU A 716 0.68 15.93 16.04
CA LEU A 716 -0.07 15.87 17.29
C LEU A 716 0.33 16.99 18.25
N GLN A 717 1.63 17.32 18.29
CA GLN A 717 2.08 18.39 19.18
C GLN A 717 1.45 19.72 18.79
N THR A 718 1.30 19.96 17.48
CA THR A 718 0.62 21.17 17.03
C THR A 718 -0.87 21.12 17.33
N ILE A 719 -1.47 19.92 17.33
CA ILE A 719 -2.87 19.78 17.67
C ILE A 719 -3.10 20.05 19.16
N MET A 720 -2.10 19.78 20.00
CA MET A 720 -2.20 20.14 21.41
C MET A 720 -2.29 21.66 21.57
N SER A 721 -1.50 22.40 20.81
CA SER A 721 -1.77 23.82 20.65
C SER A 721 -3.05 24.00 19.85
N PHE A 722 -3.60 25.22 19.89
CA PHE A 722 -4.89 25.54 19.30
C PHE A 722 -6.02 24.86 20.07
N THR A 723 -6.04 23.53 20.09
CA THR A 723 -7.14 22.75 20.66
C THR A 723 -6.60 21.68 21.62
N PRO A 724 -6.18 22.08 22.82
CA PRO A 724 -5.73 21.08 23.79
C PRO A 724 -6.91 20.31 24.38
N HIS A 725 -6.69 19.02 24.61
CA HIS A 725 -7.77 18.15 25.09
C HIS A 725 -7.18 16.91 25.72
N ASN A 726 -8.05 16.14 26.38
CA ASN A 726 -7.72 14.84 26.94
C ASN A 726 -8.53 13.77 26.24
N TRP A 727 -8.08 12.53 26.38
CA TRP A 727 -8.78 11.37 25.83
C TRP A 727 -9.21 10.45 26.97
N ALA A 728 -10.46 10.01 26.93
CA ALA A 728 -10.96 9.09 27.93
C ALA A 728 -10.20 7.76 27.85
N SER A 729 -10.20 7.03 28.97
CA SER A 729 -9.41 5.81 29.06
C SER A 729 -9.89 4.75 28.07
N HIS A 730 -11.21 4.58 27.95
CA HIS A 730 -11.74 3.53 27.08
C HIS A 730 -11.44 3.79 25.61
N THR A 731 -11.15 5.03 25.23
CA THR A 731 -10.75 5.36 23.87
C THR A 731 -9.23 5.42 23.70
N LEU A 732 -8.52 5.97 24.69
CA LEU A 732 -7.07 6.04 24.61
C LEU A 732 -6.44 4.65 24.63
N SER A 733 -7.06 3.69 25.32
CA SER A 733 -6.50 2.35 25.44
C SER A 733 -6.54 1.58 24.12
N CYS A 734 -7.27 2.06 23.12
CA CYS A 734 -7.31 1.40 21.83
C CYS A 734 -6.31 1.98 20.83
N PHE A 735 -5.72 3.12 21.13
CA PHE A 735 -4.71 3.71 20.25
C PHE A 735 -3.46 2.84 20.25
N PRO A 736 -2.65 2.95 19.20
CA PRO A 736 -1.32 2.33 19.25
C PRO A 736 -0.51 2.85 20.42
N GLY A 737 0.40 2.00 20.91
CA GLY A 737 1.21 2.30 22.07
C GLY A 737 1.84 3.68 22.09
N PRO A 738 2.63 4.00 21.06
CA PRO A 738 3.30 5.32 21.04
C PRO A 738 2.34 6.50 21.05
N LEU A 739 1.10 6.34 20.60
CA LEU A 739 0.15 7.44 20.68
C LEU A 739 -0.35 7.63 22.10
N GLN A 740 -0.60 6.53 22.83
CA GLN A 740 -0.96 6.63 24.24
C GLN A 740 0.16 7.31 25.03
N ALA A 741 1.40 6.90 24.77
CA ALA A 741 2.55 7.53 25.43
C ALA A 741 2.65 9.01 25.13
N PHE A 742 2.02 9.48 24.04
CA PHE A 742 2.02 10.90 23.76
C PHE A 742 0.91 11.64 24.52
N PHE A 743 -0.18 10.95 24.84
CA PHE A 743 -1.30 11.59 25.52
C PHE A 743 -1.28 11.43 27.04
N LYS A 744 -0.45 10.53 27.56
CA LYS A 744 -0.28 10.44 29.01
C LYS A 744 0.55 11.61 29.52
N GLN A 745 1.70 11.84 28.92
CA GLN A 745 2.29 13.17 28.96
C GLN A 745 1.51 14.07 28.00
N ASN A 746 1.84 15.36 27.98
CA ASN A 746 1.02 16.35 27.28
C ASN A 746 -0.44 16.26 27.75
N ASN A 747 -0.61 16.20 29.06
CA ASN A 747 -1.93 16.10 29.67
C ASN A 747 -2.43 17.49 30.05
N VAL A 748 -3.74 17.68 29.94
CA VAL A 748 -4.37 18.98 30.09
C VAL A 748 -5.27 18.92 31.31
N PRO A 749 -5.20 19.89 32.22
CA PRO A 749 -6.16 19.93 33.34
C PRO A 749 -7.54 20.33 32.85
N GLN A 750 -8.55 19.77 33.49
CA GLN A 750 -9.95 19.98 33.11
C GLN A 750 -10.71 20.60 34.27
N GLU A 751 -11.67 21.46 33.95
CA GLU A 751 -12.50 22.10 34.96
C GLU A 751 -13.38 21.05 35.64
N SER A 752 -13.42 21.08 36.97
CA SER A 752 -14.08 20.02 37.72
C SER A 752 -15.60 20.09 37.53
N ARG A 753 -16.27 19.02 37.96
CA ARG A 753 -17.72 18.93 37.82
C ARG A 753 -18.41 19.98 38.68
N PHE A 754 -17.90 20.20 39.90
CA PHE A 754 -18.52 21.19 40.78
C PHE A 754 -18.37 22.60 40.24
N ASN A 755 -17.19 22.92 39.69
CA ASN A 755 -16.94 24.29 39.23
C ASN A 755 -17.81 24.66 38.04
N LEU A 756 -18.17 23.70 37.19
CA LEU A 756 -19.09 24.01 36.11
C LEU A 756 -20.50 24.23 36.63
N LYS A 757 -20.96 23.38 37.57
CA LYS A 757 -22.28 23.56 38.15
C LYS A 757 -22.37 24.87 38.92
N LYS A 758 -21.32 25.21 39.67
CA LYS A 758 -21.32 26.48 40.40
C LYS A 758 -21.28 27.68 39.47
N ASN A 759 -20.59 27.55 38.33
CA ASN A 759 -20.49 28.68 37.40
C ASN A 759 -21.80 28.91 36.67
N VAL A 760 -22.54 27.84 36.36
CA VAL A 760 -23.80 28.00 35.64
C VAL A 760 -24.86 28.61 36.56
N GLU A 761 -24.90 28.19 37.82
CA GLU A 761 -25.88 28.72 38.75
C GLU A 761 -25.59 30.17 39.10
N GLU A 762 -24.31 30.53 39.20
CA GLU A 762 -23.97 31.92 39.50
C GLU A 762 -24.27 32.83 38.31
N GLU A 763 -24.13 32.33 37.09
CA GLU A 763 -24.42 33.14 35.92
C GLU A 763 -25.91 33.17 35.61
N TYR A 764 -26.62 32.07 35.87
CA TYR A 764 -28.08 32.11 35.75
C TYR A 764 -28.70 33.01 36.81
N ARG A 765 -28.09 33.07 38.00
CA ARG A 765 -28.53 34.00 39.03
C ARG A 765 -28.34 35.44 38.58
N LYS A 766 -27.24 35.71 37.85
CA LYS A 766 -27.02 37.04 37.31
C LYS A 766 -27.99 37.36 36.18
N TRP A 767 -28.37 36.35 35.40
CA TRP A 767 -29.34 36.57 34.31
C TRP A 767 -30.68 37.01 34.86
N LYS A 768 -31.12 36.43 35.98
CA LYS A 768 -32.41 36.77 36.57
C LYS A 768 -32.38 38.09 37.34
N SER A 769 -31.22 38.71 37.49
CA SER A 769 -31.08 39.92 38.28
C SER A 769 -30.74 41.15 37.45
N MET A 770 -30.62 41.01 36.14
CA MET A 770 -30.24 42.13 35.28
C MET A 770 -31.43 42.56 34.41
N SER A 771 -31.60 43.87 34.27
CA SER A 771 -32.68 44.44 33.49
C SER A 771 -32.23 45.16 32.23
N ASN A 772 -31.04 45.75 32.24
CA ASN A 772 -30.54 46.49 31.09
C ASN A 772 -30.16 45.51 29.98
N GLU A 773 -30.84 45.61 28.84
CA GLU A 773 -30.60 44.68 27.73
C GLU A 773 -29.17 44.80 27.21
N ASN A 774 -28.66 46.03 27.10
CA ASN A 774 -27.31 46.23 26.59
C ASN A 774 -26.26 45.64 27.53
N ASP A 775 -26.49 45.70 28.83
CA ASP A 775 -25.58 45.06 29.78
C ASP A 775 -25.67 43.54 29.67
N ILE A 776 -26.89 43.02 29.49
CA ILE A 776 -27.07 41.57 29.38
C ILE A 776 -26.38 41.04 28.13
N ILE A 777 -26.60 41.70 26.99
CA ILE A 777 -26.05 41.22 25.72
C ILE A 777 -24.53 41.33 25.74
N THR A 778 -23.99 42.41 26.31
CA THR A 778 -22.54 42.57 26.35
C THR A 778 -21.88 41.52 27.23
N HIS A 779 -22.52 41.17 28.35
CA HIS A 779 -21.91 40.25 29.31
C HIS A 779 -21.99 38.80 28.81
N PHE A 780 -23.20 38.34 28.51
CA PHE A 780 -23.43 36.94 28.16
C PHE A 780 -22.98 36.60 26.73
N SER A 781 -22.39 37.55 26.00
CA SER A 781 -21.84 37.28 24.68
C SER A 781 -20.40 37.76 24.57
N MET A 782 -19.71 37.91 25.70
CA MET A 782 -18.36 38.43 25.71
C MET A 782 -17.37 37.36 25.23
N GLN A 783 -16.54 37.73 24.25
CA GLN A 783 -15.54 36.81 23.74
C GLN A 783 -14.48 36.54 24.80
N GLY A 784 -14.22 35.26 25.06
CA GLY A 784 -13.24 34.85 26.04
C GLY A 784 -13.83 34.41 27.37
N SER A 785 -15.10 34.74 27.63
CA SER A 785 -15.76 34.34 28.85
C SER A 785 -16.19 32.88 28.79
N PRO A 786 -16.45 32.25 29.93
CA PRO A 786 -16.90 30.84 29.92
C PRO A 786 -18.13 30.66 29.05
N PRO A 787 -18.10 29.68 28.14
CA PRO A 787 -19.22 29.44 27.21
C PRO A 787 -20.38 28.68 27.86
N LEU A 788 -21.23 29.42 28.56
CA LEU A 788 -22.27 28.83 29.41
C LEU A 788 -23.68 29.16 28.96
N PHE A 789 -23.86 29.80 27.81
CA PHE A 789 -25.19 30.31 27.48
C PHE A 789 -26.16 29.18 27.12
N LEU A 790 -25.67 28.12 26.47
CA LEU A 790 -26.53 26.97 26.21
C LEU A 790 -26.97 26.33 27.52
N CYS A 791 -26.10 26.33 28.53
CA CYS A 791 -26.50 25.89 29.86
C CYS A 791 -27.54 26.83 30.45
N LEU A 792 -27.41 28.14 30.17
CA LEU A 792 -28.38 29.11 30.68
C LEU A 792 -29.74 28.92 30.02
N LEU A 793 -29.76 28.81 28.68
CA LEU A 793 -31.01 28.50 27.98
C LEU A 793 -31.61 27.22 28.53
N TRP A 794 -30.77 26.24 28.86
CA TRP A 794 -31.26 25.04 29.54
C TRP A 794 -31.91 25.39 30.87
N LYS A 795 -31.25 26.26 31.66
CA LYS A 795 -31.81 26.63 32.95
C LYS A 795 -33.07 27.47 32.82
N MET A 796 -33.17 28.29 31.77
CA MET A 796 -34.32 29.17 31.62
C MET A 796 -35.60 28.37 31.37
N LEU A 797 -35.62 27.58 30.30
CA LEU A 797 -36.81 26.80 29.97
C LEU A 797 -36.96 25.54 30.82
N LEU A 798 -36.08 25.33 31.79
CA LEU A 798 -36.29 24.29 32.80
C LEU A 798 -37.14 24.79 33.95
N GLU A 799 -37.00 26.07 34.32
CA GLU A 799 -37.78 26.68 35.38
C GLU A 799 -38.98 27.45 34.83
N THR A 800 -38.73 28.44 33.98
CA THR A 800 -39.78 29.29 33.43
C THR A 800 -40.43 28.71 32.18
N ASP A 801 -39.81 27.70 31.56
CA ASP A 801 -40.33 27.04 30.35
C ASP A 801 -40.41 27.98 29.16
N HIS A 802 -39.66 29.08 29.16
CA HIS A 802 -39.60 29.98 28.02
C HIS A 802 -38.34 30.84 28.14
N ILE A 803 -38.04 31.57 27.06
CA ILE A 803 -36.83 32.37 26.96
C ILE A 803 -37.20 33.79 26.57
N ASN A 804 -36.50 34.77 27.14
CA ASN A 804 -36.77 36.17 26.87
C ASN A 804 -36.29 36.55 25.47
N GLN A 805 -36.69 37.75 25.03
CA GLN A 805 -36.27 38.25 23.73
C GLN A 805 -34.77 38.48 23.68
N ILE A 806 -34.15 38.80 24.82
CA ILE A 806 -32.71 38.95 24.86
C ILE A 806 -32.02 37.61 24.64
N GLY A 807 -32.69 36.51 24.99
CA GLY A 807 -32.11 35.20 24.79
C GLY A 807 -31.77 34.91 23.33
N TYR A 808 -32.60 35.41 22.41
CA TYR A 808 -32.29 35.26 21.00
C TYR A 808 -31.18 36.23 20.57
N ARG A 809 -31.21 37.45 21.10
CA ARG A 809 -30.20 38.44 20.70
C ARG A 809 -28.82 38.05 21.18
N VAL A 810 -28.71 37.39 22.34
CA VAL A 810 -27.40 36.94 22.82
C VAL A 810 -26.84 35.88 21.89
N LEU A 811 -27.66 34.90 21.51
CA LEU A 811 -27.22 33.89 20.54
C LEU A 811 -26.80 34.53 19.23
N GLU A 812 -27.58 35.51 18.76
CA GLU A 812 -27.28 36.15 17.48
C GLU A 812 -25.94 36.85 17.50
N ARG A 813 -25.51 37.35 18.67
CA ARG A 813 -24.25 38.08 18.78
C ARG A 813 -23.06 37.17 19.02
N ILE A 814 -23.26 35.98 19.59
CA ILE A 814 -22.15 35.07 19.84
C ILE A 814 -21.52 34.63 18.52
N GLY A 815 -22.35 34.24 17.57
CA GLY A 815 -21.86 33.80 16.27
C GLY A 815 -21.77 32.29 16.18
N ALA A 816 -21.85 31.79 14.93
CA ALA A 816 -21.82 30.35 14.71
C ALA A 816 -20.48 29.75 15.10
N ARG A 817 -19.38 30.47 14.83
CA ARG A 817 -18.05 29.93 15.11
C ARG A 817 -17.81 29.82 16.60
N ALA A 818 -18.13 30.87 17.36
CA ALA A 818 -17.91 30.86 18.80
C ALA A 818 -18.95 30.03 19.55
N LEU A 819 -20.00 29.56 18.88
CA LEU A 819 -21.06 28.83 19.56
C LEU A 819 -20.71 27.37 19.81
N VAL A 820 -19.77 26.80 19.07
CA VAL A 820 -19.41 25.39 19.26
C VAL A 820 -18.83 25.18 20.66
N ALA A 821 -18.11 26.18 21.17
CA ALA A 821 -17.63 26.09 22.55
C ALA A 821 -18.78 25.99 23.53
N HIS A 822 -19.86 26.74 23.27
CA HIS A 822 -21.05 26.65 24.11
C HIS A 822 -21.67 25.26 24.03
N VAL A 823 -21.75 24.68 22.82
CA VAL A 823 -22.23 23.32 22.69
C VAL A 823 -21.28 22.34 23.37
N ARG A 824 -19.98 22.64 23.34
CA ARG A 824 -18.99 21.76 23.96
C ARG A 824 -19.16 21.75 25.48
N THR A 825 -19.28 22.93 26.08
CA THR A 825 -19.49 23.00 27.54
C THR A 825 -20.89 22.51 27.91
N PHE A 826 -21.89 22.81 27.09
CA PHE A 826 -23.24 22.32 27.34
C PHE A 826 -23.27 20.79 27.36
N ALA A 827 -22.40 20.15 26.59
CA ALA A 827 -22.33 18.68 26.60
C ALA A 827 -21.85 18.18 27.97
N ASP A 828 -20.78 18.78 28.49
CA ASP A 828 -20.32 18.41 29.84
C ASP A 828 -21.39 18.67 30.88
N PHE A 829 -22.07 19.82 30.78
CA PHE A 829 -23.09 20.17 31.75
C PHE A 829 -24.27 19.19 31.69
N LEU A 830 -24.62 18.74 30.49
CA LEU A 830 -25.67 17.73 30.35
C LEU A 830 -25.28 16.44 31.06
N VAL A 831 -23.99 16.07 31.01
CA VAL A 831 -23.53 14.86 31.66
C VAL A 831 -23.69 14.99 33.18
N TYR A 832 -23.28 16.12 33.74
CA TYR A 832 -23.42 16.33 35.18
C TYR A 832 -24.88 16.35 35.60
N GLU A 833 -25.74 16.94 34.77
CA GLU A 833 -27.15 17.04 35.11
C GLU A 833 -27.81 15.67 35.15
N PHE A 834 -27.56 14.84 34.14
CA PHE A 834 -28.15 13.50 34.11
C PHE A 834 -27.49 12.57 35.12
N SER A 835 -26.20 12.76 35.40
CA SER A 835 -25.51 11.89 36.34
C SER A 835 -25.95 12.14 37.78
N THR A 836 -26.34 13.37 38.11
CA THR A 836 -26.81 13.74 39.43
C THR A 836 -28.27 14.15 39.31
N SER A 837 -29.15 13.16 39.22
CA SER A 837 -30.56 13.42 38.97
C SER A 837 -31.39 12.29 39.53
N ALA A 838 -32.51 12.64 40.17
CA ALA A 838 -33.50 11.65 40.55
C ALA A 838 -34.31 11.23 39.32
N GLY A 839 -34.76 9.98 39.32
CA GLY A 839 -35.56 9.46 38.22
C GLY A 839 -36.95 10.05 38.14
N GLY A 840 -37.82 9.40 37.37
CA GLY A 840 -39.19 9.87 37.23
C GLY A 840 -39.34 11.13 36.40
N GLN A 841 -40.19 12.04 36.86
CA GLN A 841 -40.48 13.25 36.09
C GLN A 841 -39.29 14.20 36.06
N GLN A 842 -38.44 14.18 37.10
CA GLN A 842 -37.26 15.03 37.10
C GLN A 842 -36.29 14.64 35.98
N LEU A 843 -36.26 13.35 35.62
CA LEU A 843 -35.39 12.93 34.53
C LEU A 843 -36.07 13.09 33.17
N ASN A 844 -37.36 12.76 33.09
CA ASN A 844 -38.11 12.91 31.85
C ASN A 844 -38.33 14.36 31.47
N LYS A 845 -38.20 15.28 32.43
CA LYS A 845 -38.26 16.71 32.10
C LYS A 845 -36.99 17.14 31.39
N CYS A 846 -35.84 16.61 31.81
CA CYS A 846 -34.57 16.94 31.15
C CYS A 846 -34.56 16.45 29.71
N ILE A 847 -35.08 15.25 29.46
CA ILE A 847 -35.15 14.72 28.10
C ILE A 847 -36.10 15.55 27.25
N GLU A 848 -37.23 15.96 27.83
CA GLU A 848 -38.23 16.72 27.08
C GLU A 848 -37.65 18.05 26.60
N ILE A 849 -36.91 18.75 27.45
CA ILE A 849 -36.39 20.06 27.07
C ILE A 849 -35.12 19.92 26.24
N LEU A 850 -34.36 18.84 26.41
CA LEU A 850 -33.19 18.62 25.58
C LEU A 850 -33.58 18.42 24.12
N ASN A 851 -34.70 17.74 23.88
CA ASN A 851 -35.22 17.63 22.52
C ASN A 851 -35.82 18.94 22.04
N ASP A 852 -36.40 19.73 22.96
CA ASP A 852 -36.98 21.01 22.57
C ASP A 852 -35.91 21.97 22.07
N MET A 853 -34.75 21.99 22.74
CA MET A 853 -33.66 22.86 22.30
C MET A 853 -33.13 22.46 20.93
N VAL A 854 -33.43 21.26 20.46
CA VAL A 854 -32.97 20.80 19.15
C VAL A 854 -34.07 21.01 18.12
N TRP A 855 -35.25 20.46 18.38
CA TRP A 855 -36.33 20.42 17.39
C TRP A 855 -37.36 21.53 17.54
N LYS A 856 -37.60 22.00 18.76
CA LYS A 856 -38.61 23.03 18.98
C LYS A 856 -38.03 24.44 18.81
N TYR A 857 -36.94 24.73 19.50
CA TYR A 857 -36.33 26.05 19.46
C TYR A 857 -35.19 26.14 18.45
N ASN A 858 -34.70 25.01 17.96
CA ASN A 858 -33.63 24.97 16.95
C ASN A 858 -32.39 25.73 17.43
N ILE A 859 -31.95 25.42 18.64
CA ILE A 859 -30.78 26.07 19.21
C ILE A 859 -29.51 25.41 18.71
N VAL A 860 -29.50 24.08 18.64
CA VAL A 860 -28.37 23.32 18.13
C VAL A 860 -28.91 22.14 17.32
N THR A 861 -28.23 21.82 16.23
CA THR A 861 -28.66 20.70 15.41
C THR A 861 -28.29 19.37 16.06
N LEU A 862 -28.99 18.31 15.65
CA LEU A 862 -28.80 17.01 16.29
C LEU A 862 -27.39 16.49 16.06
N ASP A 863 -26.86 16.65 14.85
CA ASP A 863 -25.53 16.13 14.55
C ASP A 863 -24.44 16.96 15.21
N ARG A 864 -24.70 18.25 15.44
CA ARG A 864 -23.72 19.08 16.15
C ARG A 864 -23.69 18.74 17.63
N LEU A 865 -24.84 18.44 18.22
CA LEU A 865 -24.90 18.14 19.64
C LEU A 865 -24.33 16.75 19.94
N ILE A 866 -24.67 15.76 19.11
CA ILE A 866 -24.23 14.39 19.38
C ILE A 866 -22.75 14.22 19.05
N LEU A 867 -22.25 14.93 18.04
CA LEU A 867 -20.81 14.91 17.78
C LEU A 867 -20.03 15.43 18.97
N CYS A 868 -20.48 16.53 19.58
CA CYS A 868 -19.79 17.05 20.76
C CYS A 868 -19.86 16.08 21.93
N LEU A 869 -21.02 15.43 22.13
CA LEU A 869 -21.15 14.46 23.21
C LEU A 869 -20.18 13.30 23.02
N ALA A 870 -20.10 12.76 21.80
CA ALA A 870 -19.20 11.65 21.52
C ALA A 870 -17.73 12.05 21.57
N MET A 871 -17.43 13.35 21.57
CA MET A 871 -16.05 13.83 21.61
C MET A 871 -15.66 14.35 22.99
N ARG A 872 -16.17 13.74 24.05
CA ARG A 872 -15.86 14.15 25.41
C ARG A 872 -14.92 13.14 26.07
N SER A 873 -14.38 13.54 27.21
CA SER A 873 -13.38 12.76 27.94
C SER A 873 -13.91 12.24 29.28
N HIS A 874 -15.18 11.86 29.33
CA HIS A 874 -15.77 11.35 30.55
C HIS A 874 -15.32 9.92 30.81
N GLU A 875 -15.26 9.56 32.09
CA GLU A 875 -14.78 8.25 32.52
C GLU A 875 -15.89 7.50 33.26
N GLY A 876 -15.85 6.17 33.13
CA GLY A 876 -16.71 5.32 33.94
C GLY A 876 -18.19 5.60 33.74
N ASN A 877 -18.90 5.78 34.86
CA ASN A 877 -20.34 6.03 34.80
C ASN A 877 -20.66 7.35 34.12
N GLU A 878 -19.79 8.36 34.28
CA GLU A 878 -19.99 9.62 33.58
C GLU A 878 -20.02 9.41 32.07
N ALA A 879 -19.17 8.52 31.56
CA ALA A 879 -19.18 8.21 30.13
C ALA A 879 -20.42 7.42 29.76
N GLN A 880 -20.88 6.53 30.64
CA GLN A 880 -22.12 5.80 30.39
C GLN A 880 -23.30 6.76 30.30
N VAL A 881 -23.30 7.80 31.14
CA VAL A 881 -24.36 8.81 31.08
C VAL A 881 -24.27 9.60 29.79
N CYS A 882 -23.05 9.98 29.39
CA CYS A 882 -22.87 10.74 28.16
C CYS A 882 -23.39 9.97 26.95
N TYR A 883 -23.10 8.67 26.89
CA TYR A 883 -23.59 7.87 25.77
C TYR A 883 -25.07 7.57 25.91
N PHE A 884 -25.59 7.53 27.15
CA PHE A 884 -27.01 7.37 27.35
C PHE A 884 -27.77 8.60 26.86
N ILE A 885 -27.18 9.78 26.99
CA ILE A 885 -27.80 11.00 26.46
C ILE A 885 -27.86 10.92 24.94
N ILE A 886 -26.83 10.37 24.31
CA ILE A 886 -26.82 10.21 22.86
C ILE A 886 -27.93 9.26 22.42
N GLN A 887 -28.12 8.17 23.16
CA GLN A 887 -29.19 7.22 22.83
C GLN A 887 -30.55 7.86 22.99
N LEU A 888 -30.73 8.68 24.03
CA LEU A 888 -32.01 9.35 24.25
C LEU A 888 -32.32 10.31 23.10
N LEU A 889 -31.35 11.14 22.72
CA LEU A 889 -31.56 12.09 21.64
C LEU A 889 -31.95 11.40 20.34
N LEU A 890 -31.44 10.20 20.09
CA LEU A 890 -31.67 9.53 18.82
C LEU A 890 -32.99 8.76 18.82
N LEU A 891 -33.26 8.01 19.89
CA LEU A 891 -34.35 7.04 19.87
C LEU A 891 -35.58 7.46 20.66
N LYS A 892 -35.42 8.25 21.73
CA LYS A 892 -36.54 8.53 22.62
C LYS A 892 -37.66 9.31 21.92
N PRO A 893 -37.43 10.46 21.30
CA PRO A 893 -38.51 11.16 20.61
C PRO A 893 -38.76 10.56 19.24
N ASN A 894 -39.79 11.08 18.56
CA ASN A 894 -40.13 10.66 17.21
C ASN A 894 -39.50 11.53 16.13
N ASP A 895 -38.77 12.58 16.53
CA ASP A 895 -38.33 13.58 15.56
C ASP A 895 -37.29 13.02 14.59
N PHE A 896 -36.37 12.21 15.09
CA PHE A 896 -35.29 11.72 14.22
C PHE A 896 -35.60 10.37 13.60
N ARG A 897 -36.28 9.48 14.34
CA ARG A 897 -36.62 8.17 13.77
C ARG A 897 -37.56 8.29 12.58
N ASN A 898 -38.47 9.27 12.61
CA ASN A 898 -39.36 9.47 11.47
C ASN A 898 -38.61 10.01 10.27
N ARG A 899 -37.67 10.93 10.49
CA ARG A 899 -36.87 11.47 9.39
C ARG A 899 -36.05 10.38 8.72
N VAL A 900 -35.44 9.49 9.51
CA VAL A 900 -34.61 8.44 8.94
C VAL A 900 -35.47 7.39 8.25
N SER A 901 -36.63 7.05 8.82
CA SER A 901 -37.49 6.03 8.23
C SER A 901 -38.04 6.48 6.89
N ASP A 902 -38.43 7.75 6.76
CA ASP A 902 -38.99 8.23 5.51
C ASP A 902 -37.92 8.45 4.46
N PHE A 903 -36.75 8.96 4.86
CA PHE A 903 -35.69 9.21 3.89
C PHE A 903 -35.16 7.91 3.29
N VAL A 904 -34.98 6.88 4.13
CA VAL A 904 -34.47 5.61 3.64
C VAL A 904 -35.51 4.91 2.78
N LYS A 905 -36.77 4.94 3.19
CA LYS A 905 -37.82 4.21 2.48
C LYS A 905 -38.08 4.79 1.10
N GLU A 906 -37.85 6.08 0.90
CA GLU A 906 -38.27 6.78 -0.31
C GLU A 906 -37.12 7.23 -1.20
N ASN A 907 -35.87 6.93 -0.85
CA ASN A 907 -34.74 7.44 -1.61
C ASN A 907 -33.70 6.36 -1.82
N SER A 908 -32.92 6.52 -2.90
CA SER A 908 -31.88 5.60 -3.29
C SER A 908 -30.53 6.31 -3.37
N PRO A 909 -29.43 5.63 -3.02
CA PRO A 909 -28.13 6.30 -2.99
C PRO A 909 -27.44 6.42 -4.34
N GLU A 910 -27.99 5.82 -5.40
CA GLU A 910 -27.38 5.89 -6.73
C GLU A 910 -27.81 7.20 -7.39
N HIS A 911 -27.09 8.26 -7.03
CA HIS A 911 -27.43 9.58 -7.56
C HIS A 911 -27.09 9.70 -9.05
N TRP A 912 -26.09 8.96 -9.51
CA TRP A 912 -25.66 9.03 -10.90
C TRP A 912 -26.64 8.35 -11.86
N LEU A 913 -27.58 7.56 -11.35
CA LEU A 913 -28.60 6.93 -12.16
C LEU A 913 -29.96 7.64 -12.05
N GLN A 914 -30.03 8.70 -11.27
CA GLN A 914 -31.29 9.32 -10.90
C GLN A 914 -31.51 10.60 -11.69
N ASN A 915 -32.74 10.79 -12.18
CA ASN A 915 -33.12 12.00 -12.88
C ASN A 915 -34.06 12.89 -12.09
N ASP A 916 -34.51 12.45 -10.92
CA ASP A 916 -35.48 13.18 -10.12
C ASP A 916 -35.03 13.28 -8.67
N TRP A 917 -33.75 13.58 -8.44
CA TRP A 917 -33.29 13.73 -7.07
C TRP A 917 -33.82 15.00 -6.43
N HIS A 918 -33.80 16.12 -7.18
CA HIS A 918 -34.22 17.39 -6.61
C HIS A 918 -35.68 17.34 -6.15
N THR A 919 -36.53 16.61 -6.87
CA THR A 919 -37.91 16.44 -6.45
C THR A 919 -37.98 15.66 -5.14
N LYS A 920 -37.37 14.47 -5.11
CA LYS A 920 -37.32 13.70 -3.88
C LYS A 920 -36.56 14.44 -2.79
N HIS A 921 -35.66 15.34 -3.16
CA HIS A 921 -34.95 16.16 -2.17
C HIS A 921 -35.86 17.22 -1.57
N MET A 922 -36.69 17.85 -2.40
CA MET A 922 -37.61 18.86 -1.91
C MET A 922 -38.75 18.25 -1.10
N ASN A 923 -39.17 17.03 -1.45
CA ASN A 923 -40.25 16.39 -0.72
C ASN A 923 -39.85 16.12 0.73
N TYR A 924 -38.58 15.79 0.97
CA TYR A 924 -38.11 15.61 2.33
C TYR A 924 -38.10 16.94 3.08
N HIS A 925 -37.47 17.96 2.50
CA HIS A 925 -37.36 19.25 3.17
C HIS A 925 -38.71 19.92 3.36
N LYS A 926 -39.67 19.65 2.48
CA LYS A 926 -41.01 20.17 2.67
C LYS A 926 -41.76 19.43 3.78
N LYS A 927 -41.36 18.20 4.09
CA LYS A 927 -41.98 17.42 5.15
C LYS A 927 -41.28 17.61 6.49
N TYR A 928 -39.95 17.75 6.48
CA TYR A 928 -39.16 17.96 7.70
C TYR A 928 -38.24 19.15 7.49
N PRO A 929 -38.78 20.37 7.55
CA PRO A 929 -37.94 21.55 7.37
C PRO A 929 -36.90 21.67 8.48
N GLU A 930 -35.71 22.10 8.10
CA GLU A 930 -34.60 22.28 9.02
C GLU A 930 -34.33 23.77 9.20
N LYS A 931 -34.35 24.22 10.45
CA LYS A 931 -34.21 25.63 10.78
C LYS A 931 -32.78 25.86 11.29
N LEU A 932 -31.98 26.57 10.50
CA LEU A 932 -30.57 26.76 10.78
C LEU A 932 -30.24 28.16 11.28
N TYR A 933 -31.24 28.94 11.68
CA TYR A 933 -31.00 30.31 12.16
C TYR A 933 -31.87 30.60 13.37
N PHE A 934 -32.03 29.60 14.25
CA PHE A 934 -32.78 29.74 15.50
C PHE A 934 -34.20 30.23 15.25
N GLU A 935 -34.83 29.73 14.18
CA GLU A 935 -36.18 30.18 13.85
C GLU A 935 -37.17 29.82 14.95
N GLY A 936 -37.11 28.58 15.43
CA GLY A 936 -38.02 28.16 16.49
C GLY A 936 -37.91 29.02 17.73
N LEU A 937 -36.69 29.42 18.09
CA LEU A 937 -36.50 30.30 19.23
C LEU A 937 -37.10 31.68 18.97
N ALA A 938 -36.80 32.27 17.81
CA ALA A 938 -37.29 33.61 17.50
C ALA A 938 -38.79 33.63 17.24
N GLU A 939 -39.40 32.49 16.93
CA GLU A 939 -40.83 32.44 16.65
C GLU A 939 -41.67 32.27 17.91
N GLN A 940 -41.13 31.64 18.95
CA GLN A 940 -41.86 31.43 20.20
C GLN A 940 -41.37 32.36 21.31
N VAL A 941 -40.63 33.40 20.95
CA VAL A 941 -40.15 34.36 21.94
C VAL A 941 -41.25 35.38 22.23
N ASP A 942 -41.10 36.11 23.34
CA ASP A 942 -42.19 36.94 23.84
C ASP A 942 -42.64 37.99 22.83
N PRO A 943 -41.76 38.84 22.28
CA PRO A 943 -42.12 39.56 21.06
C PRO A 943 -41.47 38.91 19.85
N PRO A 944 -42.25 38.19 19.02
CA PRO A 944 -41.66 37.38 17.95
C PRO A 944 -40.66 38.12 17.06
N VAL A 945 -39.39 37.79 17.21
CA VAL A 945 -38.33 38.40 16.42
C VAL A 945 -38.43 37.87 14.99
N GLN A 946 -38.91 38.70 14.07
CA GLN A 946 -39.02 38.30 12.68
C GLN A 946 -37.63 38.09 12.10
N ILE A 947 -37.43 36.93 11.47
CA ILE A 947 -36.15 36.56 10.87
C ILE A 947 -36.34 36.45 9.38
N GLN A 948 -35.39 37.03 8.62
CA GLN A 948 -35.44 36.99 7.17
C GLN A 948 -34.05 36.73 6.58
N SER A 949 -33.21 36.01 7.30
CA SER A 949 -31.88 35.68 6.80
C SER A 949 -32.01 34.74 5.61
N PRO A 950 -31.39 35.05 4.47
CA PRO A 950 -31.53 34.18 3.29
C PRO A 950 -30.68 32.93 3.43
N TYR A 951 -31.28 31.79 3.13
CA TYR A 951 -30.55 30.53 3.17
C TYR A 951 -29.62 30.41 1.97
N LEU A 952 -28.56 29.64 2.14
CA LEU A 952 -27.67 29.28 1.06
C LEU A 952 -28.18 28.03 0.36
N PRO A 953 -27.75 27.78 -0.88
CA PRO A 953 -28.30 26.65 -1.64
C PRO A 953 -28.03 25.30 -0.98
N ILE A 954 -29.08 24.49 -0.87
CA ILE A 954 -28.99 23.12 -0.37
C ILE A 954 -29.53 22.22 -1.47
N TYR A 955 -28.64 21.45 -2.10
CA TYR A 955 -29.06 20.55 -3.18
C TYR A 955 -29.15 19.10 -2.75
N PHE A 956 -28.39 18.67 -1.76
CA PHE A 956 -28.31 17.26 -1.44
C PHE A 956 -28.48 16.95 0.04
N GLY A 957 -27.87 17.75 0.92
CA GLY A 957 -27.73 17.36 2.30
C GLY A 957 -29.00 17.52 3.12
N ASN A 958 -29.03 16.82 4.25
CA ASN A 958 -30.07 16.94 5.26
C ASN A 958 -29.50 16.45 6.58
N VAL A 959 -30.34 16.42 7.62
CA VAL A 959 -29.85 16.05 8.94
C VAL A 959 -29.53 14.56 9.01
N CYS A 960 -30.26 13.73 8.25
CA CYS A 960 -30.00 12.30 8.27
C CYS A 960 -28.62 11.97 7.67
N LEU A 961 -28.30 12.59 6.53
CA LEU A 961 -27.01 12.37 5.90
C LEU A 961 -25.88 13.06 6.64
N ARG A 962 -26.15 14.22 7.24
CA ARG A 962 -25.12 14.90 8.02
C ARG A 962 -24.74 14.11 9.27
N PHE A 963 -25.67 13.31 9.79
CA PHE A 963 -25.40 12.52 10.99
C PHE A 963 -24.65 11.23 10.69
N LEU A 964 -24.73 10.73 9.45
CA LEU A 964 -24.09 9.46 9.12
C LEU A 964 -22.59 9.46 9.40
N PRO A 965 -21.81 10.50 9.08
CA PRO A 965 -20.41 10.50 9.52
C PRO A 965 -20.25 10.47 11.03
N VAL A 966 -21.14 11.16 11.76
CA VAL A 966 -21.07 11.13 13.23
C VAL A 966 -21.52 9.77 13.75
N PHE A 967 -22.47 9.12 13.07
CA PHE A 967 -22.89 7.78 13.46
C PHE A 967 -21.71 6.81 13.44
N ASP A 968 -20.81 6.98 12.46
CA ASP A 968 -19.60 6.17 12.43
C ASP A 968 -18.78 6.34 13.70
N ILE A 969 -18.76 7.56 14.24
CA ILE A 969 -17.98 7.84 15.44
C ILE A 969 -18.72 7.36 16.70
N VAL A 970 -20.05 7.51 16.71
CA VAL A 970 -20.83 7.08 17.87
C VAL A 970 -20.70 5.58 18.09
N ILE A 971 -20.68 4.80 17.01
CA ILE A 971 -20.57 3.35 17.13
C ILE A 971 -19.23 2.96 17.74
N HIS A 972 -18.15 3.64 17.34
CA HIS A 972 -16.84 3.31 17.87
C HIS A 972 -16.76 3.60 19.38
N ARG A 973 -17.40 4.68 19.83
CA ARG A 973 -17.37 5.01 21.25
C ARG A 973 -18.13 3.97 22.07
N PHE A 974 -19.22 3.44 21.51
CA PHE A 974 -20.01 2.45 22.26
C PHE A 974 -19.26 1.12 22.35
N LEU A 975 -18.55 0.74 21.28
CA LEU A 975 -17.74 -0.48 21.32
C LEU A 975 -16.65 -0.40 22.37
N GLU A 976 -16.12 0.81 22.61
CA GLU A 976 -15.01 0.96 23.55
C GLU A 976 -15.49 0.89 25.00
N LEU A 977 -16.74 1.23 25.28
CA LEU A 977 -17.29 1.20 26.62
C LEU A 977 -18.15 -0.05 26.76
N LEU A 978 -17.67 -1.00 27.56
CA LEU A 978 -18.32 -2.31 27.63
C LEU A 978 -19.74 -2.28 28.21
N PRO A 979 -20.05 -1.51 29.27
CA PRO A 979 -21.44 -1.52 29.78
C PRO A 979 -22.45 -0.90 28.84
N VAL A 980 -22.03 -0.18 27.80
CA VAL A 980 -22.96 0.46 26.88
C VAL A 980 -23.17 -0.46 25.68
N SER A 981 -23.12 -1.76 25.92
CA SER A 981 -23.22 -2.72 24.83
C SER A 981 -24.64 -2.81 24.29
N LYS A 982 -25.62 -2.99 25.18
CA LYS A 982 -26.99 -3.26 24.74
C LYS A 982 -27.58 -2.08 23.96
N SER A 983 -27.27 -0.85 24.39
CA SER A 983 -27.84 0.31 23.72
C SER A 983 -27.36 0.44 22.28
N LEU A 984 -26.16 -0.08 21.99
CA LEU A 984 -25.68 -0.05 20.61
C LEU A 984 -26.52 -0.95 19.71
N GLU A 985 -27.03 -2.06 20.24
CA GLU A 985 -27.89 -2.93 19.44
C GLU A 985 -29.19 -2.25 19.07
N THR A 986 -29.73 -1.40 19.94
CA THR A 986 -30.97 -0.71 19.63
C THR A 986 -30.77 0.38 18.57
N LEU A 987 -29.60 1.02 18.57
CA LEU A 987 -29.30 2.01 17.54
C LEU A 987 -29.28 1.37 16.16
N LEU A 988 -28.58 0.23 16.04
CA LEU A 988 -28.49 -0.45 14.75
C LEU A 988 -29.84 -1.00 14.30
N ASP A 989 -30.72 -1.33 15.25
CA ASP A 989 -32.04 -1.82 14.88
C ASP A 989 -32.91 -0.71 14.32
N HIS A 990 -32.87 0.48 14.93
CA HIS A 990 -33.72 1.57 14.48
C HIS A 990 -33.08 2.38 13.35
N LEU A 991 -31.83 2.79 13.54
CA LEU A 991 -31.15 3.70 12.63
C LEU A 991 -30.11 3.01 11.75
N GLY A 992 -30.08 1.67 11.76
CA GLY A 992 -29.09 0.97 10.96
C GLY A 992 -29.33 1.10 9.47
N GLY A 993 -30.59 1.20 9.05
CA GLY A 993 -30.91 1.36 7.64
C GLY A 993 -30.39 2.62 7.01
N LEU A 994 -29.92 3.58 7.82
CA LEU A 994 -29.36 4.80 7.28
C LEU A 994 -28.07 4.55 6.49
N TYR A 995 -27.40 3.42 6.74
CA TYR A 995 -26.17 3.11 6.02
C TYR A 995 -26.39 2.72 4.57
N LYS A 996 -27.64 2.75 4.08
CA LYS A 996 -27.88 2.62 2.66
C LYS A 996 -27.19 3.74 1.89
N PHE A 997 -27.11 4.94 2.48
CA PHE A 997 -26.55 6.10 1.83
C PHE A 997 -25.10 6.35 2.23
N HIS A 998 -24.47 5.42 2.93
CA HIS A 998 -23.06 5.55 3.27
C HIS A 998 -22.22 5.44 2.00
N ASP A 999 -21.12 6.17 1.97
CA ASP A 999 -20.31 6.18 0.76
C ASP A 999 -19.31 5.02 0.73
N ARG A 1000 -18.89 4.53 1.90
CA ARG A 1000 -17.89 3.45 2.00
C ARG A 1000 -18.31 2.47 3.09
N PRO A 1001 -19.45 1.78 2.91
CA PRO A 1001 -19.93 0.89 3.97
C PRO A 1001 -19.02 -0.30 4.22
N VAL A 1002 -18.51 -0.94 3.17
CA VAL A 1002 -17.61 -2.07 3.36
C VAL A 1002 -16.29 -1.62 3.98
N THR A 1003 -15.79 -0.45 3.56
CA THR A 1003 -14.55 0.06 4.12
C THR A 1003 -14.71 0.41 5.60
N TYR A 1004 -15.88 0.95 5.98
CA TYR A 1004 -16.11 1.26 7.38
C TYR A 1004 -16.11 0.00 8.24
N LEU A 1005 -16.80 -1.04 7.78
CA LEU A 1005 -16.79 -2.31 8.51
C LEU A 1005 -15.40 -2.90 8.59
N TYR A 1006 -14.62 -2.79 7.51
CA TYR A 1006 -13.26 -3.33 7.53
C TYR A 1006 -12.42 -2.67 8.61
N ASN A 1007 -12.44 -1.33 8.67
CA ASN A 1007 -11.66 -0.63 9.68
C ASN A 1007 -12.19 -0.90 11.08
N THR A 1008 -13.52 -0.94 11.24
CA THR A 1008 -14.11 -1.14 12.56
C THR A 1008 -13.73 -2.51 13.13
N LEU A 1009 -13.91 -3.57 12.33
CA LEU A 1009 -13.60 -4.91 12.81
C LEU A 1009 -12.10 -5.08 13.04
N HIS A 1010 -11.27 -4.55 12.14
CA HIS A 1010 -9.83 -4.68 12.27
C HIS A 1010 -9.32 -3.91 13.49
N TYR A 1011 -9.82 -2.69 13.69
CA TYR A 1011 -9.35 -1.86 14.80
C TYR A 1011 -9.83 -2.38 16.16
N TYR A 1012 -11.03 -2.96 16.20
CA TYR A 1012 -11.64 -3.42 17.44
C TYR A 1012 -11.69 -4.95 17.53
N GLU A 1013 -10.62 -5.62 17.08
CA GLU A 1013 -10.58 -7.07 17.17
C GLU A 1013 -10.55 -7.52 18.62
N MET A 1014 -9.86 -6.78 19.48
CA MET A 1014 -9.75 -7.16 20.89
C MET A 1014 -11.10 -7.01 21.61
N HIS A 1015 -11.89 -6.01 21.23
CA HIS A 1015 -13.15 -5.72 21.90
C HIS A 1015 -14.34 -6.42 21.25
N LEU A 1016 -14.15 -7.13 20.15
CA LEU A 1016 -15.22 -7.86 19.48
C LEU A 1016 -14.99 -9.35 19.40
N ARG A 1017 -13.80 -9.83 19.78
CA ARG A 1017 -13.52 -11.27 19.72
C ARG A 1017 -14.44 -12.06 20.64
N ASP A 1018 -14.68 -11.53 21.85
CA ASP A 1018 -15.53 -12.20 22.82
C ASP A 1018 -16.94 -11.62 22.88
N ARG A 1019 -17.35 -10.90 21.83
CA ARG A 1019 -18.70 -10.34 21.71
C ARG A 1019 -19.16 -10.54 20.26
N ALA A 1020 -19.38 -11.81 19.90
CA ALA A 1020 -19.65 -12.14 18.50
C ALA A 1020 -21.04 -11.68 18.07
N PHE A 1021 -22.02 -11.75 18.97
CA PHE A 1021 -23.37 -11.30 18.62
C PHE A 1021 -23.37 -9.82 18.27
N LEU A 1022 -22.64 -9.00 19.02
CA LEU A 1022 -22.51 -7.60 18.69
C LEU A 1022 -21.79 -7.41 17.36
N LYS A 1023 -20.77 -8.24 17.10
CA LYS A 1023 -20.04 -8.16 15.85
C LYS A 1023 -20.92 -8.57 14.67
N ARG A 1024 -21.77 -9.57 14.87
CA ARG A 1024 -22.72 -9.95 13.83
C ARG A 1024 -23.81 -8.90 13.69
N LYS A 1025 -24.25 -8.30 14.80
CA LYS A 1025 -25.26 -7.24 14.73
C LYS A 1025 -24.77 -6.05 13.93
N LEU A 1026 -23.48 -5.73 14.00
CA LEU A 1026 -22.95 -4.60 13.24
C LEU A 1026 -22.82 -4.93 11.76
N VAL A 1027 -22.20 -6.07 11.45
CA VAL A 1027 -21.96 -6.44 10.05
C VAL A 1027 -23.27 -6.64 9.31
N HIS A 1028 -24.25 -7.29 9.96
CA HIS A 1028 -25.50 -7.60 9.29
C HIS A 1028 -26.37 -6.36 9.13
N ALA A 1029 -26.24 -5.38 10.02
CA ALA A 1029 -27.07 -4.18 9.92
C ALA A 1029 -26.57 -3.23 8.85
N ILE A 1030 -25.26 -3.09 8.70
CA ILE A 1030 -24.71 -2.16 7.72
C ILE A 1030 -24.77 -2.76 6.32
N ILE A 1031 -24.33 -4.02 6.17
CA ILE A 1031 -24.44 -4.69 4.88
C ILE A 1031 -25.89 -4.92 4.51
N GLY A 1032 -26.76 -5.19 5.51
CA GLY A 1032 -28.16 -5.41 5.24
C GLY A 1032 -28.91 -4.19 4.75
N SER A 1033 -28.38 -2.99 5.03
CA SER A 1033 -29.03 -1.76 4.57
C SER A 1033 -28.93 -1.57 3.06
N LEU A 1034 -28.14 -2.37 2.37
CA LEU A 1034 -27.94 -2.25 0.94
C LEU A 1034 -28.52 -3.43 0.16
N LYS A 1035 -29.32 -4.28 0.81
CA LYS A 1035 -29.79 -5.50 0.17
C LYS A 1035 -30.71 -5.21 -1.01
N ASP A 1036 -31.43 -4.08 -0.98
CA ASP A 1036 -32.32 -3.69 -2.05
C ASP A 1036 -31.69 -2.68 -3.00
N ASN A 1037 -30.38 -2.45 -2.89
CA ASN A 1037 -29.70 -1.49 -3.74
C ASN A 1037 -28.45 -2.04 -4.40
N ARG A 1038 -28.10 -3.30 -4.14
CA ARG A 1038 -26.94 -3.95 -4.72
C ARG A 1038 -27.29 -5.40 -5.02
N PRO A 1039 -26.67 -6.00 -6.04
CA PRO A 1039 -27.09 -7.34 -6.46
C PRO A 1039 -26.84 -8.39 -5.40
N GLN A 1040 -27.55 -9.51 -5.53
CA GLN A 1040 -27.34 -10.64 -4.63
C GLN A 1040 -26.02 -11.32 -4.97
N GLY A 1041 -25.18 -11.52 -3.96
CA GLY A 1041 -23.85 -12.05 -4.17
C GLY A 1041 -22.77 -11.00 -4.27
N TRP A 1042 -23.04 -9.77 -3.81
CA TRP A 1042 -22.07 -8.68 -3.90
C TRP A 1042 -21.09 -8.66 -2.75
N CYS A 1043 -21.47 -9.20 -1.59
CA CYS A 1043 -20.63 -9.09 -0.40
C CYS A 1043 -20.46 -10.44 0.29
N LEU A 1044 -21.39 -10.78 1.17
CA LEU A 1044 -21.29 -12.01 1.95
C LEU A 1044 -21.40 -13.23 1.05
N SER A 1045 -20.64 -14.27 1.39
CA SER A 1045 -20.63 -15.49 0.59
C SER A 1045 -21.96 -16.22 0.71
N ASP A 1046 -22.21 -17.12 -0.24
CA ASP A 1046 -23.46 -17.87 -0.26
C ASP A 1046 -23.58 -18.78 0.95
N THR A 1047 -22.46 -19.30 1.45
CA THR A 1047 -22.50 -20.14 2.65
C THR A 1047 -22.71 -19.30 3.90
N TYR A 1048 -22.12 -18.11 3.96
CA TYR A 1048 -22.28 -17.25 5.13
C TYR A 1048 -23.73 -16.76 5.27
N LEU A 1049 -24.45 -16.65 4.16
CA LEU A 1049 -25.85 -16.25 4.20
C LEU A 1049 -26.78 -17.39 4.58
N LYS A 1050 -26.31 -18.64 4.53
CA LYS A 1050 -27.15 -19.79 4.84
C LYS A 1050 -26.86 -20.43 6.18
N CYS A 1051 -25.78 -20.02 6.87
CA CYS A 1051 -25.42 -20.66 8.13
C CYS A 1051 -25.29 -19.66 9.27
N ALA A 1052 -24.49 -18.60 9.07
CA ALA A 1052 -24.25 -17.57 10.08
C ALA A 1052 -25.37 -16.53 10.14
N MET A 1053 -26.56 -16.84 9.64
CA MET A 1053 -27.70 -15.93 9.68
C MET A 1053 -28.83 -16.46 10.53
N ASN A 1054 -28.49 -17.21 11.58
CA ASN A 1054 -29.47 -17.80 12.48
C ASN A 1054 -29.13 -17.43 13.92
N ALA A 1055 -30.08 -17.69 14.81
CA ALA A 1055 -29.87 -17.37 16.21
C ALA A 1055 -28.89 -18.35 16.85
N ARG A 1056 -28.27 -17.92 17.94
CA ARG A 1056 -27.30 -18.72 18.66
C ARG A 1056 -27.99 -19.64 19.65
N GLU A 1057 -27.37 -20.79 19.90
CA GLU A 1057 -27.91 -21.77 20.84
C GLU A 1057 -26.74 -22.56 21.44
N GLU A 1058 -25.73 -21.84 21.94
CA GLU A 1058 -24.53 -22.44 22.52
C GLU A 1058 -23.82 -23.37 21.53
N ASN A 1059 -23.92 -23.05 20.24
CA ASN A 1059 -23.26 -23.83 19.20
C ASN A 1059 -23.03 -22.97 17.96
N PRO A 1060 -22.03 -22.08 17.99
CA PRO A 1060 -21.80 -21.20 16.84
C PRO A 1060 -21.38 -22.01 15.61
N TRP A 1061 -21.60 -21.41 14.44
CA TRP A 1061 -21.27 -22.07 13.19
C TRP A 1061 -19.75 -22.11 13.00
N VAL A 1062 -19.19 -23.31 13.00
CA VAL A 1062 -17.76 -23.51 12.80
C VAL A 1062 -17.53 -23.92 11.36
N PRO A 1063 -17.07 -23.01 10.50
CA PRO A 1063 -16.94 -23.33 9.08
C PRO A 1063 -15.90 -24.41 8.82
N ASP A 1064 -16.16 -25.22 7.80
CA ASP A 1064 -15.25 -26.29 7.41
C ASP A 1064 -14.25 -25.79 6.37
N ASP A 1065 -13.37 -26.69 5.93
CA ASP A 1065 -12.36 -26.30 4.94
C ASP A 1065 -13.00 -25.92 3.61
N THR A 1066 -14.14 -26.53 3.27
CA THR A 1066 -14.83 -26.19 2.04
C THR A 1066 -15.23 -24.72 2.02
N TYR A 1067 -15.61 -24.18 3.17
CA TYR A 1067 -15.99 -22.77 3.25
C TYR A 1067 -14.82 -21.86 2.86
N TYR A 1068 -13.67 -22.04 3.51
CA TYR A 1068 -12.54 -21.16 3.27
C TYR A 1068 -12.01 -21.28 1.84
N CYS A 1069 -12.14 -22.47 1.24
CA CYS A 1069 -11.70 -22.63 -0.15
C CYS A 1069 -12.58 -21.82 -1.09
N ARG A 1070 -13.91 -21.92 -0.93
CA ARG A 1070 -14.82 -21.15 -1.76
C ARG A 1070 -14.63 -19.66 -1.54
N LEU A 1071 -14.44 -19.25 -0.29
CA LEU A 1071 -14.27 -17.83 0.02
C LEU A 1071 -13.00 -17.28 -0.64
N ILE A 1072 -11.91 -18.02 -0.54
CA ILE A 1072 -10.67 -17.61 -1.21
C ILE A 1072 -10.80 -17.81 -2.72
N GLY A 1073 -11.61 -18.77 -3.15
CA GLY A 1073 -11.81 -18.98 -4.57
C GLY A 1073 -12.45 -17.80 -5.27
N ARG A 1074 -13.27 -17.03 -4.55
CA ARG A 1074 -13.86 -15.83 -5.14
C ARG A 1074 -12.79 -14.79 -5.46
N LEU A 1075 -11.70 -14.76 -4.68
CA LEU A 1075 -10.64 -13.79 -4.95
C LEU A 1075 -9.72 -14.26 -6.07
N VAL A 1076 -9.42 -15.57 -6.12
CA VAL A 1076 -8.53 -16.06 -7.16
C VAL A 1076 -9.20 -15.98 -8.52
N ASP A 1077 -10.53 -16.09 -8.58
CA ASP A 1077 -11.23 -16.01 -9.85
C ASP A 1077 -11.48 -14.57 -10.27
N THR A 1078 -11.59 -13.66 -9.29
CA THR A 1078 -11.74 -12.24 -9.63
C THR A 1078 -10.43 -11.66 -10.14
N MET A 1079 -9.31 -12.04 -9.52
CA MET A 1079 -8.01 -11.58 -10.01
C MET A 1079 -7.64 -12.23 -11.33
N ALA A 1080 -8.18 -13.41 -11.61
CA ALA A 1080 -7.95 -14.07 -12.89
C ALA A 1080 -8.85 -13.54 -13.99
N GLY A 1081 -9.92 -12.84 -13.63
CA GLY A 1081 -10.86 -12.34 -14.63
C GLY A 1081 -11.72 -13.45 -15.21
N LYS A 1082 -12.98 -13.52 -14.78
CA LYS A 1082 -13.91 -14.53 -15.23
C LYS A 1082 -15.10 -13.87 -15.93
N SER A 1083 -15.53 -14.45 -17.03
CA SER A 1083 -16.69 -13.91 -17.75
C SER A 1083 -17.96 -13.95 -16.91
N PRO A 1084 -18.31 -15.05 -16.21
CA PRO A 1084 -19.42 -14.96 -15.26
C PRO A 1084 -19.06 -14.10 -14.06
N GLY A 1085 -18.01 -14.50 -13.33
CA GLY A 1085 -17.50 -13.72 -12.23
C GLY A 1085 -18.14 -14.09 -10.91
N PRO A 1086 -17.32 -14.20 -9.86
CA PRO A 1086 -17.89 -14.46 -8.53
C PRO A 1086 -18.74 -13.31 -8.01
N PHE A 1087 -18.33 -12.07 -8.27
CA PHE A 1087 -19.07 -10.88 -7.89
C PHE A 1087 -19.62 -10.19 -9.11
N PRO A 1088 -20.78 -9.54 -9.00
CA PRO A 1088 -21.30 -8.75 -10.12
C PRO A 1088 -20.45 -7.53 -10.35
N ASN A 1089 -20.31 -7.15 -11.62
CA ASN A 1089 -19.50 -6.00 -11.97
C ASN A 1089 -20.28 -4.71 -11.73
N CYS A 1090 -19.64 -3.74 -11.08
CA CYS A 1090 -20.25 -2.47 -10.75
C CYS A 1090 -19.50 -1.35 -11.44
N ASP A 1091 -20.20 -0.24 -11.68
CA ASP A 1091 -19.57 0.95 -12.21
C ASP A 1091 -18.58 1.49 -11.17
N TRP A 1092 -17.32 1.08 -11.28
CA TRP A 1092 -16.32 1.38 -10.25
C TRP A 1092 -16.06 2.86 -10.09
N ARG A 1093 -16.54 3.70 -11.00
CA ARG A 1093 -16.41 5.15 -10.83
C ARG A 1093 -17.27 5.67 -9.69
N PHE A 1094 -18.29 4.93 -9.27
CA PHE A 1094 -19.21 5.38 -8.23
C PHE A 1094 -19.23 4.44 -7.03
N ASN A 1095 -18.20 3.61 -6.86
CA ASN A 1095 -18.10 2.71 -5.74
C ASN A 1095 -16.95 3.11 -4.83
N GLU A 1096 -16.94 2.54 -3.63
CA GLU A 1096 -15.87 2.81 -2.67
C GLU A 1096 -14.56 2.14 -3.08
N PHE A 1097 -14.61 1.13 -3.94
CA PHE A 1097 -13.41 0.43 -4.39
C PHE A 1097 -13.14 0.74 -5.86
N PRO A 1098 -11.87 0.74 -6.27
CA PRO A 1098 -11.55 1.12 -7.66
C PRO A 1098 -11.73 0.01 -8.67
N ASN A 1099 -11.68 -1.25 -8.27
CA ASN A 1099 -11.65 -2.37 -9.21
C ASN A 1099 -12.21 -3.60 -8.52
N PRO A 1100 -12.55 -4.65 -9.28
CA PRO A 1100 -13.14 -5.85 -8.65
C PRO A 1100 -12.27 -6.49 -7.58
N ALA A 1101 -10.95 -6.58 -7.82
CA ALA A 1101 -10.07 -7.25 -6.86
C ALA A 1101 -10.02 -6.52 -5.54
N ALA A 1102 -10.05 -5.18 -5.57
CA ALA A 1102 -10.08 -4.41 -4.33
C ALA A 1102 -11.38 -4.64 -3.58
N HIS A 1103 -12.49 -4.78 -4.31
CA HIS A 1103 -13.76 -5.10 -3.67
C HIS A 1103 -13.78 -6.54 -3.17
N ALA A 1104 -13.25 -7.47 -3.96
CA ALA A 1104 -13.24 -8.87 -3.56
C ALA A 1104 -12.37 -9.10 -2.32
N LEU A 1105 -11.34 -8.26 -2.13
CA LEU A 1105 -10.44 -8.44 -1.00
C LEU A 1105 -11.08 -7.98 0.30
N HIS A 1106 -11.72 -6.81 0.29
CA HIS A 1106 -12.25 -6.25 1.53
C HIS A 1106 -13.47 -7.00 2.03
N VAL A 1107 -14.39 -7.37 1.13
CA VAL A 1107 -15.58 -8.10 1.56
C VAL A 1107 -15.20 -9.49 2.07
N THR A 1108 -14.07 -10.03 1.62
CA THR A 1108 -13.59 -11.30 2.16
C THR A 1108 -13.02 -11.12 3.56
N CYS A 1109 -12.20 -10.08 3.75
CA CYS A 1109 -11.64 -9.80 5.07
C CYS A 1109 -12.75 -9.45 6.06
N VAL A 1110 -13.75 -8.68 5.62
CA VAL A 1110 -14.85 -8.31 6.50
C VAL A 1110 -15.62 -9.55 6.95
N GLU A 1111 -15.90 -10.46 6.01
CA GLU A 1111 -16.63 -11.66 6.36
C GLU A 1111 -15.83 -12.55 7.32
N LEU A 1112 -14.53 -12.73 7.03
CA LEU A 1112 -13.69 -13.54 7.92
C LEU A 1112 -13.63 -12.95 9.31
N MET A 1113 -13.67 -11.63 9.43
CA MET A 1113 -13.67 -11.01 10.75
C MET A 1113 -15.03 -11.04 11.42
N ALA A 1114 -16.10 -11.21 10.65
CA ALA A 1114 -17.44 -11.33 11.23
C ALA A 1114 -17.73 -12.73 11.76
N LEU A 1115 -16.89 -13.70 11.47
CA LEU A 1115 -17.10 -15.05 11.98
C LEU A 1115 -16.88 -15.09 13.48
N ALA A 1116 -17.69 -15.89 14.18
CA ALA A 1116 -17.51 -16.14 15.61
C ALA A 1116 -16.37 -17.11 15.88
N VAL A 1117 -15.28 -16.99 15.13
CA VAL A 1117 -14.12 -17.87 15.25
C VAL A 1117 -12.90 -17.00 15.52
N SER A 1118 -12.01 -17.47 16.40
CA SER A 1118 -10.85 -16.69 16.79
C SER A 1118 -9.91 -16.46 15.59
N GLY A 1119 -9.02 -15.48 15.74
CA GLY A 1119 -8.08 -15.20 14.68
C GLY A 1119 -7.10 -16.32 14.44
N LYS A 1120 -6.70 -17.02 15.50
CA LYS A 1120 -5.77 -18.14 15.34
C LYS A 1120 -6.41 -19.27 14.55
N GLU A 1121 -7.66 -19.60 14.86
CA GLU A 1121 -8.34 -20.69 14.16
C GLU A 1121 -8.64 -20.31 12.71
N VAL A 1122 -9.03 -19.06 12.47
CA VAL A 1122 -9.30 -18.61 11.11
C VAL A 1122 -8.01 -18.54 10.31
N GLY A 1123 -6.96 -17.98 10.90
CA GLY A 1123 -5.69 -17.88 10.20
C GLY A 1123 -5.12 -19.23 9.81
N ASN A 1124 -5.22 -20.22 10.72
CA ASN A 1124 -4.76 -21.56 10.39
C ASN A 1124 -5.64 -22.21 9.34
N ALA A 1125 -6.95 -21.92 9.33
CA ALA A 1125 -7.83 -22.46 8.31
C ALA A 1125 -7.48 -21.92 6.94
N LEU A 1126 -7.05 -20.66 6.87
CA LEU A 1126 -6.59 -20.10 5.60
C LEU A 1126 -5.34 -20.82 5.10
N LEU A 1127 -4.39 -21.07 6.01
CA LEU A 1127 -3.16 -21.77 5.62
C LEU A 1127 -3.44 -23.21 5.20
N ASN A 1128 -4.47 -23.84 5.78
CA ASN A 1128 -4.83 -25.21 5.43
C ASN A 1128 -5.54 -25.32 4.10
N VAL A 1129 -5.93 -24.19 3.48
CA VAL A 1129 -6.51 -24.24 2.14
C VAL A 1129 -5.47 -24.72 1.14
N VAL A 1130 -4.19 -24.45 1.40
CA VAL A 1130 -3.11 -24.76 0.47
C VAL A 1130 -2.13 -25.78 1.07
N LEU A 1131 -1.84 -25.67 2.36
CA LEU A 1131 -0.85 -26.54 3.00
C LEU A 1131 -1.38 -27.92 3.33
N LYS A 1132 -2.65 -28.20 3.05
CA LYS A 1132 -3.22 -29.53 3.24
C LYS A 1132 -3.93 -29.96 1.98
N SER A 1133 -3.75 -31.23 1.59
CA SER A 1133 -4.33 -31.77 0.37
C SER A 1133 -5.84 -31.55 0.34
N GLN A 1134 -6.29 -30.61 -0.48
CA GLN A 1134 -7.67 -30.17 -0.48
C GLN A 1134 -8.23 -30.23 -1.91
N PRO A 1135 -9.41 -30.82 -2.11
CA PRO A 1135 -10.09 -30.68 -3.40
C PRO A 1135 -10.64 -29.26 -3.56
N LEU A 1136 -11.19 -29.01 -4.75
CA LEU A 1136 -11.72 -27.71 -5.15
C LEU A 1136 -10.60 -26.67 -5.30
N VAL A 1137 -9.47 -26.89 -4.62
CA VAL A 1137 -8.27 -26.09 -4.83
C VAL A 1137 -7.34 -26.88 -5.75
N PRO A 1138 -7.38 -26.65 -7.06
CA PRO A 1138 -6.58 -27.48 -7.98
C PRO A 1138 -5.11 -27.10 -7.91
N ARG A 1139 -4.26 -28.12 -7.86
CA ARG A 1139 -2.84 -27.90 -7.99
C ARG A 1139 -2.52 -27.40 -9.39
N GLU A 1140 -1.23 -27.18 -9.67
CA GLU A 1140 -0.73 -26.57 -10.91
C GLU A 1140 -1.12 -25.10 -10.99
N ASN A 1141 -2.07 -24.67 -10.16
CA ASN A 1141 -2.48 -23.28 -10.04
C ASN A 1141 -2.37 -22.82 -8.59
N ILE A 1142 -1.46 -23.45 -7.82
CA ILE A 1142 -1.40 -23.21 -6.38
C ILE A 1142 -0.84 -21.84 -6.05
N THR A 1143 -0.08 -21.22 -6.96
CA THR A 1143 0.49 -19.91 -6.66
C THR A 1143 -0.59 -18.83 -6.66
N ALA A 1144 -1.57 -18.93 -7.56
CA ALA A 1144 -2.69 -17.99 -7.54
C ALA A 1144 -3.47 -18.09 -6.23
N TRP A 1145 -3.53 -19.29 -5.64
CA TRP A 1145 -4.17 -19.45 -4.34
C TRP A 1145 -3.28 -18.93 -3.21
N MET A 1146 -1.98 -19.21 -3.28
CA MET A 1146 -1.07 -18.66 -2.28
C MET A 1146 -1.01 -17.14 -2.36
N ASN A 1147 -1.15 -16.58 -3.56
CA ASN A 1147 -1.19 -15.13 -3.70
C ASN A 1147 -2.40 -14.54 -3.00
N ALA A 1148 -3.56 -15.18 -3.15
CA ALA A 1148 -4.79 -14.65 -2.54
C ALA A 1148 -4.76 -14.78 -1.03
N ILE A 1149 -4.30 -15.93 -0.52
CA ILE A 1149 -4.20 -16.11 0.92
C ILE A 1149 -3.27 -15.07 1.51
N GLY A 1150 -2.15 -14.80 0.83
CA GLY A 1150 -1.23 -13.76 1.31
C GLY A 1150 -1.91 -12.40 1.39
N LEU A 1151 -2.64 -12.02 0.34
CA LEU A 1151 -3.34 -10.74 0.35
C LEU A 1151 -4.41 -10.70 1.43
N ILE A 1152 -5.13 -11.81 1.62
CA ILE A 1152 -6.23 -11.82 2.57
C ILE A 1152 -5.72 -11.78 4.00
N ILE A 1153 -4.77 -12.67 4.34
CA ILE A 1153 -4.34 -12.80 5.72
C ILE A 1153 -3.43 -11.66 6.15
N THR A 1154 -2.75 -10.99 5.22
CA THR A 1154 -1.91 -9.85 5.59
C THR A 1154 -2.73 -8.61 5.89
N ALA A 1155 -3.99 -8.58 5.46
CA ALA A 1155 -4.89 -7.46 5.75
C ALA A 1155 -5.72 -7.68 7.01
N LEU A 1156 -5.71 -8.90 7.55
CA LEU A 1156 -6.42 -9.21 8.77
C LEU A 1156 -5.59 -8.82 9.99
N PRO A 1157 -6.21 -8.70 11.16
CA PRO A 1157 -5.44 -8.35 12.37
C PRO A 1157 -4.36 -9.37 12.67
N GLU A 1158 -3.45 -8.99 13.58
CA GLU A 1158 -2.31 -9.83 13.92
C GLU A 1158 -2.69 -11.23 14.38
N PRO A 1159 -3.72 -11.46 15.21
CA PRO A 1159 -4.06 -12.84 15.59
C PRO A 1159 -4.33 -13.77 14.42
N TYR A 1160 -4.55 -13.22 13.22
CA TYR A 1160 -4.79 -14.02 12.04
C TYR A 1160 -3.50 -14.43 11.33
N TRP A 1161 -2.68 -13.45 10.95
CA TRP A 1161 -1.47 -13.75 10.19
C TRP A 1161 -0.29 -14.14 11.08
N ILE A 1162 -0.44 -14.10 12.40
CA ILE A 1162 0.67 -14.50 13.27
C ILE A 1162 0.89 -16.01 13.22
N VAL A 1163 -0.15 -16.78 12.84
CA VAL A 1163 -0.06 -18.24 12.87
C VAL A 1163 0.95 -18.79 11.88
N LEU A 1164 1.44 -17.96 10.94
CA LEU A 1164 2.49 -18.42 10.03
C LEU A 1164 3.74 -18.81 10.79
N HIS A 1165 4.02 -18.14 11.90
CA HIS A 1165 5.19 -18.48 12.71
C HIS A 1165 5.04 -19.88 13.31
N ASP A 1166 3.84 -20.23 13.76
CA ASP A 1166 3.59 -21.58 14.27
C ASP A 1166 3.75 -22.61 13.17
N ARG A 1167 3.31 -22.30 11.95
CA ARG A 1167 3.36 -23.27 10.87
C ARG A 1167 4.79 -23.51 10.39
N ILE A 1168 5.66 -22.52 10.52
CA ILE A 1168 7.05 -22.70 10.12
C ILE A 1168 7.77 -23.60 11.10
N VAL A 1169 7.53 -23.42 12.40
CA VAL A 1169 8.17 -24.25 13.42
C VAL A 1169 7.80 -25.72 13.23
N SER A 1170 6.54 -25.98 12.88
CA SER A 1170 6.12 -27.36 12.63
C SER A 1170 6.88 -27.97 11.45
N VAL A 1171 7.29 -27.14 10.49
CA VAL A 1171 8.12 -27.64 9.39
C VAL A 1171 9.59 -27.72 9.81
N ILE A 1172 10.04 -26.80 10.66
CA ILE A 1172 11.42 -26.83 11.13
C ILE A 1172 11.71 -28.14 11.85
N SER A 1173 10.73 -28.65 12.60
CA SER A 1173 10.88 -29.89 13.34
C SER A 1173 10.39 -31.11 12.56
N SER A 1174 10.17 -30.98 11.26
CA SER A 1174 9.67 -32.08 10.45
C SER A 1174 10.79 -33.06 10.12
N PRO A 1175 10.45 -34.31 9.81
CA PRO A 1175 11.49 -35.28 9.44
C PRO A 1175 12.30 -34.88 8.21
N SER A 1176 11.75 -34.05 7.32
CA SER A 1176 12.49 -33.65 6.14
C SER A 1176 13.73 -32.81 6.50
N LEU A 1177 13.64 -32.00 7.54
CA LEU A 1177 14.74 -31.14 7.94
C LEU A 1177 15.51 -31.65 9.14
N THR A 1178 14.91 -32.53 9.95
CA THR A 1178 15.57 -33.05 11.14
C THR A 1178 16.34 -34.34 10.88
N SER A 1179 16.04 -35.05 9.81
CA SER A 1179 16.75 -36.28 9.51
C SER A 1179 18.20 -35.99 9.12
N GLU A 1180 19.04 -37.01 9.26
CA GLU A 1180 20.45 -36.91 8.92
C GLU A 1180 20.82 -37.77 7.71
N THR A 1181 19.84 -38.18 6.91
CA THR A 1181 20.11 -38.92 5.68
C THR A 1181 20.63 -37.94 4.63
N GLU A 1182 21.83 -38.20 4.12
CA GLU A 1182 22.49 -37.27 3.23
C GLU A 1182 21.96 -37.38 1.80
N TRP A 1183 22.15 -36.31 1.04
CA TRP A 1183 21.89 -36.28 -0.39
C TRP A 1183 23.20 -36.07 -1.12
N VAL A 1184 23.16 -36.28 -2.43
CA VAL A 1184 24.22 -35.83 -3.34
C VAL A 1184 23.65 -34.71 -4.18
N GLY A 1185 24.24 -33.53 -4.08
CA GLY A 1185 23.68 -32.34 -4.66
C GLY A 1185 22.76 -31.60 -3.70
N TYR A 1186 22.39 -30.39 -4.09
CA TYR A 1186 21.57 -29.52 -3.24
C TYR A 1186 20.13 -30.01 -3.24
N PRO A 1187 19.49 -30.13 -2.07
CA PRO A 1187 18.09 -30.57 -2.04
C PRO A 1187 17.13 -29.49 -2.54
N PHE A 1188 17.14 -29.25 -3.84
CA PHE A 1188 16.30 -28.19 -4.41
C PHE A 1188 14.82 -28.45 -4.19
N ARG A 1189 14.40 -29.72 -4.20
CA ARG A 1189 12.98 -30.03 -4.10
C ARG A 1189 12.42 -29.79 -2.70
N LEU A 1190 13.27 -29.77 -1.67
CA LEU A 1190 12.80 -29.39 -0.35
C LEU A 1190 12.36 -27.94 -0.29
N PHE A 1191 12.84 -27.11 -1.20
CA PHE A 1191 12.54 -25.68 -1.20
C PHE A 1191 11.83 -25.21 -2.47
N ASP A 1192 11.68 -26.08 -3.47
CA ASP A 1192 10.98 -25.76 -4.70
C ASP A 1192 9.64 -26.49 -4.68
N PHE A 1193 8.54 -25.74 -4.59
CA PHE A 1193 7.22 -26.35 -4.54
C PHE A 1193 6.77 -26.89 -5.89
N THR A 1194 7.49 -26.59 -6.97
CA THR A 1194 7.12 -27.07 -8.29
C THR A 1194 7.72 -28.43 -8.63
N ALA A 1195 8.76 -28.85 -7.93
CA ALA A 1195 9.38 -30.14 -8.22
C ALA A 1195 8.49 -31.28 -7.72
N CYS A 1196 8.88 -32.50 -8.06
CA CYS A 1196 8.22 -33.68 -7.53
C CYS A 1196 8.91 -34.11 -6.25
N HIS A 1197 8.11 -34.46 -5.24
CA HIS A 1197 8.61 -34.78 -3.92
C HIS A 1197 8.38 -36.25 -3.61
N GLN A 1198 9.30 -36.82 -2.82
CA GLN A 1198 9.24 -38.23 -2.47
C GLN A 1198 8.35 -38.50 -1.26
N SER A 1199 8.19 -37.51 -0.38
CA SER A 1199 7.43 -37.67 0.85
C SER A 1199 6.43 -36.53 0.99
N TYR A 1200 5.36 -36.82 1.74
CA TYR A 1200 4.43 -35.76 2.11
C TYR A 1200 5.13 -34.67 2.92
N SER A 1201 6.13 -35.05 3.73
CA SER A 1201 6.88 -34.07 4.50
C SER A 1201 7.63 -33.12 3.59
N GLU A 1202 8.18 -33.62 2.48
CA GLU A 1202 8.82 -32.75 1.51
C GLU A 1202 7.81 -31.85 0.81
N MET A 1203 6.59 -32.35 0.59
CA MET A 1203 5.57 -31.57 -0.10
C MET A 1203 5.16 -30.37 0.74
N SER A 1204 4.84 -30.60 2.01
CA SER A 1204 4.41 -29.51 2.88
C SER A 1204 5.56 -28.58 3.23
N CYS A 1205 6.79 -29.11 3.30
CA CYS A 1205 7.95 -28.26 3.58
C CYS A 1205 8.15 -27.22 2.48
N SER A 1206 8.02 -27.64 1.21
CA SER A 1206 8.18 -26.69 0.11
C SER A 1206 6.96 -25.78 -0.01
N TYR A 1207 5.76 -26.32 0.20
CA TYR A 1207 4.56 -25.50 0.14
C TYR A 1207 4.53 -24.45 1.24
N THR A 1208 5.03 -24.79 2.43
CA THR A 1208 5.11 -23.80 3.51
C THR A 1208 6.06 -22.68 3.15
N LEU A 1209 7.23 -23.01 2.60
CA LEU A 1209 8.17 -21.98 2.17
C LEU A 1209 7.56 -21.10 1.08
N ALA A 1210 6.83 -21.71 0.14
CA ALA A 1210 6.20 -20.93 -0.92
C ALA A 1210 5.09 -20.04 -0.37
N LEU A 1211 4.30 -20.55 0.57
CA LEU A 1211 3.25 -19.75 1.16
C LEU A 1211 3.82 -18.65 2.05
N ALA A 1212 4.86 -18.96 2.82
CA ALA A 1212 5.50 -17.95 3.66
C ALA A 1212 6.08 -16.82 2.82
N HIS A 1213 6.54 -17.13 1.60
CA HIS A 1213 7.02 -16.08 0.71
C HIS A 1213 5.86 -15.23 0.20
N ALA A 1214 4.76 -15.88 -0.21
CA ALA A 1214 3.60 -15.14 -0.69
C ALA A 1214 3.04 -14.22 0.39
N VAL A 1215 3.00 -14.71 1.64
CA VAL A 1215 2.48 -13.90 2.74
C VAL A 1215 3.40 -12.70 2.99
N TRP A 1216 4.71 -12.95 3.10
CA TRP A 1216 5.65 -11.87 3.34
C TRP A 1216 5.82 -10.96 2.12
N HIS A 1217 5.47 -11.44 0.92
CA HIS A 1217 5.50 -10.59 -0.26
C HIS A 1217 4.48 -9.46 -0.16
N HIS A 1218 3.33 -9.73 0.46
CA HIS A 1218 2.25 -8.77 0.59
C HIS A 1218 2.23 -8.08 1.95
N SER A 1219 3.18 -8.39 2.83
CA SER A 1219 3.16 -7.84 4.18
C SER A 1219 3.73 -6.42 4.21
N SER A 1220 3.21 -5.61 5.12
CA SER A 1220 3.80 -4.31 5.38
C SER A 1220 5.14 -4.47 6.07
N ILE A 1221 5.96 -3.42 6.00
CA ILE A 1221 7.27 -3.45 6.65
C ILE A 1221 7.10 -3.59 8.16
N GLY A 1222 5.97 -3.13 8.70
CA GLY A 1222 5.70 -3.33 10.11
C GLY A 1222 5.49 -4.79 10.46
N GLN A 1223 4.76 -5.52 9.62
CA GLN A 1223 4.56 -6.94 9.86
C GLN A 1223 5.86 -7.72 9.67
N LEU A 1224 6.69 -7.29 8.72
CA LEU A 1224 7.96 -7.96 8.48
C LEU A 1224 8.96 -7.73 9.61
N SER A 1225 8.76 -6.70 10.43
CA SER A 1225 9.70 -6.39 11.50
C SER A 1225 9.68 -7.42 12.62
N LEU A 1226 8.69 -8.31 12.66
CA LEU A 1226 8.67 -9.38 13.66
C LEU A 1226 9.65 -10.49 13.34
N ILE A 1227 10.17 -10.54 12.12
CA ILE A 1227 11.02 -11.64 11.67
C ILE A 1227 12.34 -11.71 12.43
N PRO A 1228 13.08 -10.60 12.65
CA PRO A 1228 14.33 -10.71 13.42
C PRO A 1228 14.13 -11.32 14.79
N LYS A 1229 13.06 -10.96 15.51
CA LYS A 1229 12.79 -11.59 16.80
C LYS A 1229 12.23 -12.99 16.62
N PHE A 1230 11.50 -13.24 15.54
CA PHE A 1230 11.06 -14.59 15.24
C PHE A 1230 12.24 -15.51 14.94
N LEU A 1231 13.31 -14.96 14.36
CA LEU A 1231 14.51 -15.76 14.10
C LEU A 1231 15.29 -16.03 15.38
N THR A 1232 15.40 -15.03 16.26
CA THR A 1232 16.27 -15.13 17.42
C THR A 1232 15.57 -15.70 18.66
N GLU A 1233 14.25 -15.53 18.76
CA GLU A 1233 13.52 -15.96 19.96
C GLU A 1233 12.64 -17.17 19.72
N VAL A 1234 12.59 -17.72 18.50
CA VAL A 1234 11.76 -18.87 18.22
C VAL A 1234 12.55 -19.92 17.44
N LEU A 1235 13.23 -19.50 16.38
CA LEU A 1235 13.93 -20.44 15.50
C LEU A 1235 15.35 -20.73 15.96
N LEU A 1236 16.07 -19.72 16.46
CA LEU A 1236 17.46 -19.89 16.89
C LEU A 1236 17.66 -21.05 17.86
N PRO A 1237 16.85 -21.23 18.92
CA PRO A 1237 17.14 -22.33 19.86
C PRO A 1237 16.80 -23.72 19.33
N ILE A 1238 16.13 -23.84 18.19
CA ILE A 1238 15.74 -25.15 17.66
C ILE A 1238 16.39 -25.48 16.33
N VAL A 1239 17.00 -24.51 15.64
CA VAL A 1239 17.73 -24.79 14.41
C VAL A 1239 19.08 -25.40 14.80
N LYS A 1240 19.23 -26.70 14.56
CA LYS A 1240 20.45 -27.42 14.90
C LYS A 1240 21.08 -28.19 13.75
N THR A 1241 20.31 -28.58 12.73
CA THR A 1241 20.84 -29.34 11.62
C THR A 1241 21.18 -28.40 10.45
N GLU A 1242 21.76 -28.98 9.40
CA GLU A 1242 22.15 -28.20 8.24
C GLU A 1242 20.96 -27.91 7.33
N PHE A 1243 19.98 -28.81 7.27
CA PHE A 1243 18.80 -28.56 6.44
C PHE A 1243 17.90 -27.51 7.06
N GLN A 1244 17.82 -27.47 8.40
CA GLN A 1244 17.09 -26.41 9.07
C GLN A 1244 17.71 -25.05 8.79
N LEU A 1245 19.04 -24.98 8.80
CA LEU A 1245 19.72 -23.72 8.52
C LEU A 1245 19.44 -23.25 7.10
N LEU A 1246 19.48 -24.16 6.13
CA LEU A 1246 19.19 -23.80 4.76
C LEU A 1246 17.74 -23.35 4.59
N TYR A 1247 16.82 -23.99 5.32
CA TYR A 1247 15.41 -23.63 5.23
C TYR A 1247 15.17 -22.22 5.76
N VAL A 1248 15.91 -21.82 6.79
CA VAL A 1248 15.82 -20.46 7.30
C VAL A 1248 16.34 -19.47 6.26
N TYR A 1249 17.45 -19.80 5.60
CA TYR A 1249 17.99 -18.92 4.57
C TYR A 1249 17.02 -18.79 3.40
N HIS A 1250 16.42 -19.91 2.97
CA HIS A 1250 15.42 -19.85 1.91
C HIS A 1250 14.21 -19.03 2.32
N LEU A 1251 13.93 -18.94 3.63
CA LEU A 1251 12.78 -18.18 4.10
C LEU A 1251 13.05 -16.68 4.06
N VAL A 1252 14.10 -16.23 4.74
CA VAL A 1252 14.32 -14.80 4.92
C VAL A 1252 15.16 -14.20 3.79
N GLY A 1253 16.08 -14.98 3.22
CA GLY A 1253 16.95 -14.53 2.16
C GLY A 1253 16.34 -13.64 1.10
N PRO A 1254 15.20 -14.03 0.52
CA PRO A 1254 14.59 -13.21 -0.54
C PRO A 1254 14.12 -11.84 -0.08
N PHE A 1255 13.88 -11.65 1.22
CA PHE A 1255 13.33 -10.40 1.72
C PHE A 1255 14.39 -9.51 2.35
N LEU A 1256 15.67 -9.85 2.20
CA LEU A 1256 16.74 -8.99 2.70
C LEU A 1256 16.69 -7.61 2.06
N GLN A 1257 16.36 -7.55 0.76
CA GLN A 1257 16.38 -6.28 0.05
C GLN A 1257 15.31 -5.32 0.57
N ARG A 1258 14.15 -5.86 0.99
CA ARG A 1258 13.12 -5.02 1.56
C ARG A 1258 13.58 -4.40 2.88
N PHE A 1259 14.34 -5.16 3.68
CA PHE A 1259 14.91 -4.59 4.89
C PHE A 1259 16.03 -3.61 4.58
N GLN A 1260 16.72 -3.79 3.45
CA GLN A 1260 17.74 -2.83 3.03
C GLN A 1260 17.11 -1.46 2.75
N GLN A 1261 15.91 -1.45 2.16
CA GLN A 1261 15.29 -0.21 1.71
C GLN A 1261 14.33 0.39 2.74
N GLU A 1262 13.65 -0.44 3.53
CA GLU A 1262 12.53 0.03 4.34
C GLU A 1262 12.82 0.09 5.84
N ARG A 1263 13.63 -0.82 6.39
CA ARG A 1263 13.99 -0.76 7.80
C ARG A 1263 15.36 -1.40 7.96
N THR A 1264 16.40 -0.56 8.05
CA THR A 1264 17.77 -1.04 8.05
C THR A 1264 18.13 -1.81 9.32
N ARG A 1265 17.56 -1.41 10.47
CA ARG A 1265 17.90 -2.06 11.73
C ARG A 1265 17.69 -3.56 11.67
N CYS A 1266 16.62 -4.01 11.00
CA CYS A 1266 16.32 -5.43 10.95
C CYS A 1266 17.34 -6.18 10.11
N MET A 1267 17.85 -5.55 9.04
CA MET A 1267 18.80 -6.22 8.16
C MET A 1267 20.04 -6.67 8.91
N ILE A 1268 20.50 -5.87 9.87
CA ILE A 1268 21.67 -6.24 10.67
C ILE A 1268 21.31 -7.35 11.66
N GLU A 1269 20.14 -7.24 12.28
CA GLU A 1269 19.71 -8.26 13.24
C GLU A 1269 19.56 -9.62 12.56
N ILE A 1270 19.02 -9.64 11.34
CA ILE A 1270 18.89 -10.89 10.60
C ILE A 1270 20.26 -11.41 10.20
N GLY A 1271 21.17 -10.52 9.81
CA GLY A 1271 22.50 -10.95 9.39
C GLY A 1271 23.26 -11.66 10.50
N VAL A 1272 23.16 -11.15 11.73
CA VAL A 1272 23.85 -11.79 12.85
C VAL A 1272 23.15 -13.09 13.24
N ALA A 1273 21.81 -13.12 13.13
CA ALA A 1273 21.07 -14.33 13.43
C ALA A 1273 21.47 -15.48 12.51
N PHE A 1274 21.79 -15.16 11.25
CA PHE A 1274 22.25 -16.19 10.33
C PHE A 1274 23.58 -16.79 10.77
N TYR A 1275 24.48 -15.96 11.30
CA TYR A 1275 25.76 -16.47 11.77
C TYR A 1275 25.61 -17.21 13.09
N ASP A 1276 24.76 -16.69 13.98
CA ASP A 1276 24.50 -17.39 15.24
C ASP A 1276 23.94 -18.78 14.99
N MET A 1277 23.07 -18.92 13.99
CA MET A 1277 22.55 -20.23 13.63
C MET A 1277 23.64 -21.10 13.01
N LEU A 1278 24.53 -20.50 12.22
CA LEU A 1278 25.62 -21.27 11.61
C LEU A 1278 26.54 -21.85 12.68
N LEU A 1279 26.79 -21.10 13.74
CA LEU A 1279 27.65 -21.60 14.81
C LEU A 1279 26.96 -22.73 15.57
N ASN A 1280 25.65 -22.60 15.81
CA ASN A 1280 24.91 -23.66 16.48
C ASN A 1280 24.88 -24.94 15.65
N VAL A 1281 24.62 -24.80 14.34
CA VAL A 1281 24.63 -25.95 13.46
C VAL A 1281 26.02 -26.57 13.38
N ASP A 1282 27.05 -25.72 13.32
CA ASP A 1282 28.42 -26.21 13.23
C ASP A 1282 28.82 -27.01 14.48
N GLN A 1283 28.29 -26.63 15.64
CA GLN A 1283 28.66 -27.31 16.89
C GLN A 1283 27.85 -28.58 17.12
N CYS A 1284 26.63 -28.65 16.58
CA CYS A 1284 25.80 -29.84 16.76
C CYS A 1284 25.99 -30.88 15.65
N SER A 1285 26.56 -30.50 14.52
CA SER A 1285 26.80 -31.41 13.42
C SER A 1285 28.23 -31.91 13.44
N THR A 1286 28.41 -33.21 13.22
CA THR A 1286 29.76 -33.76 13.06
C THR A 1286 30.41 -33.23 11.79
N HIS A 1287 29.63 -33.11 10.72
CA HIS A 1287 30.14 -32.60 9.45
C HIS A 1287 29.05 -31.80 8.77
N LEU A 1288 29.46 -30.94 7.84
CA LEU A 1288 28.54 -30.14 7.05
C LEU A 1288 28.80 -30.40 5.57
N ASN A 1289 27.75 -30.77 4.84
CA ASN A 1289 27.90 -31.16 3.44
C ASN A 1289 27.77 -30.00 2.48
N TYR A 1290 26.98 -28.99 2.81
CA TYR A 1290 26.71 -27.89 1.88
C TYR A 1290 27.33 -26.59 2.37
N MET A 1291 28.59 -26.63 2.78
CA MET A 1291 29.26 -25.44 3.27
C MET A 1291 29.50 -24.41 2.17
N ASP A 1292 29.54 -24.84 0.91
CA ASP A 1292 29.79 -23.90 -0.18
C ASP A 1292 28.55 -23.05 -0.46
N PRO A 1293 27.34 -23.63 -0.59
CA PRO A 1293 26.16 -22.76 -0.74
C PRO A 1293 25.90 -21.89 0.48
N ILE A 1294 26.26 -22.34 1.68
CA ILE A 1294 26.06 -21.52 2.87
C ILE A 1294 27.01 -20.32 2.85
N CYS A 1295 28.27 -20.54 2.49
CA CYS A 1295 29.23 -19.45 2.47
C CYS A 1295 29.05 -18.55 1.25
N ASP A 1296 28.65 -19.12 0.10
CA ASP A 1296 28.33 -18.28 -1.05
C ASP A 1296 27.19 -17.30 -0.72
N PHE A 1297 26.16 -17.78 -0.02
CA PHE A 1297 25.06 -16.91 0.35
C PHE A 1297 25.50 -15.84 1.35
N LEU A 1298 26.36 -16.21 2.30
CA LEU A 1298 26.85 -15.23 3.27
C LEU A 1298 27.72 -14.17 2.59
N TYR A 1299 28.48 -14.55 1.56
CA TYR A 1299 29.23 -13.57 0.79
C TYR A 1299 28.30 -12.67 -0.01
N HIS A 1300 27.26 -13.25 -0.61
CA HIS A 1300 26.27 -12.46 -1.33
C HIS A 1300 25.61 -11.44 -0.41
N MET A 1301 25.29 -11.85 0.82
CA MET A 1301 24.68 -10.93 1.77
C MET A 1301 25.64 -9.81 2.17
N LYS A 1302 26.94 -10.09 2.21
CA LYS A 1302 27.91 -9.07 2.56
C LYS A 1302 27.98 -8.00 1.47
N TYR A 1303 28.38 -8.39 0.26
CA TYR A 1303 28.63 -7.43 -0.80
C TYR A 1303 27.36 -6.75 -1.30
N MET A 1304 26.19 -7.37 -1.09
CA MET A 1304 24.94 -6.76 -1.55
C MET A 1304 24.23 -5.96 -0.46
N PHE A 1305 24.36 -6.36 0.80
CA PHE A 1305 23.53 -5.75 1.84
C PHE A 1305 24.35 -5.26 3.03
N THR A 1306 24.83 -6.19 3.87
CA THR A 1306 25.42 -5.81 5.15
C THR A 1306 26.76 -5.09 4.97
N GLY A 1307 27.52 -5.44 3.94
CA GLY A 1307 28.79 -4.79 3.69
C GLY A 1307 29.79 -4.93 4.82
N ASP A 1308 30.05 -3.83 5.53
CA ASP A 1308 30.94 -3.82 6.67
C ASP A 1308 30.22 -3.51 7.98
N SER A 1309 28.89 -3.37 7.95
CA SER A 1309 28.14 -3.05 9.16
C SER A 1309 28.39 -4.07 10.25
N VAL A 1310 28.11 -5.34 9.96
CA VAL A 1310 28.33 -6.43 10.90
C VAL A 1310 29.69 -7.04 10.58
N LYS A 1311 30.72 -6.60 11.30
CA LYS A 1311 32.06 -7.14 11.19
C LYS A 1311 32.59 -7.64 12.52
N GLU A 1312 32.49 -6.83 13.57
CA GLU A 1312 32.97 -7.26 14.88
C GLU A 1312 32.03 -8.29 15.49
N GLN A 1313 30.72 -8.12 15.31
CA GLN A 1313 29.77 -9.11 15.79
C GLN A 1313 29.93 -10.44 15.06
N VAL A 1314 30.23 -10.39 13.76
CA VAL A 1314 30.37 -11.61 12.98
C VAL A 1314 31.72 -12.26 13.22
N GLU A 1315 32.79 -11.45 13.33
CA GLU A 1315 34.14 -12.00 13.47
C GLU A 1315 34.25 -12.88 14.72
N LYS A 1316 33.67 -12.44 15.83
CA LYS A 1316 33.70 -13.27 17.04
C LYS A 1316 32.91 -14.56 16.86
N ILE A 1317 31.90 -14.55 15.99
CA ILE A 1317 31.18 -15.78 15.68
C ILE A 1317 32.01 -16.68 14.78
N ILE A 1318 32.75 -16.07 13.84
CA ILE A 1318 33.59 -16.86 12.93
C ILE A 1318 34.68 -17.59 13.70
N CYS A 1319 35.21 -16.96 14.76
CA CYS A 1319 36.33 -17.53 15.49
C CYS A 1319 35.97 -18.80 16.25
N ASN A 1320 34.68 -19.12 16.40
CA ASN A 1320 34.27 -20.35 17.05
C ASN A 1320 33.80 -21.42 16.07
N LEU A 1321 33.86 -21.13 14.77
CA LEU A 1321 33.50 -22.11 13.75
C LEU A 1321 34.63 -23.11 13.57
N LYS A 1322 34.33 -24.20 12.86
CA LYS A 1322 35.36 -25.17 12.55
C LYS A 1322 36.25 -24.66 11.43
N PRO A 1323 37.52 -25.09 11.40
CA PRO A 1323 38.47 -24.51 10.42
C PRO A 1323 38.00 -24.58 8.98
N ALA A 1324 37.19 -25.56 8.61
CA ALA A 1324 36.69 -25.63 7.25
C ALA A 1324 35.81 -24.43 6.92
N LEU A 1325 35.00 -23.99 7.89
CA LEU A 1325 34.18 -22.81 7.67
C LEU A 1325 35.00 -21.53 7.69
N LYS A 1326 36.06 -21.49 8.50
CA LYS A 1326 36.89 -20.29 8.58
C LYS A 1326 37.63 -20.04 7.28
N LEU A 1327 38.13 -21.10 6.64
CA LEU A 1327 38.90 -20.92 5.41
C LEU A 1327 38.02 -20.45 4.26
N ARG A 1328 36.78 -20.94 4.19
CA ARG A 1328 35.84 -20.44 3.19
C ARG A 1328 35.45 -19.00 3.49
N LEU A 1329 35.21 -18.68 4.77
CA LEU A 1329 34.78 -17.35 5.17
C LEU A 1329 36.01 -16.51 5.48
N ARG A 1330 37.11 -16.79 4.77
CA ARG A 1330 38.36 -16.08 5.04
C ARG A 1330 38.26 -14.59 4.75
N PHE A 1331 37.41 -14.20 3.80
CA PHE A 1331 37.34 -12.83 3.33
C PHE A 1331 36.13 -12.07 3.87
N ILE A 1332 35.32 -12.69 4.74
CA ILE A 1332 34.10 -12.04 5.20
C ILE A 1332 34.43 -10.81 6.05
N THR A 1333 35.48 -10.90 6.86
CA THR A 1333 35.83 -9.80 7.77
C THR A 1333 36.47 -8.62 7.05
N HIS A 1334 36.96 -8.81 5.82
CA HIS A 1334 37.55 -7.71 5.07
C HIS A 1334 36.51 -6.65 4.72
N GLN B 1 -14.02 -15.64 25.35
CA GLN B 1 -13.85 -15.72 26.81
C GLN B 1 -12.89 -16.84 27.19
N VAL B 2 -11.92 -16.52 28.04
CA VAL B 2 -10.91 -17.47 28.50
C VAL B 2 -10.70 -17.25 29.99
N GLN B 3 -10.81 -18.31 30.78
CA GLN B 3 -10.65 -18.25 32.22
C GLN B 3 -9.31 -18.86 32.63
N LEU B 4 -8.70 -18.28 33.67
CA LEU B 4 -7.41 -18.72 34.18
C LEU B 4 -7.47 -18.76 35.70
N VAL B 5 -6.93 -19.83 36.28
CA VAL B 5 -6.95 -20.02 37.74
C VAL B 5 -5.56 -20.48 38.16
N GLU B 6 -4.78 -19.60 38.78
CA GLU B 6 -3.47 -19.98 39.28
C GLU B 6 -3.61 -20.90 40.49
N SER B 7 -2.51 -21.59 40.83
CA SER B 7 -2.48 -22.53 41.93
C SER B 7 -1.05 -22.97 42.17
N GLY B 8 -0.73 -23.27 43.43
CA GLY B 8 0.55 -23.85 43.78
C GLY B 8 1.47 -22.98 44.62
N GLY B 9 1.05 -21.79 45.01
CA GLY B 9 1.88 -20.91 45.81
C GLY B 9 1.79 -21.21 47.30
N GLY B 10 2.41 -20.34 48.07
CA GLY B 10 2.41 -20.45 49.52
C GLY B 10 3.73 -19.99 50.10
N LEU B 11 3.90 -20.24 51.40
CA LEU B 11 5.11 -19.85 52.10
C LEU B 11 6.20 -20.90 51.87
N VAL B 12 7.34 -20.46 51.33
CA VAL B 12 8.45 -21.35 51.01
C VAL B 12 9.74 -20.70 51.51
N GLN B 13 10.68 -21.53 51.95
CA GLN B 13 11.96 -21.02 52.42
C GLN B 13 12.85 -20.60 51.25
N ALA B 14 13.87 -19.81 51.57
CA ALA B 14 14.80 -19.33 50.56
C ALA B 14 15.66 -20.47 50.03
N GLY B 15 15.99 -20.38 48.73
CA GLY B 15 16.75 -21.41 48.07
C GLY B 15 15.95 -22.62 47.63
N ALA B 16 14.71 -22.76 48.10
CA ALA B 16 13.88 -23.90 47.74
C ALA B 16 13.20 -23.66 46.39
N SER B 17 12.37 -24.61 45.98
CA SER B 17 11.69 -24.56 44.70
C SER B 17 10.18 -24.47 44.89
N LEU B 18 9.48 -24.22 43.78
CA LEU B 18 8.03 -24.12 43.77
C LEU B 18 7.55 -24.31 42.35
N ARG B 19 6.43 -25.00 42.18
CA ARG B 19 5.87 -25.32 40.88
C ARG B 19 4.45 -24.76 40.79
N LEU B 20 4.31 -23.59 40.20
CA LEU B 20 2.99 -23.00 39.98
C LEU B 20 2.31 -23.67 38.80
N SER B 21 0.97 -23.70 38.86
CA SER B 21 0.17 -24.25 37.77
C SER B 21 -1.01 -23.33 37.51
N CYS B 22 -1.45 -23.29 36.26
CA CYS B 22 -2.52 -22.42 35.80
C CYS B 22 -3.53 -23.28 35.04
N ALA B 23 -4.78 -23.29 35.51
CA ALA B 23 -5.83 -24.09 34.87
C ALA B 23 -6.48 -23.24 33.79
N VAL B 24 -6.12 -23.52 32.54
CA VAL B 24 -6.63 -22.76 31.39
C VAL B 24 -7.97 -23.36 30.97
N SER B 25 -9.00 -22.51 30.92
CA SER B 25 -10.35 -22.96 30.62
C SER B 25 -10.99 -21.95 29.68
N GLY B 26 -12.12 -22.35 29.10
CA GLY B 26 -12.90 -21.47 28.25
C GLY B 26 -12.65 -21.73 26.77
N ARG B 27 -12.32 -20.68 26.03
CA ARG B 27 -12.15 -20.78 24.58
C ARG B 27 -10.66 -20.85 24.25
N THR B 28 -10.05 -21.97 24.63
CA THR B 28 -8.70 -22.27 24.19
C THR B 28 -8.68 -22.50 22.69
N GLY B 29 -7.57 -22.10 22.05
CA GLY B 29 -7.48 -22.01 20.61
C GLY B 29 -7.49 -20.58 20.12
N SER B 30 -8.11 -19.68 20.87
CA SER B 30 -7.92 -18.24 20.70
C SER B 30 -6.62 -17.76 21.30
N ILE B 31 -5.85 -18.66 21.92
CA ILE B 31 -4.65 -18.33 22.65
C ILE B 31 -3.44 -18.59 21.76
N TYR B 32 -2.65 -17.54 21.51
CA TYR B 32 -1.39 -17.69 20.80
C TYR B 32 -0.19 -17.70 21.74
N THR B 33 -0.24 -16.90 22.79
CA THR B 33 0.86 -16.83 23.75
C THR B 33 0.30 -16.79 25.16
N MET B 34 1.07 -17.33 26.10
CA MET B 34 0.70 -17.35 27.51
C MET B 34 1.94 -17.03 28.33
N GLY B 35 1.72 -16.43 29.51
CA GLY B 35 2.85 -15.98 30.30
C GLY B 35 2.55 -15.93 31.78
N TRP B 36 3.61 -15.78 32.57
CA TRP B 36 3.54 -15.61 34.01
C TRP B 36 4.02 -14.23 34.39
N PHE B 37 3.25 -13.54 35.23
CA PHE B 37 3.61 -12.22 35.72
C PHE B 37 3.63 -12.24 37.24
N ARG B 38 4.25 -11.22 37.83
CA ARG B 38 4.29 -11.08 39.27
C ARG B 38 4.26 -9.60 39.63
N GLN B 39 3.78 -9.31 40.84
CA GLN B 39 3.64 -7.94 41.31
C GLN B 39 3.93 -7.89 42.81
N ALA B 40 4.99 -7.18 43.18
CA ALA B 40 5.35 -6.98 44.58
C ALA B 40 4.28 -6.14 45.27
N PRO B 41 4.30 -6.10 46.62
CA PRO B 41 3.28 -5.31 47.35
C PRO B 41 3.11 -3.88 46.84
N GLY B 42 4.20 -3.11 46.78
CA GLY B 42 4.10 -1.73 46.35
C GLY B 42 4.91 -1.40 45.12
N LYS B 43 4.82 -2.24 44.09
CA LYS B 43 5.60 -2.08 42.88
C LYS B 43 4.74 -2.43 41.67
N GLU B 44 5.30 -2.23 40.48
CA GLU B 44 4.57 -2.42 39.24
C GLU B 44 4.70 -3.86 38.76
N ARG B 45 3.63 -4.38 38.18
CA ARG B 45 3.59 -5.78 37.74
C ARG B 45 4.63 -6.02 36.67
N GLU B 46 5.46 -7.05 36.88
CA GLU B 46 6.53 -7.41 35.96
C GLU B 46 6.21 -8.72 35.26
N VAL B 47 6.90 -8.97 34.16
CA VAL B 47 6.78 -10.22 33.43
C VAL B 47 7.89 -11.16 33.88
N VAL B 48 7.57 -12.45 33.96
CA VAL B 48 8.51 -13.46 34.42
C VAL B 48 8.92 -14.39 33.29
N ALA B 49 7.95 -14.98 32.59
CA ALA B 49 8.25 -15.90 31.50
C ALA B 49 7.04 -15.94 30.56
N ARG B 50 7.33 -16.12 29.27
CA ARG B 50 6.29 -16.16 28.24
C ARG B 50 6.55 -17.33 27.31
N THR B 51 5.47 -17.87 26.76
CA THR B 51 5.56 -18.98 25.82
C THR B 51 4.60 -18.77 24.66
N THR B 52 5.02 -19.20 23.48
CA THR B 52 4.10 -19.36 22.36
C THR B 52 3.38 -20.69 22.52
N TRP B 53 2.06 -20.67 22.41
CA TRP B 53 1.24 -21.79 22.86
C TRP B 53 1.56 -23.08 22.13
N THR B 54 1.22 -23.18 20.84
CA THR B 54 1.38 -24.46 20.16
C THR B 54 2.84 -24.87 19.96
N PRO B 55 3.74 -23.99 19.52
CA PRO B 55 5.14 -24.45 19.33
C PRO B 55 5.88 -24.68 20.63
N GLY B 56 5.60 -23.89 21.67
CA GLY B 56 6.30 -24.03 22.93
C GLY B 56 7.58 -23.23 23.06
N SER B 57 7.73 -22.16 22.29
CA SER B 57 8.92 -21.33 22.39
C SER B 57 8.89 -20.52 23.68
N THR B 58 10.00 -20.55 24.42
CA THR B 58 10.06 -19.93 25.74
C THR B 58 10.89 -18.66 25.69
N LYS B 59 10.62 -17.77 26.64
CA LYS B 59 11.28 -16.47 26.74
C LYS B 59 11.23 -16.05 28.20
N TYR B 60 12.40 -15.73 28.76
CA TYR B 60 12.52 -15.48 30.19
C TYR B 60 13.07 -14.09 30.46
N ALA B 61 12.60 -13.49 31.55
CA ALA B 61 13.09 -12.19 31.97
C ALA B 61 14.46 -12.31 32.60
N ASP B 62 15.23 -11.22 32.54
CA ASP B 62 16.59 -11.22 33.06
C ASP B 62 16.63 -11.33 34.59
N SER B 63 15.53 -11.07 35.27
CA SER B 63 15.51 -11.18 36.72
C SER B 63 15.46 -12.63 37.18
N VAL B 64 14.77 -13.48 36.43
CA VAL B 64 14.61 -14.89 36.77
C VAL B 64 15.34 -15.80 35.79
N LYS B 65 16.20 -15.23 34.94
CA LYS B 65 16.90 -16.02 33.93
C LYS B 65 17.78 -17.08 34.59
N GLY B 66 17.60 -18.33 34.16
CA GLY B 66 18.39 -19.43 34.66
C GLY B 66 17.80 -20.15 35.86
N ARG B 67 16.92 -19.50 36.62
CA ARG B 67 16.33 -20.09 37.81
C ARG B 67 14.90 -20.57 37.60
N VAL B 68 14.31 -20.31 36.43
CA VAL B 68 12.89 -20.53 36.21
C VAL B 68 12.70 -21.21 34.86
N ALA B 69 11.73 -22.13 34.80
CA ALA B 69 11.35 -22.81 33.57
C ALA B 69 9.83 -22.74 33.42
N ILE B 70 9.37 -22.28 32.26
CA ILE B 70 7.94 -22.21 31.95
C ILE B 70 7.62 -23.29 30.93
N SER B 71 6.49 -23.97 31.11
CA SER B 71 6.10 -25.05 30.23
C SER B 71 4.59 -25.15 30.21
N ARG B 72 4.07 -26.02 29.33
CA ARG B 72 2.64 -26.13 29.13
C ARG B 72 2.29 -27.58 28.79
N ASP B 73 1.03 -27.93 29.02
CA ASP B 73 0.46 -29.19 28.55
C ASP B 73 -0.84 -28.86 27.82
N ILE B 74 -0.84 -29.03 26.50
CA ILE B 74 -2.02 -28.70 25.71
C ILE B 74 -3.17 -29.64 26.03
N ALA B 75 -2.87 -30.93 26.21
CA ALA B 75 -3.92 -31.91 26.49
C ALA B 75 -4.62 -31.59 27.80
N LYS B 76 -3.85 -31.34 28.86
CA LYS B 76 -4.42 -31.04 30.17
C LYS B 76 -4.89 -29.60 30.30
N ASN B 77 -4.61 -28.75 29.32
CA ASN B 77 -4.94 -27.32 29.37
C ASN B 77 -4.41 -26.68 30.65
N THR B 78 -3.11 -26.79 30.83
CA THR B 78 -2.46 -26.34 32.05
C THR B 78 -1.13 -25.68 31.72
N LEU B 79 -0.87 -24.54 32.35
CA LEU B 79 0.38 -23.82 32.23
C LEU B 79 1.18 -23.98 33.52
N TYR B 80 2.48 -24.21 33.39
CA TYR B 80 3.34 -24.48 34.53
C TYR B 80 4.47 -23.45 34.61
N LEU B 81 4.91 -23.19 35.84
CA LEU B 81 6.05 -22.32 36.10
C LEU B 81 6.89 -22.95 37.21
N GLN B 82 8.03 -23.52 36.84
CA GLN B 82 8.95 -24.08 37.81
C GLN B 82 9.93 -23.00 38.26
N MET B 83 9.88 -22.66 39.54
CA MET B 83 10.77 -21.66 40.13
C MET B 83 11.74 -22.35 41.08
N ASN B 84 13.03 -22.29 40.76
CA ASN B 84 14.09 -22.88 41.57
C ASN B 84 14.97 -21.79 42.16
N ASN B 85 15.63 -22.13 43.27
CA ASN B 85 16.53 -21.22 43.97
C ASN B 85 15.82 -19.91 44.29
N LEU B 86 14.66 -20.02 44.93
CA LEU B 86 13.85 -18.85 45.24
C LEU B 86 14.58 -17.94 46.23
N LYS B 87 14.49 -16.64 45.98
CA LYS B 87 15.07 -15.61 46.82
C LYS B 87 13.98 -14.78 47.47
N PRO B 88 14.29 -14.05 48.55
CA PRO B 88 13.27 -13.19 49.17
C PRO B 88 12.75 -12.12 48.25
N GLU B 89 13.53 -11.68 47.26
CA GLU B 89 13.06 -10.67 46.33
C GLU B 89 12.01 -11.20 45.36
N ASP B 90 11.73 -12.50 45.38
CA ASP B 90 10.69 -13.11 44.56
C ASP B 90 9.32 -13.10 45.22
N THR B 91 9.19 -12.48 46.40
CA THR B 91 7.90 -12.39 47.07
C THR B 91 6.96 -11.49 46.28
N ALA B 92 5.91 -12.07 45.72
CA ALA B 92 4.95 -11.33 44.93
C ALA B 92 3.73 -12.21 44.69
N VAL B 93 2.67 -11.58 44.17
CA VAL B 93 1.51 -12.31 43.68
C VAL B 93 1.75 -12.65 42.22
N TYR B 94 1.65 -13.93 41.88
CA TYR B 94 1.98 -14.41 40.55
C TYR B 94 0.71 -14.70 39.75
N TYR B 95 0.62 -14.10 38.57
CA TYR B 95 -0.54 -14.25 37.69
C TYR B 95 -0.14 -15.00 36.43
N CYS B 96 -1.05 -15.81 35.91
CA CYS B 96 -0.92 -16.36 34.57
C CYS B 96 -1.86 -15.59 33.64
N ALA B 97 -1.36 -15.29 32.44
CA ALA B 97 -2.11 -14.49 31.48
C ALA B 97 -1.96 -15.07 30.09
N ALA B 98 -3.02 -14.96 29.29
CA ALA B 98 -3.03 -15.38 27.91
C ALA B 98 -3.24 -14.17 27.01
N CYS B 99 -2.91 -14.33 25.73
CA CYS B 99 -3.01 -13.25 24.77
C CYS B 99 -2.98 -13.84 23.36
N ALA B 100 -3.73 -13.22 22.46
CA ALA B 100 -3.88 -13.71 21.11
C ALA B 100 -2.90 -13.09 20.12
N TYR B 101 -2.04 -12.18 20.57
CA TYR B 101 -1.15 -11.44 19.69
C TYR B 101 0.28 -11.93 19.86
N GLY B 102 1.01 -12.02 18.75
CA GLY B 102 2.42 -12.37 18.82
C GLY B 102 3.26 -11.27 19.43
N THR B 103 2.85 -10.02 19.26
CA THR B 103 3.57 -8.90 19.87
C THR B 103 3.44 -8.91 21.39
N CYS B 104 2.46 -9.62 21.95
CA CYS B 104 2.47 -9.90 23.38
C CYS B 104 3.74 -10.64 23.79
N TYR B 105 4.17 -11.60 22.97
CA TYR B 105 5.35 -12.40 23.28
C TYR B 105 6.63 -11.68 22.85
N TYR B 106 6.67 -11.21 21.60
CA TYR B 106 7.88 -10.57 21.10
C TYR B 106 8.11 -9.22 21.79
N GLY B 107 7.14 -8.32 21.69
CA GLY B 107 7.27 -7.00 22.26
C GLY B 107 6.87 -6.94 23.73
N ASP B 108 6.04 -5.94 24.08
CA ASP B 108 5.55 -5.79 25.44
C ASP B 108 4.09 -5.34 25.43
N ARG B 109 3.30 -5.87 24.49
CA ARG B 109 1.87 -5.61 24.50
C ARG B 109 1.24 -6.29 25.71
N ALA B 110 0.29 -5.60 26.34
CA ALA B 110 -0.37 -6.14 27.52
C ALA B 110 -1.16 -7.38 27.17
N TYR B 111 -1.11 -8.37 28.05
CA TYR B 111 -1.89 -9.59 27.86
C TYR B 111 -3.36 -9.32 28.13
N GLU B 112 -4.22 -10.12 27.49
CA GLU B 112 -5.65 -9.84 27.46
C GLU B 112 -6.41 -10.52 28.60
N TYR B 113 -6.26 -11.83 28.75
CA TYR B 113 -6.94 -12.59 29.78
C TYR B 113 -6.04 -12.78 30.99
N TRP B 114 -6.63 -12.78 32.18
CA TRP B 114 -5.87 -12.83 33.42
C TRP B 114 -6.56 -13.74 34.42
N GLY B 115 -5.77 -14.24 35.37
CA GLY B 115 -6.27 -14.93 36.53
C GLY B 115 -6.10 -14.06 37.77
N GLN B 116 -6.77 -14.48 38.85
CA GLN B 116 -6.78 -13.67 40.06
C GLN B 116 -5.43 -13.67 40.79
N GLY B 117 -4.58 -14.65 40.54
CA GLY B 117 -3.24 -14.67 41.09
C GLY B 117 -3.10 -15.67 42.23
N THR B 118 -1.86 -15.80 42.69
CA THR B 118 -1.52 -16.67 43.81
C THR B 118 -0.32 -16.08 44.54
N GLN B 119 -0.38 -16.12 45.86
CA GLN B 119 0.66 -15.51 46.69
C GLN B 119 1.86 -16.45 46.82
N VAL B 120 3.06 -15.90 46.62
CA VAL B 120 4.32 -16.62 46.83
C VAL B 120 5.17 -15.76 47.75
N THR B 121 5.31 -16.20 49.00
CA THR B 121 6.11 -15.50 50.00
C THR B 121 7.32 -16.37 50.34
N VAL B 122 8.50 -15.92 49.96
CA VAL B 122 9.75 -16.62 50.22
C VAL B 122 10.48 -15.86 51.32
N SER B 123 10.65 -16.51 52.47
CA SER B 123 11.33 -15.90 53.60
C SER B 123 12.84 -16.01 53.44
#